data_8RXU
#
_entry.id   8RXU
#
_cell.length_a   114.200
_cell.length_b   64.800
_cell.length_c   114.200
_cell.angle_alpha   90.000
_cell.angle_beta   119.900
_cell.angle_gamma   90.000
#
_symmetry.space_group_name_H-M   'P 1 21 1'
#
loop_
_entity.id
_entity.type
_entity.pdbx_description
1 polymer 'Octaheme nitrite reductase'
2 non-polymer 'HEME C'
3 non-polymer 'CALCIUM ION'
4 non-polymer 'PHOSPHATE ION'
5 water water
#
_entity_poly.entity_id   1
_entity_poly.type   'polypeptide(L)'
_entity_poly.pdbx_seq_one_letter_code
;GRETCYACHTEVKSLKENSKHAAIACTVCHDKTKEHLEKGPDVKPVTKIDQAVCGSCHKNQYESFYAVHHDPTGARKEKG
IPAGRSPLQDKLLAGHGFTFEHAEPRGHAYMVVDQFAVDRFQGGRYQFKGGWKNYDKVGKTWDILEDRGPNAKLPETAMA
GNPTCIQCKSSDLILQWKHLGEKGGKFDRTSNVNDVVKAINNPVGCIHCHDPHGAQPRIVRDGLIAAIEKDPAKNIFAKN
GKTDLKVIDFRGFRKIGVMEKTDSRMMCAQCHVEYNCNPGTQRTDGKPVTFADARTNHFPLKNSLQLLEHYRSIDFFDFK
HAVTGAKLIKFQHPEAETYAGSAHDKAGVQCHQCHMPQVKGKDGKKYSTHGVVKPIQMVQESCISCHKDYTPNKAKFMIE
TIRNYTKGKMRKSEYWLAQLIDTFAVAQREGVSPTILDQARLKHEEAHALWEYWTAENSDGFHNPEQARQSLTGSISASK
AGVKLLNDAIMAVKQ
;
_entity_poly.pdbx_strand_id   AAA,MMM,YYY
#
loop_
_chem_comp.id
_chem_comp.type
_chem_comp.name
_chem_comp.formula
CA non-polymer 'CALCIUM ION' 'Ca 2'
HEC non-polymer 'HEME C' 'C34 H34 Fe N4 O4'
PO4 non-polymer 'PHOSPHATE ION' 'O4 P -3'
#
# COMPACT_ATOMS: atom_id res chain seq x y z
N GLY A 1 60.99 20.65 -3.82
CA GLY A 1 61.10 21.18 -2.44
C GLY A 1 59.75 21.21 -1.72
N ARG A 2 59.46 20.11 -1.00
CA ARG A 2 58.38 19.93 0.01
C ARG A 2 59.01 19.70 1.40
N GLU A 3 60.33 19.85 1.51
CA GLU A 3 61.13 19.34 2.65
C GLU A 3 61.03 20.30 3.85
N THR A 4 60.85 21.60 3.60
CA THR A 4 60.55 22.63 4.64
C THR A 4 59.30 22.21 5.42
N CYS A 5 58.21 21.99 4.66
CA CYS A 5 56.88 21.62 5.18
C CYS A 5 57.05 20.44 6.14
N TYR A 6 57.73 19.43 5.63
CA TYR A 6 57.92 18.11 6.27
C TYR A 6 58.62 18.29 7.62
N ALA A 7 59.53 19.27 7.75
CA ALA A 7 60.31 19.44 8.99
C ALA A 7 59.39 19.69 10.19
N CYS A 8 58.20 20.29 10.00
CA CYS A 8 57.25 20.57 11.13
C CYS A 8 55.95 19.76 10.95
N HIS A 9 55.88 18.92 9.91
CA HIS A 9 54.67 18.13 9.50
C HIS A 9 55.03 16.70 9.14
N THR A 10 55.49 15.96 10.13
CA THR A 10 56.24 14.68 9.96
C THR A 10 55.35 13.66 9.25
N GLU A 11 54.08 13.56 9.67
CA GLU A 11 53.13 12.45 9.41
C GLU A 11 52.53 12.56 8.02
N VAL A 12 52.58 13.76 7.43
CA VAL A 12 52.10 13.99 6.05
C VAL A 12 53.09 13.29 5.10
N LYS A 13 54.39 13.63 5.23
CA LYS A 13 55.51 12.96 4.51
C LYS A 13 55.27 11.45 4.51
N SER A 14 55.06 10.86 5.69
CA SER A 14 54.90 9.39 5.82
C SER A 14 53.68 8.91 5.02
N LEU A 15 52.65 9.74 4.81
CA LEU A 15 51.47 9.33 4.00
C LEU A 15 51.73 9.54 2.51
N LYS A 16 52.38 10.65 2.11
CA LYS A 16 52.47 11.09 0.70
C LYS A 16 53.66 10.40 0.00
N GLU A 17 54.82 10.36 0.67
CA GLU A 17 56.09 9.80 0.15
C GLU A 17 55.87 8.34 -0.31
N ASN A 18 56.11 8.08 -1.60
CA ASN A 18 56.11 6.73 -2.24
C ASN A 18 54.68 6.20 -2.45
N SER A 19 53.69 7.09 -2.41
CA SER A 19 52.26 6.87 -2.74
C SER A 19 51.94 7.18 -4.21
N LYS A 20 50.70 6.86 -4.62
CA LYS A 20 50.10 7.13 -5.96
C LYS A 20 49.91 8.65 -6.16
N HIS A 21 50.07 9.41 -5.08
CA HIS A 21 49.89 10.89 -5.01
C HIS A 21 51.24 11.61 -4.92
N ALA A 22 52.34 10.95 -4.49
CA ALA A 22 53.65 11.51 -4.04
C ALA A 22 54.00 12.83 -4.74
N ALA A 23 53.95 12.90 -6.08
CA ALA A 23 54.40 14.00 -6.96
C ALA A 23 53.51 15.26 -6.91
N ILE A 24 52.21 15.10 -6.72
CA ILE A 24 51.23 16.21 -6.51
C ILE A 24 51.84 17.23 -5.53
N ALA A 25 51.97 18.48 -5.93
CA ALA A 25 52.56 19.55 -5.10
C ALA A 25 51.52 20.00 -4.07
N CYS A 26 52.00 20.45 -2.92
CA CYS A 26 51.19 20.91 -1.76
C CYS A 26 50.22 21.98 -2.22
N THR A 27 50.66 22.79 -3.18
CA THR A 27 49.89 23.94 -3.70
C THR A 27 48.66 23.49 -4.53
N VAL A 28 48.49 22.20 -4.84
CA VAL A 28 47.24 21.72 -5.50
C VAL A 28 46.05 21.87 -4.52
N CYS A 29 46.30 21.81 -3.20
CA CYS A 29 45.26 21.61 -2.15
C CYS A 29 45.44 22.59 -0.99
N HIS A 30 46.49 23.42 -1.02
CA HIS A 30 46.83 24.38 0.06
C HIS A 30 47.23 25.70 -0.61
N ASP A 31 46.54 26.76 -0.26
CA ASP A 31 46.95 28.12 -0.66
C ASP A 31 47.52 28.78 0.59
N LYS A 32 48.13 29.96 0.44
CA LYS A 32 48.68 30.79 1.55
C LYS A 32 49.84 30.02 2.22
N THR A 33 50.61 29.27 1.43
CA THR A 33 51.80 28.51 1.91
C THR A 33 53.00 29.45 1.88
N LYS A 34 53.27 30.19 0.79
CA LYS A 34 54.39 31.17 0.78
C LYS A 34 54.16 32.12 1.98
N GLU A 35 52.93 32.53 2.22
CA GLU A 35 52.58 33.34 3.40
C GLU A 35 52.90 32.52 4.65
N HIS A 36 52.40 31.28 4.77
CA HIS A 36 52.72 30.34 5.88
C HIS A 36 54.23 30.28 6.08
N LEU A 37 55.03 30.14 5.01
CA LEU A 37 56.51 29.99 5.11
C LEU A 37 57.12 31.27 5.71
N GLU A 38 56.89 32.43 5.08
CA GLU A 38 57.43 33.76 5.50
C GLU A 38 56.90 34.11 6.88
N LYS A 39 55.59 34.39 6.97
CA LYS A 39 54.93 35.10 8.11
C LYS A 39 54.72 34.13 9.29
N GLY A 40 55.34 32.95 9.26
CA GLY A 40 55.43 32.04 10.42
C GLY A 40 54.34 30.97 10.42
N PRO A 41 54.06 30.34 11.59
CA PRO A 41 52.94 29.40 11.74
C PRO A 41 51.61 30.11 12.06
N ASP A 42 51.68 31.38 12.49
CA ASP A 42 50.51 32.23 12.86
C ASP A 42 49.59 32.36 11.64
N VAL A 43 50.16 32.37 10.44
CA VAL A 43 49.40 32.36 9.16
C VAL A 43 49.31 30.91 8.68
N LYS A 44 48.18 30.28 9.04
CA LYS A 44 47.74 28.93 8.60
C LYS A 44 47.34 29.00 7.13
N PRO A 45 47.81 28.07 6.26
CA PRO A 45 47.35 28.01 4.87
C PRO A 45 45.83 27.87 4.65
N VAL A 46 45.35 28.15 3.44
CA VAL A 46 43.97 27.81 2.98
C VAL A 46 44.06 26.39 2.40
N THR A 47 43.27 25.46 2.93
CA THR A 47 42.98 24.14 2.31
C THR A 47 41.47 24.06 2.13
N LYS A 48 41.00 24.20 0.88
CA LYS A 48 39.54 24.19 0.56
C LYS A 48 39.12 22.72 0.45
N ILE A 49 38.14 22.31 1.26
CA ILE A 49 37.56 20.93 1.23
C ILE A 49 36.63 20.88 0.01
N ASP A 50 37.04 20.19 -1.06
CA ASP A 50 36.52 20.48 -2.42
C ASP A 50 36.75 19.30 -3.36
N GLN A 51 35.66 18.64 -3.74
CA GLN A 51 35.65 17.44 -4.61
C GLN A 51 36.15 17.81 -6.02
N ALA A 52 35.99 19.06 -6.48
CA ALA A 52 36.48 19.58 -7.78
C ALA A 52 37.97 19.24 -8.00
N VAL A 53 38.78 19.38 -6.95
CA VAL A 53 40.26 19.18 -7.00
C VAL A 53 40.50 17.68 -7.14
N CYS A 54 39.87 16.87 -6.29
CA CYS A 54 39.99 15.39 -6.37
C CYS A 54 39.49 15.03 -7.77
N GLY A 55 38.38 15.66 -8.15
CA GLY A 55 37.75 15.59 -9.48
C GLY A 55 38.76 15.69 -10.60
N SER A 56 39.57 16.76 -10.60
CA SER A 56 40.47 17.15 -11.73
C SER A 56 41.24 15.94 -12.28
N CYS A 57 41.56 14.93 -11.46
CA CYS A 57 42.35 13.74 -11.88
C CYS A 57 41.60 12.44 -11.56
N HIS A 58 40.32 12.56 -11.21
CA HIS A 58 39.47 11.41 -10.81
C HIS A 58 38.09 11.76 -11.38
N LYS A 59 38.03 11.87 -12.69
CA LYS A 59 36.87 12.43 -13.43
C LYS A 59 35.62 11.62 -13.06
N ASN A 60 35.68 10.29 -13.25
CA ASN A 60 34.51 9.37 -13.27
C ASN A 60 33.96 9.15 -11.85
N GLN A 61 34.81 9.21 -10.82
CA GLN A 61 34.35 9.10 -9.42
C GLN A 61 33.57 10.38 -9.18
N TYR A 62 34.18 11.54 -9.40
CA TYR A 62 33.50 12.87 -9.29
C TYR A 62 32.18 12.89 -10.06
N GLU A 63 32.21 12.69 -11.38
CA GLU A 63 30.99 12.89 -12.22
C GLU A 63 29.87 11.95 -11.73
N SER A 64 30.19 10.71 -11.31
CA SER A 64 29.17 9.75 -10.83
C SER A 64 28.65 10.21 -9.47
N PHE A 65 29.45 10.92 -8.68
CA PHE A 65 28.99 11.35 -7.34
C PHE A 65 27.91 12.41 -7.50
N TYR A 66 28.20 13.38 -8.37
CA TYR A 66 27.34 14.54 -8.72
C TYR A 66 26.27 14.28 -9.78
N ALA A 67 26.19 13.11 -10.42
CA ALA A 67 25.28 12.85 -11.56
C ALA A 67 23.83 13.00 -11.08
N VAL A 68 23.05 13.82 -11.81
CA VAL A 68 21.58 13.99 -11.64
C VAL A 68 20.93 12.65 -11.97
N HIS A 69 20.02 12.21 -11.13
CA HIS A 69 19.15 11.05 -11.37
C HIS A 69 17.76 11.43 -10.90
N HIS A 70 16.75 11.03 -11.65
CA HIS A 70 15.33 11.22 -11.27
C HIS A 70 14.62 9.89 -11.12
N ASP A 71 14.33 9.55 -9.88
CA ASP A 71 13.43 8.42 -9.58
C ASP A 71 11.99 8.83 -9.92
N PRO A 72 11.28 8.08 -10.80
CA PRO A 72 9.91 8.42 -11.21
C PRO A 72 8.83 8.32 -10.12
N THR A 73 9.21 7.73 -8.99
CA THR A 73 8.43 7.60 -7.73
C THR A 73 8.74 8.80 -6.82
N GLY A 74 9.53 9.75 -7.31
CA GLY A 74 10.03 10.92 -6.57
C GLY A 74 10.75 10.58 -5.28
N ALA A 75 10.96 11.62 -4.52
CA ALA A 75 11.71 11.60 -3.26
C ALA A 75 10.82 12.14 -2.17
N ARG A 76 11.46 12.54 -1.08
CA ARG A 76 10.87 13.09 0.15
C ARG A 76 9.76 12.15 0.62
N LYS A 77 10.00 10.83 0.49
CA LYS A 77 9.06 9.73 0.80
C LYS A 77 9.00 9.59 2.32
N GLU A 78 8.04 10.25 2.94
CA GLU A 78 7.68 9.94 4.35
C GLU A 78 7.52 8.42 4.56
N LYS A 79 8.04 7.95 5.71
CA LYS A 79 8.12 6.54 6.08
C LYS A 79 6.84 6.17 6.88
N GLY A 80 6.26 7.17 7.54
CA GLY A 80 4.98 7.03 8.27
C GLY A 80 3.74 7.33 7.42
N ILE A 81 3.50 6.52 6.38
CA ILE A 81 2.28 6.43 5.56
C ILE A 81 1.92 4.94 5.48
N PRO A 82 0.64 4.59 5.21
CA PRO A 82 0.15 3.21 5.28
C PRO A 82 0.95 2.23 4.42
N ALA A 83 1.36 2.69 3.22
CA ALA A 83 2.08 1.86 2.20
C ALA A 83 3.61 1.79 2.45
N GLY A 84 4.10 2.57 3.43
CA GLY A 84 5.46 3.04 3.68
C GLY A 84 6.28 2.11 4.55
N ARG A 85 7.56 2.45 4.74
CA ARG A 85 8.56 1.64 5.48
C ARG A 85 8.16 1.51 6.96
N SER A 86 7.38 2.44 7.55
CA SER A 86 7.18 2.48 9.02
C SER A 86 5.80 3.06 9.30
N PRO A 87 4.74 2.28 8.94
CA PRO A 87 3.36 2.75 8.87
C PRO A 87 2.83 3.25 10.22
N LEU A 88 3.36 2.69 11.29
CA LEU A 88 2.89 3.00 12.67
C LEU A 88 3.90 3.95 13.34
N GLN A 89 4.74 4.62 12.55
CA GLN A 89 5.73 5.57 13.05
C GLN A 89 5.10 6.57 14.04
N ASP A 90 3.95 7.15 13.68
CA ASP A 90 3.40 8.31 14.41
C ASP A 90 2.97 7.82 15.80
N LYS A 91 2.47 6.60 15.89
CA LYS A 91 2.01 5.96 17.16
C LYS A 91 3.24 5.53 17.98
N LEU A 92 4.15 4.76 17.39
CA LEU A 92 5.24 4.07 18.13
C LEU A 92 6.36 5.02 18.52
N LEU A 93 6.61 6.12 17.78
CA LEU A 93 7.60 7.16 18.14
C LEU A 93 6.92 8.35 18.83
N ALA A 94 5.61 8.29 19.10
CA ALA A 94 4.87 9.37 19.81
C ALA A 94 5.79 9.97 20.86
N GLY A 95 6.04 11.27 20.79
CA GLY A 95 6.91 11.99 21.74
C GLY A 95 8.35 12.09 21.30
N HIS A 96 8.70 11.66 20.08
CA HIS A 96 10.04 11.87 19.48
C HIS A 96 9.92 12.80 18.28
N GLY A 97 10.97 13.58 18.01
CA GLY A 97 11.07 14.51 16.86
C GLY A 97 10.90 13.84 15.49
N PHE A 98 11.11 12.52 15.30
CA PHE A 98 10.90 11.90 13.95
C PHE A 98 9.43 11.99 13.52
N THR A 99 8.48 12.15 14.44
CA THR A 99 7.03 12.26 14.10
C THR A 99 6.81 13.53 13.25
N PHE A 100 7.73 14.49 13.22
CA PHE A 100 7.55 15.78 12.50
C PHE A 100 7.91 15.55 11.03
N GLU A 101 8.72 14.55 10.78
CA GLU A 101 9.14 14.15 9.43
C GLU A 101 10.38 13.26 9.47
N HIS A 102 10.32 12.21 8.68
CA HIS A 102 11.37 11.17 8.55
C HIS A 102 11.14 10.56 7.17
N ALA A 103 11.99 10.87 6.17
CA ALA A 103 11.79 10.39 4.79
C ALA A 103 12.88 9.35 4.53
N GLU A 104 12.64 8.51 3.53
CA GLU A 104 13.62 7.52 3.01
C GLU A 104 14.83 8.31 2.52
N PRO A 105 16.03 7.68 2.46
CA PRO A 105 17.25 8.32 1.95
C PRO A 105 17.15 8.48 0.44
N ARG A 106 17.74 9.56 -0.09
CA ARG A 106 18.10 9.66 -1.54
C ARG A 106 19.65 9.74 -1.72
N GLY A 107 20.12 10.23 -2.89
CA GLY A 107 21.56 10.34 -3.24
C GLY A 107 22.41 11.12 -2.22
N HIS A 108 23.65 10.69 -1.99
CA HIS A 108 24.68 11.37 -1.17
C HIS A 108 24.86 12.88 -1.44
N ALA A 109 24.86 13.24 -2.71
CA ALA A 109 24.97 14.65 -3.19
C ALA A 109 23.89 15.52 -2.53
N TYR A 110 22.76 14.93 -2.10
CA TYR A 110 21.62 15.63 -1.40
C TYR A 110 21.75 15.67 0.11
N MET A 111 22.83 15.16 0.70
CA MET A 111 22.77 14.82 2.15
C MET A 111 22.72 16.10 3.00
N VAL A 112 23.46 17.17 2.68
CA VAL A 112 23.52 18.36 3.57
C VAL A 112 22.17 19.05 3.48
N VAL A 113 21.68 19.22 2.25
CA VAL A 113 20.52 20.07 1.92
C VAL A 113 19.26 19.42 2.48
N ASP A 114 19.14 18.10 2.38
CA ASP A 114 18.04 17.35 3.02
C ASP A 114 18.18 17.35 4.55
N GLN A 115 19.38 17.25 5.09
CA GLN A 115 19.55 17.42 6.53
C GLN A 115 19.03 18.78 6.95
N PHE A 116 19.37 19.85 6.22
CA PHE A 116 19.05 21.21 6.76
C PHE A 116 17.59 21.57 6.45
N ALA A 117 16.92 21.02 5.40
CA ALA A 117 15.54 21.40 4.98
C ALA A 117 14.45 20.48 5.60
N VAL A 118 14.84 19.37 6.24
CA VAL A 118 13.83 18.44 6.79
C VAL A 118 13.13 19.20 7.94
N ASP A 119 11.83 18.92 8.08
CA ASP A 119 10.88 19.62 8.99
C ASP A 119 11.38 19.45 10.42
N ARG A 120 12.15 18.38 10.73
CA ARG A 120 12.60 18.04 12.11
C ARG A 120 13.92 18.75 12.46
N PHE A 121 14.58 19.47 11.52
CA PHE A 121 15.93 20.06 11.73
C PHE A 121 15.86 21.39 12.55
N GLN A 122 15.56 22.53 11.92
CA GLN A 122 15.61 23.88 12.54
C GLN A 122 14.33 24.70 12.23
N GLY A 123 13.15 24.16 12.58
CA GLY A 123 11.83 24.85 12.53
C GLY A 123 11.41 25.32 11.14
N GLY A 124 11.88 24.64 10.09
CA GLY A 124 11.61 24.99 8.70
C GLY A 124 12.36 26.23 8.25
N ARG A 125 13.45 26.61 8.94
CA ARG A 125 14.24 27.84 8.67
C ARG A 125 14.96 27.71 7.34
N TYR A 126 15.42 26.50 7.00
CA TYR A 126 16.15 26.23 5.72
C TYR A 126 15.15 25.60 4.72
N GLN A 127 15.12 26.11 3.47
CA GLN A 127 14.19 25.69 2.38
C GLN A 127 14.96 25.85 1.09
N PHE A 128 14.56 25.11 0.08
CA PHE A 128 15.10 25.17 -1.30
C PHE A 128 14.72 26.52 -1.90
N LYS A 129 15.74 27.22 -2.39
CA LYS A 129 15.58 28.46 -3.18
C LYS A 129 14.78 28.08 -4.44
N GLY A 130 13.60 28.69 -4.65
CA GLY A 130 12.69 28.35 -5.77
C GLY A 130 11.88 27.08 -5.55
N GLY A 131 11.94 26.50 -4.34
CA GLY A 131 11.04 25.45 -3.86
C GLY A 131 11.23 24.13 -4.57
N TRP A 132 10.14 23.41 -4.83
CA TRP A 132 10.11 22.03 -5.40
C TRP A 132 10.85 22.00 -6.75
N LYS A 133 10.79 23.06 -7.55
CA LYS A 133 11.41 22.95 -8.90
C LYS A 133 12.94 22.84 -8.86
N ASN A 134 13.58 23.11 -7.72
CA ASN A 134 15.05 23.05 -7.57
C ASN A 134 15.44 21.88 -6.67
N TYR A 135 14.50 20.96 -6.35
CA TYR A 135 14.67 19.93 -5.29
C TYR A 135 15.68 18.88 -5.76
N ASP A 136 15.90 18.77 -7.08
CA ASP A 136 16.90 17.82 -7.66
C ASP A 136 18.27 18.52 -7.87
N LYS A 137 18.47 19.75 -7.42
CA LYS A 137 19.73 20.49 -7.66
C LYS A 137 20.84 19.98 -6.73
N VAL A 138 22.06 19.89 -7.24
CA VAL A 138 23.24 19.44 -6.45
C VAL A 138 24.27 20.56 -6.49
N GLY A 139 25.28 20.36 -5.67
CA GLY A 139 26.46 21.22 -5.56
C GLY A 139 26.39 21.94 -4.23
N LYS A 140 26.57 23.25 -4.21
CA LYS A 140 26.98 23.99 -3.00
C LYS A 140 25.71 24.33 -2.22
N THR A 141 25.77 24.14 -0.91
CA THR A 141 24.61 24.15 0.02
C THR A 141 23.82 25.44 -0.11
N TRP A 142 24.53 26.57 -0.13
CA TRP A 142 23.97 27.94 -0.02
C TRP A 142 23.79 28.53 -1.41
N ASP A 143 24.13 27.72 -2.42
CA ASP A 143 23.60 27.86 -3.79
C ASP A 143 22.17 27.32 -3.89
N ILE A 144 21.81 26.29 -3.11
CA ILE A 144 20.56 25.47 -3.25
C ILE A 144 19.59 25.83 -2.12
N LEU A 145 20.09 26.25 -0.94
CA LEU A 145 19.26 26.54 0.25
C LEU A 145 19.28 28.03 0.56
N GLU A 146 18.15 28.52 1.04
CA GLU A 146 18.03 29.86 1.63
C GLU A 146 17.78 29.72 3.12
N ASP A 147 18.28 30.72 3.83
CA ASP A 147 18.07 30.93 5.26
C ASP A 147 16.91 31.91 5.38
N ARG A 148 15.78 31.46 5.92
CA ARG A 148 14.55 32.27 6.03
C ARG A 148 14.69 33.17 7.26
N GLY A 149 15.62 32.86 8.16
CA GLY A 149 15.98 33.69 9.31
C GLY A 149 15.70 32.98 10.63
N PRO A 150 16.27 33.49 11.75
CA PRO A 150 16.07 32.88 13.06
C PRO A 150 14.64 33.16 13.54
N ASN A 151 14.01 34.20 13.01
CA ASN A 151 12.79 34.74 13.66
C ASN A 151 11.58 33.99 13.10
N ALA A 152 11.69 33.56 11.84
CA ALA A 152 10.65 32.85 11.06
C ALA A 152 10.27 31.55 11.75
N LYS A 153 9.03 31.10 11.53
CA LYS A 153 8.42 29.89 12.09
C LYS A 153 7.89 29.08 10.90
N LEU A 154 7.80 27.75 11.01
CA LEU A 154 6.94 26.96 10.10
C LEU A 154 6.20 25.95 10.97
N PRO A 155 4.84 25.90 10.91
CA PRO A 155 4.04 25.02 11.75
C PRO A 155 4.39 23.53 11.61
N GLU A 156 4.26 22.80 12.71
CA GLU A 156 4.53 21.35 12.82
C GLU A 156 5.90 21.05 12.21
N THR A 157 6.91 21.61 12.87
CA THR A 157 8.36 21.37 12.65
C THR A 157 9.00 21.12 14.02
N ALA A 158 10.27 20.71 14.04
CA ALA A 158 11.06 20.44 15.25
C ALA A 158 12.45 21.03 15.12
N MET A 159 13.15 21.06 16.25
CA MET A 159 14.47 21.70 16.39
C MET A 159 15.50 20.64 16.81
N ALA A 160 15.56 19.50 16.10
CA ALA A 160 16.46 18.37 16.42
C ALA A 160 17.91 18.73 16.06
N GLY A 161 18.12 19.66 15.11
CA GLY A 161 19.46 20.01 14.59
C GLY A 161 20.50 20.29 15.67
N ASN A 162 21.74 19.87 15.46
CA ASN A 162 22.91 20.16 16.34
C ASN A 162 24.19 19.86 15.55
N PRO A 163 25.36 20.43 15.95
CA PRO A 163 26.56 20.44 15.10
C PRO A 163 27.05 19.02 14.78
N THR A 164 26.86 18.17 15.75
CA THR A 164 27.22 16.73 15.70
C THR A 164 26.48 16.07 14.52
N CYS A 165 25.23 16.47 14.20
CA CYS A 165 24.50 16.01 12.99
C CYS A 165 25.42 16.15 11.76
N ILE A 166 26.13 17.27 11.63
CA ILE A 166 26.92 17.66 10.43
C ILE A 166 28.10 16.69 10.24
N GLN A 167 28.53 15.99 11.27
CA GLN A 167 29.68 15.06 11.19
C GLN A 167 29.30 13.89 10.25
N CYS A 168 28.02 13.71 9.89
CA CYS A 168 27.57 12.56 9.05
C CYS A 168 26.92 13.02 7.75
N LYS A 169 27.26 14.25 7.33
CA LYS A 169 26.73 14.89 6.12
C LYS A 169 27.86 15.52 5.29
N SER A 170 29.05 15.70 5.88
CA SER A 170 30.11 16.56 5.30
C SER A 170 31.50 16.33 5.90
N SER A 171 32.54 16.61 5.12
CA SER A 171 33.96 16.61 5.54
C SER A 171 34.43 18.04 5.76
N ASP A 172 33.61 19.04 5.44
CA ASP A 172 34.09 20.43 5.33
C ASP A 172 34.74 20.87 6.66
N LEU A 173 34.47 20.22 7.80
CA LEU A 173 34.95 20.67 9.15
C LEU A 173 36.10 19.78 9.68
N ILE A 174 36.74 19.02 8.82
CA ILE A 174 37.86 18.10 9.16
C ILE A 174 39.08 18.86 9.72
N LEU A 175 39.25 20.17 9.46
CA LEU A 175 40.28 21.02 10.12
C LEU A 175 39.64 22.09 11.01
N GLN A 176 38.42 21.88 11.56
CA GLN A 176 37.70 22.94 12.30
C GLN A 176 37.00 22.41 13.57
N TRP A 177 37.18 21.12 13.95
CA TRP A 177 36.30 20.37 14.91
C TRP A 177 37.20 19.58 15.88
N LYS A 178 37.18 19.83 17.20
CA LYS A 178 38.05 19.02 18.10
C LYS A 178 37.66 17.54 17.88
N HIS A 179 38.54 16.61 18.23
CA HIS A 179 38.19 15.16 18.33
C HIS A 179 36.91 15.03 19.14
N LEU A 180 35.86 14.52 18.49
CA LEU A 180 34.57 14.12 19.14
C LEU A 180 33.70 15.35 19.40
N GLY A 181 34.07 16.52 18.88
CA GLY A 181 33.39 17.80 19.16
C GLY A 181 33.57 18.28 20.59
N GLU A 182 34.69 17.95 21.24
CA GLU A 182 35.02 18.60 22.53
C GLU A 182 35.49 20.04 22.23
N LYS A 183 35.50 20.93 23.23
CA LYS A 183 35.85 22.37 23.05
C LYS A 183 37.31 22.50 22.68
N GLY A 184 37.61 23.43 21.77
CA GLY A 184 38.94 23.75 21.26
C GLY A 184 38.88 24.38 19.87
N GLY A 185 38.09 23.80 18.96
CA GLY A 185 38.06 24.17 17.53
C GLY A 185 37.10 25.32 17.22
N LYS A 186 36.98 25.73 15.95
CA LYS A 186 36.05 26.81 15.54
C LYS A 186 34.62 26.32 15.79
N PHE A 187 34.43 25.00 15.68
CA PHE A 187 33.18 24.29 16.03
C PHE A 187 33.45 23.06 16.90
N ASP A 188 32.49 22.81 17.79
CA ASP A 188 32.44 21.80 18.88
C ASP A 188 30.95 21.44 19.10
N ARG A 189 30.65 20.51 20.00
CA ARG A 189 29.28 19.96 20.23
C ARG A 189 28.32 21.05 20.73
N THR A 190 28.79 21.98 21.58
CA THR A 190 28.01 23.07 22.24
C THR A 190 27.74 24.27 21.30
N SER A 191 28.28 24.27 20.08
CA SER A 191 28.05 25.40 19.13
C SER A 191 26.54 25.51 18.80
N ASN A 192 26.07 26.75 18.64
CA ASN A 192 24.85 27.09 17.88
C ASN A 192 24.85 26.39 16.51
N VAL A 193 23.95 25.43 16.25
CA VAL A 193 23.85 24.68 14.97
C VAL A 193 23.80 25.68 13.79
N ASN A 194 23.14 26.85 13.93
CA ASN A 194 22.97 27.78 12.78
C ASN A 194 24.27 28.50 12.39
N ASP A 195 25.23 28.67 13.30
CA ASP A 195 26.61 29.12 12.97
C ASP A 195 27.31 28.03 12.13
N VAL A 196 27.14 26.76 12.51
CA VAL A 196 27.85 25.62 11.88
C VAL A 196 27.35 25.43 10.43
N VAL A 197 26.04 25.51 10.19
CA VAL A 197 25.45 25.21 8.84
C VAL A 197 26.07 26.21 7.84
N LYS A 198 26.47 27.43 8.29
CA LYS A 198 27.06 28.47 7.39
C LYS A 198 28.33 27.94 6.70
N ALA A 199 29.12 27.13 7.40
CA ALA A 199 30.44 26.60 6.99
C ALA A 199 30.30 25.41 6.02
N ILE A 200 29.11 24.84 5.82
CA ILE A 200 28.93 23.56 5.05
C ILE A 200 28.37 23.83 3.65
N ASN A 201 29.27 23.90 2.68
CA ASN A 201 28.96 24.08 1.23
C ASN A 201 28.89 22.73 0.51
N ASN A 202 29.39 21.67 1.15
CA ASN A 202 29.62 20.39 0.44
C ASN A 202 29.11 19.19 1.25
N PRO A 203 28.59 18.14 0.56
CA PRO A 203 28.32 16.84 1.19
C PRO A 203 29.63 16.07 1.39
N VAL A 204 29.53 14.91 2.07
CA VAL A 204 30.69 13.99 2.27
C VAL A 204 31.74 14.20 1.15
N GLY A 205 32.90 14.74 1.50
CA GLY A 205 34.02 14.98 0.57
C GLY A 205 34.75 13.71 0.20
N CYS A 206 35.52 13.74 -0.89
CA CYS A 206 36.38 12.59 -1.31
C CYS A 206 37.29 12.14 -0.14
N ILE A 207 37.76 13.10 0.65
CA ILE A 207 38.65 12.89 1.83
C ILE A 207 37.91 12.14 2.93
N HIS A 208 36.64 11.78 2.76
CA HIS A 208 35.97 11.03 3.82
C HIS A 208 36.52 9.61 3.90
N CYS A 209 37.02 9.11 2.79
CA CYS A 209 37.34 7.67 2.62
C CYS A 209 38.72 7.51 1.96
N HIS A 210 39.22 8.53 1.24
CA HIS A 210 40.55 8.50 0.57
C HIS A 210 41.47 9.60 1.14
N ASP A 211 42.59 9.17 1.73
CA ASP A 211 43.63 10.11 2.23
C ASP A 211 44.02 11.07 1.12
N PRO A 212 43.89 12.39 1.33
CA PRO A 212 44.38 13.38 0.36
C PRO A 212 45.91 13.21 0.13
N HIS A 213 46.71 13.00 1.19
CA HIS A 213 48.21 12.99 1.16
C HIS A 213 48.75 11.76 0.40
N GLY A 214 48.39 10.55 0.81
CA GLY A 214 48.91 9.35 0.12
C GLY A 214 47.84 8.42 -0.42
N ALA A 215 46.57 8.86 -0.45
CA ALA A 215 45.41 8.20 -1.12
C ALA A 215 45.08 6.85 -0.47
N GLN A 216 45.48 6.65 0.79
CA GLN A 216 45.19 5.44 1.60
C GLN A 216 43.71 5.39 1.98
N PRO A 217 43.11 4.18 2.03
CA PRO A 217 41.71 4.07 2.40
C PRO A 217 41.73 4.45 3.88
N ARG A 218 40.79 5.28 4.29
CA ARG A 218 40.74 5.67 5.71
C ARG A 218 39.31 5.96 6.11
N ILE A 219 39.15 6.19 7.40
CA ILE A 219 38.01 6.94 7.96
C ILE A 219 38.52 8.20 8.63
N VAL A 220 37.70 9.26 8.51
CA VAL A 220 37.94 10.55 9.18
C VAL A 220 36.93 10.76 10.30
N ARG A 221 35.98 9.84 10.53
CA ARG A 221 34.81 10.06 11.44
C ARG A 221 35.24 9.74 12.87
N ASP A 222 35.29 10.81 13.63
CA ASP A 222 35.87 10.86 14.98
C ASP A 222 35.30 9.74 15.84
N GLY A 223 33.97 9.71 15.99
CA GLY A 223 33.19 8.82 16.88
C GLY A 223 33.23 7.36 16.45
N LEU A 224 33.51 7.06 15.18
CA LEU A 224 33.76 5.67 14.76
C LEU A 224 35.15 5.23 15.21
N ILE A 225 36.21 5.95 14.77
CA ILE A 225 37.62 5.78 15.24
C ILE A 225 37.62 5.51 16.75
N ALA A 226 36.98 6.38 17.55
CA ALA A 226 36.81 6.25 19.02
C ALA A 226 36.15 4.91 19.40
N ALA A 227 35.08 4.49 18.71
CA ALA A 227 34.34 3.22 18.99
C ALA A 227 35.31 2.03 18.92
N ILE A 228 36.18 2.06 17.92
CA ILE A 228 37.11 0.96 17.58
C ILE A 228 38.24 0.93 18.62
N GLU A 229 38.93 2.06 18.75
CA GLU A 229 40.06 2.28 19.68
C GLU A 229 39.67 1.71 21.03
N LYS A 230 38.39 1.83 21.38
CA LYS A 230 37.76 1.43 22.67
C LYS A 230 37.62 -0.09 22.74
N ASP A 231 37.26 -0.73 21.64
CA ASP A 231 36.97 -2.19 21.63
C ASP A 231 37.74 -2.78 20.46
N PRO A 232 39.10 -2.64 20.43
CA PRO A 232 39.89 -2.93 19.24
C PRO A 232 40.01 -4.41 18.84
N ALA A 233 39.83 -5.31 19.81
CA ALA A 233 39.88 -6.77 19.56
C ALA A 233 38.49 -7.36 19.20
N LYS A 234 37.38 -6.83 19.73
CA LYS A 234 36.03 -7.48 19.60
C LYS A 234 35.03 -6.58 18.82
N ASN A 235 35.41 -5.39 18.33
CA ASN A 235 34.44 -4.58 17.53
C ASN A 235 34.08 -5.32 16.23
N ILE A 236 33.06 -4.86 15.50
CA ILE A 236 32.50 -5.57 14.32
C ILE A 236 33.52 -5.69 13.17
N PHE A 237 34.52 -4.81 13.03
CA PHE A 237 35.39 -4.82 11.83
C PHE A 237 36.60 -5.73 12.12
N ALA A 238 36.83 -6.08 13.39
CA ALA A 238 37.97 -6.92 13.82
C ALA A 238 37.93 -8.28 13.12
N LYS A 239 39.11 -8.79 12.78
CA LYS A 239 39.44 -10.23 12.67
C LYS A 239 40.61 -10.53 13.63
N ASN A 240 40.84 -11.79 13.96
CA ASN A 240 42.14 -12.21 14.57
C ASN A 240 42.42 -11.37 15.83
N GLY A 241 41.38 -10.77 16.43
CA GLY A 241 41.51 -9.90 17.62
C GLY A 241 42.37 -8.69 17.32
N LYS A 242 42.22 -8.14 16.11
CA LYS A 242 42.82 -6.86 15.66
C LYS A 242 41.96 -6.26 14.55
N THR A 243 41.72 -4.96 14.65
CA THR A 243 41.09 -4.15 13.57
C THR A 243 42.16 -3.70 12.57
N ASP A 244 41.85 -3.63 11.27
CA ASP A 244 42.81 -3.07 10.27
C ASP A 244 42.71 -1.53 10.26
N LEU A 245 43.61 -0.83 10.93
CA LEU A 245 43.50 0.64 11.22
C LEU A 245 44.58 1.06 12.22
N LYS A 246 45.51 1.91 11.75
CA LYS A 246 46.41 2.69 12.64
C LYS A 246 45.73 4.04 12.82
N VAL A 247 45.53 4.45 14.07
CA VAL A 247 45.01 5.81 14.42
C VAL A 247 46.21 6.76 14.41
N ILE A 248 46.13 7.84 13.63
CA ILE A 248 47.12 8.96 13.59
C ILE A 248 46.45 10.19 14.22
N ASP A 249 46.95 10.68 15.38
CA ASP A 249 46.34 11.76 16.23
C ASP A 249 47.10 13.07 15.99
N PHE A 250 46.71 13.85 14.97
CA PHE A 250 47.48 15.04 14.51
C PHE A 250 47.32 16.11 15.58
N ARG A 251 48.45 16.61 16.11
CA ARG A 251 48.52 17.67 17.15
C ARG A 251 47.70 17.34 18.40
N GLY A 252 47.33 16.08 18.67
CA GLY A 252 46.39 15.80 19.78
C GLY A 252 45.05 16.51 19.58
N PHE A 253 44.64 16.76 18.33
CA PHE A 253 43.49 17.62 17.98
C PHE A 253 42.47 16.88 17.11
N ARG A 254 43.00 16.12 16.13
CA ARG A 254 42.19 15.42 15.11
C ARG A 254 42.85 14.08 14.78
N LYS A 255 42.06 13.02 14.92
CA LYS A 255 42.46 11.65 14.60
C LYS A 255 41.92 11.29 13.21
N ILE A 256 42.67 10.47 12.50
CA ILE A 256 42.16 9.66 11.37
C ILE A 256 42.61 8.21 11.62
N GLY A 257 42.03 7.24 10.92
CA GLY A 257 42.52 5.86 10.83
C GLY A 257 42.77 5.45 9.39
N VAL A 258 43.97 4.96 9.07
CA VAL A 258 44.34 4.57 7.68
C VAL A 258 44.23 3.04 7.53
N MET A 259 43.81 2.57 6.36
CA MET A 259 43.54 1.14 6.08
C MET A 259 44.68 0.57 5.25
N GLU A 260 45.10 -0.65 5.59
CA GLU A 260 46.05 -1.37 4.71
C GLU A 260 45.29 -1.76 3.45
N LYS A 261 44.03 -2.20 3.58
CA LYS A 261 43.19 -2.66 2.45
C LYS A 261 41.81 -1.99 2.54
N THR A 262 41.16 -1.84 1.40
CA THR A 262 39.81 -1.25 1.33
C THR A 262 38.89 -2.08 2.23
N ASP A 263 38.37 -1.47 3.30
CA ASP A 263 37.24 -2.02 4.07
C ASP A 263 36.13 -0.97 4.12
N SER A 264 35.20 -1.06 3.15
CA SER A 264 33.99 -0.19 2.98
C SER A 264 32.96 -0.38 4.11
N ARG A 265 32.90 -1.54 4.78
CA ARG A 265 32.11 -1.70 6.04
C ARG A 265 32.52 -0.56 7.00
N MET A 266 33.82 -0.38 7.25
CA MET A 266 34.36 0.74 8.08
C MET A 266 34.03 2.08 7.43
N MET A 267 34.33 2.28 6.16
CA MET A 267 34.25 3.64 5.54
C MET A 267 32.78 4.08 5.56
N CYS A 268 31.89 3.28 4.97
CA CYS A 268 30.42 3.46 4.95
C CYS A 268 29.89 3.58 6.41
N ALA A 269 30.51 2.80 7.30
CA ALA A 269 30.28 2.82 8.76
C ALA A 269 30.47 4.21 9.37
N GLN A 270 31.09 5.16 8.66
CA GLN A 270 31.27 6.52 9.25
C GLN A 270 29.91 7.20 9.44
N CYS A 271 28.87 6.74 8.75
CA CYS A 271 27.49 7.27 8.77
C CYS A 271 26.42 6.19 8.88
N HIS A 272 26.56 5.04 8.21
CA HIS A 272 25.50 3.99 8.16
C HIS A 272 25.55 3.09 9.39
N VAL A 273 25.31 3.69 10.56
CA VAL A 273 25.38 3.06 11.91
C VAL A 273 24.32 3.69 12.83
N GLU A 274 23.94 2.98 13.88
CA GLU A 274 23.30 3.58 15.06
C GLU A 274 24.30 4.47 15.82
N TYR A 275 23.77 5.55 16.39
CA TYR A 275 24.63 6.53 17.06
C TYR A 275 23.80 7.14 18.16
N ASN A 276 24.50 7.93 18.95
CA ASN A 276 23.91 8.96 19.79
C ASN A 276 24.61 10.26 19.45
N CYS A 277 23.83 11.28 19.20
CA CYS A 277 24.34 12.56 18.67
C CYS A 277 23.38 13.68 19.03
N ASN A 278 22.75 13.53 20.19
CA ASN A 278 21.53 14.21 20.67
C ASN A 278 21.59 14.21 22.18
N PRO A 279 21.12 15.26 22.89
CA PRO A 279 20.79 15.10 24.29
C PRO A 279 19.89 13.88 24.54
N GLY A 280 20.08 13.26 25.69
CA GLY A 280 19.06 12.37 26.25
C GLY A 280 19.10 12.41 27.76
N THR A 281 18.69 11.31 28.38
CA THR A 281 18.39 11.23 29.83
C THR A 281 19.06 10.00 30.44
N GLN A 282 19.77 10.14 31.55
CA GLN A 282 20.37 8.95 32.23
C GLN A 282 19.22 8.07 32.74
N ARG A 283 19.39 6.75 32.73
CA ARG A 283 18.37 5.81 33.27
C ARG A 283 18.45 5.82 34.80
N THR A 284 19.67 5.79 35.36
CA THR A 284 19.90 5.60 36.82
C THR A 284 19.26 6.76 37.56
N ASP A 285 19.55 8.02 37.19
CA ASP A 285 19.08 9.20 37.99
C ASP A 285 17.99 10.00 37.24
N GLY A 286 17.81 9.84 35.94
CA GLY A 286 16.79 10.62 35.20
C GLY A 286 17.27 12.03 34.92
N LYS A 287 18.58 12.27 35.03
CA LYS A 287 19.25 13.58 34.78
C LYS A 287 19.63 13.74 33.31
N PRO A 288 19.48 14.97 32.75
CA PRO A 288 19.93 15.27 31.39
C PRO A 288 21.37 14.86 31.06
N VAL A 289 21.60 14.37 29.82
CA VAL A 289 22.91 14.16 29.14
C VAL A 289 22.97 15.16 27.99
N THR A 290 23.64 16.30 28.17
CA THR A 290 23.71 17.48 27.26
C THR A 290 24.96 17.33 26.40
N PHE A 291 25.26 18.29 25.50
CA PHE A 291 26.45 18.26 24.63
C PHE A 291 27.78 18.23 25.41
N ALA A 292 27.81 18.62 26.70
CA ALA A 292 28.99 18.46 27.59
C ALA A 292 29.38 16.98 27.67
N ASP A 293 28.39 16.08 27.63
CA ASP A 293 28.64 14.63 27.78
C ASP A 293 29.00 14.01 26.43
N ALA A 294 30.10 13.27 26.40
CA ALA A 294 30.66 12.61 25.20
C ALA A 294 29.74 11.49 24.71
N ARG A 295 28.71 11.14 25.48
CA ARG A 295 27.63 10.18 25.09
C ARG A 295 26.71 10.81 24.03
N THR A 296 26.76 12.14 23.84
CA THR A 296 26.03 12.85 22.74
C THR A 296 26.85 12.80 21.45
N ASN A 297 28.00 12.18 21.44
CA ASN A 297 28.67 11.88 20.16
C ASN A 297 29.34 10.53 20.30
N HIS A 298 28.62 9.47 19.89
CA HIS A 298 28.79 8.10 20.44
C HIS A 298 28.34 7.03 19.41
N PHE A 299 29.22 6.07 19.10
CA PHE A 299 28.93 4.95 18.16
C PHE A 299 29.01 3.67 18.98
N PRO A 300 27.90 2.99 19.30
CA PRO A 300 27.94 1.71 20.03
C PRO A 300 28.62 0.58 19.22
N LEU A 301 28.36 0.53 17.90
CA LEU A 301 28.73 -0.61 17.02
C LEU A 301 28.18 -1.93 17.58
N LYS A 302 26.87 -1.99 17.81
CA LYS A 302 26.12 -3.15 18.33
C LYS A 302 24.89 -3.38 17.45
N ASN A 303 24.53 -4.65 17.24
CA ASN A 303 23.37 -5.11 16.43
C ASN A 303 22.11 -5.11 17.31
N SER A 304 20.96 -5.47 16.71
CA SER A 304 19.61 -5.36 17.32
C SER A 304 19.62 -6.09 18.66
N LEU A 305 20.42 -7.15 18.77
CA LEU A 305 20.39 -8.08 19.91
C LEU A 305 21.33 -7.62 21.03
N GLN A 306 21.97 -6.46 20.91
CA GLN A 306 22.98 -5.99 21.91
C GLN A 306 22.68 -4.55 22.35
N LEU A 307 21.85 -3.82 21.60
CA LEU A 307 21.73 -2.36 21.81
C LEU A 307 21.02 -2.10 23.13
N LEU A 308 20.02 -2.91 23.47
CA LEU A 308 19.23 -2.64 24.69
C LEU A 308 20.17 -2.63 25.90
N GLU A 309 20.99 -3.67 26.02
CA GLU A 309 22.01 -3.84 27.09
C GLU A 309 22.95 -2.63 27.10
N HIS A 310 23.43 -2.26 25.91
CA HIS A 310 24.50 -1.27 25.67
C HIS A 310 24.10 0.09 26.25
N TYR A 311 22.86 0.51 25.99
CA TYR A 311 22.34 1.84 26.38
C TYR A 311 22.01 1.83 27.88
N ARG A 312 21.48 0.72 28.40
CA ARG A 312 21.38 0.49 29.86
C ARG A 312 22.78 0.63 30.51
N SER A 313 23.81 0.05 29.90
CA SER A 313 25.19 -0.08 30.45
C SER A 313 25.90 1.29 30.50
N ILE A 314 25.73 2.13 29.45
CA ILE A 314 26.26 3.53 29.46
C ILE A 314 25.24 4.49 30.09
N ASP A 315 24.11 3.97 30.59
CA ASP A 315 23.15 4.70 31.45
C ASP A 315 22.50 5.83 30.64
N PHE A 316 21.70 5.49 29.63
CA PHE A 316 21.17 6.49 28.68
C PHE A 316 19.99 5.94 27.87
N PHE A 317 18.99 6.81 27.64
CA PHE A 317 17.88 6.62 26.69
C PHE A 317 17.51 7.98 26.07
N ASP A 318 16.97 7.93 24.87
CA ASP A 318 16.70 9.14 24.04
C ASP A 318 15.46 9.85 24.57
N PHE A 319 14.32 9.13 24.64
CA PHE A 319 12.95 9.68 24.90
C PHE A 319 12.01 8.72 25.65
N LYS A 320 11.05 9.32 26.37
CA LYS A 320 9.85 8.64 26.89
C LYS A 320 8.72 8.57 25.86
N HIS A 321 8.20 7.36 25.65
CA HIS A 321 7.01 7.17 24.79
C HIS A 321 5.91 8.02 25.38
N ALA A 322 5.26 8.83 24.55
CA ALA A 322 4.22 9.79 24.98
C ALA A 322 3.13 9.10 25.82
N VAL A 323 2.88 7.79 25.65
CA VAL A 323 1.72 7.08 26.27
C VAL A 323 2.21 6.22 27.44
N THR A 324 3.27 5.44 27.25
CA THR A 324 3.68 4.38 28.19
C THR A 324 4.74 4.91 29.16
N GLY A 325 5.41 6.03 28.82
CA GLY A 325 6.59 6.59 29.54
C GLY A 325 7.75 5.60 29.65
N ALA A 326 7.78 4.61 28.75
CA ALA A 326 8.89 3.65 28.54
C ALA A 326 10.14 4.43 28.17
N LYS A 327 11.28 3.94 28.65
CA LYS A 327 12.55 4.71 28.59
C LYS A 327 13.27 4.27 27.31
N LEU A 328 12.83 4.86 26.20
CA LEU A 328 13.01 4.26 24.86
C LEU A 328 14.33 4.70 24.26
N ILE A 329 14.93 3.77 23.53
CA ILE A 329 16.07 4.00 22.62
C ILE A 329 15.54 4.42 21.25
N LYS A 330 16.11 5.50 20.72
CA LYS A 330 15.95 5.92 19.31
C LYS A 330 17.10 5.31 18.51
N PHE A 331 16.74 4.47 17.54
CA PHE A 331 17.59 3.83 16.53
C PHE A 331 17.64 4.63 15.24
N GLN A 332 18.82 4.67 14.64
CA GLN A 332 19.02 5.23 13.30
C GLN A 332 19.89 4.33 12.44
N HIS A 333 19.35 3.91 11.29
CA HIS A 333 20.10 3.32 10.15
C HIS A 333 21.31 2.51 10.62
N PRO A 334 21.10 1.42 11.43
CA PRO A 334 22.18 0.54 11.90
C PRO A 334 22.66 -0.48 10.86
N GLU A 335 23.12 0.04 9.73
CA GLU A 335 23.43 -0.77 8.53
C GLU A 335 24.70 -1.62 8.76
N ALA A 336 25.86 -1.06 9.09
CA ALA A 336 27.11 -1.87 9.14
C ALA A 336 27.05 -2.89 10.29
N GLU A 337 26.37 -2.55 11.38
CA GLU A 337 26.16 -3.47 12.55
C GLU A 337 25.13 -4.56 12.22
N THR A 338 24.23 -4.26 11.28
CA THR A 338 23.21 -5.22 10.82
C THR A 338 23.97 -6.25 10.01
N TYR A 339 24.72 -5.72 9.04
CA TYR A 339 25.56 -6.44 8.06
C TYR A 339 26.63 -7.32 8.75
N ALA A 340 27.12 -6.87 9.90
CA ALA A 340 28.24 -7.60 10.56
C ALA A 340 27.80 -9.06 10.76
N GLY A 341 28.72 -9.99 10.44
CA GLY A 341 28.53 -11.44 10.47
C GLY A 341 27.29 -11.92 9.73
N SER A 342 26.92 -11.31 8.60
CA SER A 342 25.85 -11.85 7.72
C SER A 342 26.54 -12.81 6.74
N ALA A 343 25.72 -13.59 6.03
CA ALA A 343 26.19 -14.51 4.96
C ALA A 343 27.13 -13.74 4.02
N HIS A 344 26.78 -12.52 3.61
CA HIS A 344 27.67 -11.77 2.69
C HIS A 344 28.96 -11.35 3.44
N ASP A 345 28.88 -10.92 4.71
CA ASP A 345 30.00 -10.41 5.54
C ASP A 345 31.05 -11.50 5.70
N LYS A 346 30.56 -12.68 6.05
CA LYS A 346 31.36 -13.86 6.45
C LYS A 346 32.08 -14.37 5.19
N ALA A 347 31.43 -14.21 4.03
CA ALA A 347 31.98 -14.48 2.66
C ALA A 347 32.93 -13.37 2.19
N GLY A 348 33.30 -12.43 3.07
CA GLY A 348 34.15 -11.25 2.80
C GLY A 348 33.58 -10.22 1.83
N VAL A 349 32.27 -10.22 1.55
CA VAL A 349 31.69 -9.21 0.60
C VAL A 349 31.70 -7.90 1.37
N GLN A 350 31.88 -6.76 0.69
CA GLN A 350 31.87 -5.43 1.34
C GLN A 350 30.73 -4.56 0.75
N CYS A 351 30.23 -3.58 1.51
CA CYS A 351 29.11 -2.69 1.10
C CYS A 351 29.34 -2.26 -0.36
N HIS A 352 30.53 -1.76 -0.65
CA HIS A 352 30.88 -1.16 -1.98
C HIS A 352 30.65 -2.18 -3.10
N GLN A 353 30.77 -3.48 -2.82
CA GLN A 353 30.64 -4.48 -3.92
C GLN A 353 29.19 -4.45 -4.44
N CYS A 354 28.18 -4.19 -3.57
CA CYS A 354 26.76 -4.19 -3.93
C CYS A 354 26.33 -2.78 -4.33
N HIS A 355 26.92 -1.76 -3.71
CA HIS A 355 26.36 -0.37 -3.68
C HIS A 355 27.22 0.55 -4.58
N MET A 356 28.50 0.22 -4.79
CA MET A 356 29.36 0.95 -5.76
C MET A 356 29.88 -0.06 -6.79
N PRO A 357 28.99 -0.75 -7.52
CA PRO A 357 29.38 -1.74 -8.51
C PRO A 357 30.27 -1.11 -9.60
N GLN A 358 31.11 -1.95 -10.22
CA GLN A 358 31.95 -1.55 -11.37
C GLN A 358 31.03 -1.14 -12.52
N VAL A 359 31.28 0.03 -13.10
CA VAL A 359 30.64 0.49 -14.36
C VAL A 359 31.81 1.04 -15.18
N LYS A 360 31.62 1.52 -16.41
CA LYS A 360 32.77 2.13 -17.11
C LYS A 360 32.40 3.49 -17.72
N GLY A 361 33.39 4.38 -17.79
CA GLY A 361 33.27 5.75 -18.34
C GLY A 361 33.12 5.73 -19.85
N LYS A 362 32.93 6.91 -20.46
CA LYS A 362 32.63 7.04 -21.91
C LYS A 362 33.92 6.77 -22.68
N ASP A 363 35.00 7.45 -22.26
CA ASP A 363 36.41 7.24 -22.67
C ASP A 363 36.77 5.75 -22.54
N GLY A 364 36.10 5.02 -21.64
CA GLY A 364 36.04 3.55 -21.61
C GLY A 364 36.90 2.95 -20.51
N LYS A 365 37.02 3.65 -19.37
CA LYS A 365 37.82 3.22 -18.19
C LYS A 365 36.87 2.71 -17.09
N LYS A 366 37.17 1.54 -16.54
CA LYS A 366 36.36 0.87 -15.49
C LYS A 366 36.56 1.57 -14.16
N TYR A 367 35.46 1.76 -13.42
CA TYR A 367 35.50 2.32 -12.05
C TYR A 367 34.26 1.89 -11.24
N SER A 368 34.41 2.02 -9.91
CA SER A 368 33.37 1.89 -8.85
C SER A 368 32.51 3.14 -8.92
N THR A 369 31.19 3.00 -9.14
CA THR A 369 30.29 4.18 -9.26
C THR A 369 30.24 4.84 -7.89
N HIS A 370 30.36 6.16 -7.86
CA HIS A 370 30.29 6.93 -6.59
C HIS A 370 28.89 7.57 -6.49
N GLY A 371 28.01 7.33 -7.47
CA GLY A 371 26.56 7.51 -7.31
C GLY A 371 26.03 6.23 -6.67
N VAL A 372 25.99 6.16 -5.34
CA VAL A 372 25.74 4.87 -4.59
C VAL A 372 24.39 4.29 -5.01
N VAL A 373 24.37 2.98 -5.21
CA VAL A 373 23.33 2.30 -6.01
C VAL A 373 22.38 1.55 -5.09
N LYS A 374 21.13 1.45 -5.51
CA LYS A 374 20.07 0.68 -4.81
C LYS A 374 20.01 -0.64 -5.55
N PRO A 375 20.54 -1.76 -4.99
CA PRO A 375 20.72 -3.00 -5.78
C PRO A 375 19.52 -3.47 -6.63
N ILE A 376 18.30 -3.51 -6.07
CA ILE A 376 17.03 -3.84 -6.80
C ILE A 376 16.93 -3.01 -8.11
N GLN A 377 17.55 -1.81 -8.21
CA GLN A 377 17.36 -0.90 -9.39
C GLN A 377 18.40 -1.25 -10.46
N MET A 378 19.41 -2.05 -10.09
CA MET A 378 20.66 -2.25 -10.86
C MET A 378 21.23 -3.63 -10.52
N VAL A 379 20.41 -4.70 -10.53
CA VAL A 379 20.89 -6.04 -10.09
C VAL A 379 21.92 -6.55 -11.08
N GLN A 380 21.86 -6.12 -12.34
CA GLN A 380 22.87 -6.53 -13.33
C GLN A 380 24.27 -6.50 -12.68
N GLU A 381 24.72 -5.39 -12.07
CA GLU A 381 26.11 -5.31 -11.56
C GLU A 381 26.22 -5.11 -10.04
N SER A 382 25.11 -4.95 -9.30
CA SER A 382 25.13 -5.01 -7.82
C SER A 382 25.07 -6.49 -7.38
N CYS A 383 24.57 -7.39 -8.25
CA CYS A 383 24.31 -8.82 -7.89
C CYS A 383 24.86 -9.80 -8.93
N ILE A 384 24.34 -9.75 -10.15
CA ILE A 384 24.58 -10.82 -11.16
C ILE A 384 26.09 -10.85 -11.46
N SER A 385 26.76 -9.67 -11.46
CA SER A 385 28.23 -9.46 -11.58
C SER A 385 29.05 -10.45 -10.76
N CYS A 386 28.58 -10.81 -9.57
CA CYS A 386 29.19 -11.82 -8.66
C CYS A 386 28.44 -13.16 -8.80
N HIS A 387 27.11 -13.15 -8.76
CA HIS A 387 26.20 -14.31 -8.94
C HIS A 387 25.86 -14.51 -10.43
N LYS A 388 26.76 -15.07 -11.24
CA LYS A 388 26.65 -15.07 -12.73
C LYS A 388 25.55 -16.03 -13.22
N ASP A 389 25.19 -17.08 -12.45
CA ASP A 389 24.02 -17.95 -12.78
C ASP A 389 22.73 -17.14 -12.59
N TYR A 390 22.76 -16.00 -11.86
CA TYR A 390 21.53 -15.21 -11.56
C TYR A 390 21.04 -14.47 -12.79
N THR A 391 19.77 -14.72 -13.10
CA THR A 391 18.94 -13.85 -13.98
C THR A 391 18.57 -12.57 -13.24
N PRO A 392 18.28 -11.48 -13.98
CA PRO A 392 17.78 -10.23 -13.39
C PRO A 392 16.64 -10.53 -12.43
N ASN A 393 15.60 -11.23 -12.87
CA ASN A 393 14.41 -11.58 -12.02
C ASN A 393 14.83 -12.48 -10.85
N LYS A 394 15.75 -13.44 -10.98
CA LYS A 394 16.15 -14.23 -9.78
C LYS A 394 16.78 -13.31 -8.73
N ALA A 395 17.54 -12.30 -9.15
CA ALA A 395 18.23 -11.36 -8.23
C ALA A 395 17.14 -10.58 -7.45
N LYS A 396 16.11 -10.10 -8.18
CA LYS A 396 14.93 -9.35 -7.66
C LYS A 396 14.13 -10.25 -6.70
N PHE A 397 13.74 -11.43 -7.16
CA PHE A 397 12.97 -12.43 -6.36
C PHE A 397 13.70 -12.68 -5.04
N MET A 398 15.01 -12.77 -5.11
CA MET A 398 15.85 -13.09 -3.93
C MET A 398 15.76 -11.90 -2.98
N ILE A 399 16.05 -10.72 -3.50
CA ILE A 399 16.03 -9.52 -2.64
C ILE A 399 14.62 -9.45 -2.09
N GLU A 400 13.60 -9.56 -2.94
CA GLU A 400 12.22 -9.20 -2.53
C GLU A 400 11.62 -10.30 -1.65
N THR A 401 12.05 -11.58 -1.75
CA THR A 401 11.50 -12.66 -0.87
C THR A 401 11.93 -12.36 0.58
N ILE A 402 13.17 -11.97 0.78
CA ILE A 402 13.85 -11.75 2.07
C ILE A 402 13.15 -10.52 2.70
N ARG A 403 12.95 -9.48 1.89
CA ARG A 403 12.27 -8.21 2.29
C ARG A 403 10.82 -8.54 2.70
N ASN A 404 10.11 -9.36 1.91
CA ASN A 404 8.72 -9.88 2.06
C ASN A 404 8.56 -10.58 3.41
N TYR A 405 9.33 -11.61 3.62
CA TYR A 405 9.31 -12.34 4.91
C TYR A 405 9.62 -11.40 6.10
N THR A 406 10.61 -10.53 6.02
CA THR A 406 11.07 -9.66 7.13
C THR A 406 9.99 -8.62 7.47
N LYS A 407 9.47 -7.98 6.44
CA LYS A 407 8.41 -6.94 6.62
C LYS A 407 7.16 -7.62 7.16
N GLY A 408 6.83 -8.85 6.77
CA GLY A 408 5.74 -9.59 7.41
C GLY A 408 5.93 -9.60 8.91
N LYS A 409 7.14 -9.89 9.39
CA LYS A 409 7.47 -9.85 10.87
C LYS A 409 7.45 -8.41 11.35
N MET A 410 8.06 -7.50 10.60
CA MET A 410 8.10 -6.07 10.99
C MET A 410 6.67 -5.59 11.25
N ARG A 411 5.70 -5.83 10.35
CA ARG A 411 4.33 -5.30 10.49
C ARG A 411 3.70 -6.00 11.71
N LYS A 412 3.98 -7.26 11.94
CA LYS A 412 3.41 -7.99 13.09
C LYS A 412 3.96 -7.39 14.38
N SER A 413 5.23 -7.02 14.43
CA SER A 413 5.87 -6.42 15.62
C SER A 413 5.16 -5.07 15.90
N GLU A 414 4.82 -4.37 14.83
CA GLU A 414 4.17 -3.06 14.88
C GLU A 414 2.73 -3.19 15.41
N TYR A 415 2.02 -4.25 15.03
CA TYR A 415 0.63 -4.58 15.41
C TYR A 415 0.62 -4.85 16.91
N TRP A 416 1.57 -5.64 17.34
CA TRP A 416 1.65 -6.03 18.78
C TRP A 416 2.11 -4.86 19.66
N LEU A 417 3.00 -4.00 19.17
CA LEU A 417 3.45 -2.81 19.92
C LEU A 417 2.29 -1.85 20.15
N ALA A 418 1.56 -1.53 19.07
CA ALA A 418 0.31 -0.73 19.08
C ALA A 418 -0.68 -1.37 20.06
N GLN A 419 -0.80 -2.70 20.04
CA GLN A 419 -1.67 -3.42 21.01
C GLN A 419 -1.18 -3.12 22.44
N LEU A 420 0.14 -3.20 22.65
CA LEU A 420 0.76 -2.97 23.98
C LEU A 420 0.43 -1.55 24.44
N ILE A 421 0.53 -0.59 23.53
CA ILE A 421 0.40 0.85 23.92
C ILE A 421 -1.09 1.13 24.15
N ASP A 422 -2.00 0.46 23.43
CA ASP A 422 -3.46 0.66 23.63
C ASP A 422 -3.88 -0.04 24.94
N THR A 423 -3.38 -1.25 25.16
CA THR A 423 -3.49 -1.97 26.46
C THR A 423 -2.82 -1.18 27.60
N PHE A 424 -1.63 -0.56 27.43
CA PHE A 424 -0.94 0.13 28.56
C PHE A 424 -1.87 1.27 29.01
N ALA A 425 -2.56 1.84 28.03
CA ALA A 425 -3.39 3.06 28.19
C ALA A 425 -4.72 2.66 28.84
N VAL A 426 -5.34 1.57 28.40
CA VAL A 426 -6.56 1.00 29.03
C VAL A 426 -6.20 0.69 30.49
N ALA A 427 -5.17 -0.16 30.66
CA ALA A 427 -4.56 -0.61 31.93
C ALA A 427 -4.38 0.55 32.91
N GLN A 428 -3.65 1.61 32.51
CA GLN A 428 -3.53 2.87 33.28
C GLN A 428 -4.90 3.34 33.80
N ARG A 429 -5.87 3.42 32.88
CA ARG A 429 -7.12 4.19 33.01
C ARG A 429 -8.15 3.31 33.74
N GLU A 430 -7.86 2.01 33.89
CA GLU A 430 -8.50 1.09 34.87
C GLU A 430 -7.67 0.99 36.17
N GLY A 431 -6.62 1.81 36.32
CA GLY A 431 -5.83 1.96 37.57
C GLY A 431 -5.16 0.68 38.04
N VAL A 432 -4.31 0.08 37.18
CA VAL A 432 -3.41 -1.08 37.47
C VAL A 432 -2.21 -0.48 38.21
N SER A 433 -1.57 -1.20 39.15
CA SER A 433 -0.54 -0.59 40.04
C SER A 433 0.59 0.00 39.20
N PRO A 434 1.28 1.06 39.66
CA PRO A 434 2.40 1.59 38.89
C PRO A 434 3.51 0.55 38.78
N THR A 435 3.67 -0.37 39.75
CA THR A 435 4.69 -1.46 39.72
C THR A 435 4.47 -2.32 38.45
N ILE A 436 3.22 -2.65 38.16
CA ILE A 436 2.78 -3.51 37.00
C ILE A 436 2.75 -2.68 35.70
N LEU A 437 2.57 -1.36 35.77
CA LEU A 437 2.80 -0.53 34.57
C LEU A 437 4.30 -0.51 34.30
N ASP A 438 5.13 -0.43 35.36
CA ASP A 438 6.62 -0.52 35.23
C ASP A 438 6.99 -1.82 34.53
N GLN A 439 6.38 -2.94 34.93
CA GLN A 439 6.66 -4.22 34.24
C GLN A 439 6.35 -4.04 32.75
N ALA A 440 5.22 -3.39 32.43
CA ALA A 440 4.71 -3.22 31.05
C ALA A 440 5.73 -2.41 30.27
N ARG A 441 6.19 -1.30 30.87
CA ARG A 441 7.23 -0.36 30.37
C ARG A 441 8.52 -1.10 29.99
N LEU A 442 8.98 -2.08 30.77
CA LEU A 442 10.23 -2.82 30.41
C LEU A 442 10.00 -3.60 29.12
N LYS A 443 8.82 -4.23 28.97
CA LYS A 443 8.46 -5.05 27.79
C LYS A 443 8.38 -4.08 26.62
N HIS A 444 7.76 -2.94 26.83
CA HIS A 444 7.71 -1.88 25.79
C HIS A 444 9.15 -1.58 25.37
N GLU A 445 10.10 -1.36 26.31
CA GLU A 445 11.52 -1.09 26.01
C GLU A 445 12.03 -2.20 25.10
N GLU A 446 11.80 -3.42 25.55
CA GLU A 446 12.34 -4.63 24.90
C GLU A 446 11.68 -4.81 23.53
N ALA A 447 10.35 -4.80 23.43
CA ALA A 447 9.58 -4.79 22.15
C ALA A 447 10.19 -3.72 21.26
N HIS A 448 10.28 -2.51 21.81
CA HIS A 448 10.64 -1.31 21.05
C HIS A 448 12.00 -1.52 20.39
N ALA A 449 13.01 -1.88 21.18
CA ALA A 449 14.44 -1.96 20.77
C ALA A 449 14.59 -3.01 19.68
N LEU A 450 13.75 -4.05 19.76
CA LEU A 450 13.77 -5.24 18.85
C LEU A 450 13.04 -4.88 17.54
N TRP A 451 12.05 -3.98 17.59
CA TRP A 451 11.28 -3.49 16.40
C TRP A 451 11.98 -2.31 15.73
N GLU A 452 12.28 -1.21 16.45
CA GLU A 452 12.50 0.08 15.72
C GLU A 452 13.87 0.04 15.02
N TYR A 453 14.82 -0.75 15.50
CA TYR A 453 16.12 -1.04 14.83
C TYR A 453 15.90 -1.27 13.32
N TRP A 454 14.86 -2.02 12.96
CA TRP A 454 14.66 -2.52 11.57
C TRP A 454 13.95 -1.52 10.69
N THR A 455 13.03 -0.67 11.21
CA THR A 455 12.47 0.48 10.47
C THR A 455 13.59 1.52 10.18
N ALA A 456 14.50 1.78 11.13
CA ALA A 456 15.60 2.75 10.95
C ALA A 456 16.64 2.16 10.01
N GLU A 457 16.97 0.87 10.16
CA GLU A 457 17.85 0.18 9.19
C GLU A 457 17.18 0.17 7.81
N ASN A 458 17.99 0.19 6.77
CA ASN A 458 17.42 0.54 5.44
C ASN A 458 17.07 -0.69 4.55
N SER A 459 17.38 -1.92 4.92
CA SER A 459 17.37 -3.07 3.97
C SER A 459 16.11 -3.94 4.04
N ASP A 460 15.24 -3.74 5.05
CA ASP A 460 14.14 -4.66 5.43
C ASP A 460 14.60 -6.12 5.46
N GLY A 461 15.73 -6.40 6.09
CA GLY A 461 16.19 -7.76 6.52
C GLY A 461 17.19 -8.36 5.55
N PHE A 462 17.31 -7.81 4.33
CA PHE A 462 18.25 -8.37 3.32
C PHE A 462 19.68 -8.51 3.86
N HIS A 463 20.13 -7.53 4.65
CA HIS A 463 21.51 -7.38 5.14
C HIS A 463 21.84 -8.54 6.08
N ASN A 464 20.83 -9.03 6.81
CA ASN A 464 20.94 -10.10 7.84
C ASN A 464 19.53 -10.66 8.14
N PRO A 465 18.96 -11.53 7.26
CA PRO A 465 17.60 -12.05 7.44
C PRO A 465 17.44 -12.85 8.72
N GLU A 466 18.48 -13.61 9.11
CA GLU A 466 18.44 -14.39 10.39
C GLU A 466 18.33 -13.42 11.59
N GLN A 467 19.17 -12.38 11.69
CA GLN A 467 19.18 -11.43 12.83
C GLN A 467 17.82 -10.76 12.86
N ALA A 468 17.34 -10.29 11.72
CA ALA A 468 16.01 -9.64 11.63
C ALA A 468 14.91 -10.59 12.15
N ARG A 469 14.93 -11.84 11.74
CA ARG A 469 13.89 -12.75 12.23
C ARG A 469 13.99 -12.74 13.76
N GLN A 470 15.16 -13.07 14.28
CA GLN A 470 15.38 -13.33 15.75
C GLN A 470 15.11 -12.04 16.52
N SER A 471 15.32 -10.87 15.93
CA SER A 471 15.06 -9.60 16.67
C SER A 471 13.55 -9.32 16.69
N LEU A 472 12.88 -9.35 15.53
CA LEU A 472 11.45 -9.03 15.33
C LEU A 472 10.57 -10.04 16.04
N THR A 473 10.89 -11.32 15.97
CA THR A 473 10.11 -12.31 16.76
C THR A 473 10.33 -12.01 18.26
N GLY A 474 11.54 -11.63 18.66
CA GLY A 474 11.85 -11.20 20.04
C GLY A 474 10.96 -10.02 20.41
N SER A 475 10.75 -9.11 19.49
CA SER A 475 9.85 -7.97 19.71
C SER A 475 8.42 -8.44 20.01
N ILE A 476 7.80 -9.15 19.08
CA ILE A 476 6.43 -9.74 19.16
C ILE A 476 6.27 -10.44 20.51
N SER A 477 7.24 -11.27 20.87
CA SER A 477 7.25 -12.01 22.16
C SER A 477 7.15 -11.02 23.32
N ALA A 478 8.09 -10.05 23.38
CA ALA A 478 8.13 -9.00 24.45
C ALA A 478 6.77 -8.30 24.50
N SER A 479 6.21 -7.94 23.36
CA SER A 479 4.91 -7.24 23.29
C SER A 479 3.75 -8.10 23.82
N LYS A 480 3.63 -9.36 23.36
CA LYS A 480 2.53 -10.29 23.71
C LYS A 480 2.55 -10.54 25.24
N ALA A 481 3.75 -10.75 25.80
CA ALA A 481 4.04 -10.95 27.24
C ALA A 481 3.59 -9.72 28.04
N GLY A 482 3.88 -8.50 27.56
CA GLY A 482 3.35 -7.22 28.09
C GLY A 482 1.84 -7.17 28.03
N VAL A 483 1.25 -7.41 26.85
CA VAL A 483 -0.22 -7.45 26.63
C VAL A 483 -0.87 -8.43 27.63
N LYS A 484 -0.25 -9.60 27.87
CA LYS A 484 -0.77 -10.62 28.81
C LYS A 484 -0.66 -10.10 30.25
N LEU A 485 0.44 -9.44 30.60
CA LEU A 485 0.68 -8.95 31.98
C LEU A 485 -0.31 -7.80 32.22
N LEU A 486 -0.66 -7.06 31.18
CA LEU A 486 -1.61 -5.95 31.36
C LEU A 486 -3.05 -6.48 31.43
N ASN A 487 -3.42 -7.51 30.67
CA ASN A 487 -4.83 -7.99 30.61
C ASN A 487 -5.13 -8.75 31.91
N ASP A 488 -4.20 -9.61 32.33
CA ASP A 488 -4.23 -10.33 33.63
C ASP A 488 -4.24 -9.32 34.80
N ALA A 489 -3.42 -8.28 34.76
CA ALA A 489 -3.33 -7.24 35.80
C ALA A 489 -4.60 -6.37 35.81
N ILE A 490 -5.30 -6.29 34.67
CA ILE A 490 -6.62 -5.60 34.51
C ILE A 490 -7.67 -6.41 35.25
N MET A 491 -7.72 -7.72 35.01
CA MET A 491 -8.73 -8.62 35.64
C MET A 491 -8.48 -8.66 37.15
N ALA A 492 -7.21 -8.57 37.57
CA ALA A 492 -6.77 -8.59 38.99
C ALA A 492 -7.40 -7.42 39.78
N VAL A 493 -7.45 -6.23 39.18
CA VAL A 493 -7.99 -5.01 39.89
C VAL A 493 -9.47 -5.24 40.22
N LYS A 494 -10.25 -5.79 39.29
CA LYS A 494 -11.74 -5.83 39.35
C LYS A 494 -12.18 -7.21 39.86
N GLN A 495 -11.21 -8.10 40.21
CA GLN A 495 -11.39 -9.51 40.66
C GLN A 495 -12.42 -9.61 41.80
N GLY B 1 2.22 -60.33 -20.03
CA GLY B 1 1.38 -61.26 -19.19
C GLY B 1 0.49 -60.50 -18.21
N ARG B 2 -0.24 -59.49 -18.69
CA ARG B 2 -1.14 -58.62 -17.88
C ARG B 2 -2.36 -59.39 -17.34
N GLU B 3 -2.91 -60.33 -18.11
CA GLU B 3 -4.20 -61.01 -17.81
C GLU B 3 -3.98 -61.90 -16.59
N THR B 4 -2.73 -62.33 -16.40
CA THR B 4 -2.21 -62.95 -15.15
C THR B 4 -2.59 -62.06 -13.96
N CYS B 5 -2.15 -60.78 -13.99
CA CYS B 5 -2.50 -59.75 -12.96
C CYS B 5 -4.01 -59.52 -12.98
N TYR B 6 -4.56 -59.37 -14.19
CA TYR B 6 -5.97 -58.99 -14.42
C TYR B 6 -6.86 -60.09 -13.85
N ALA B 7 -6.38 -61.33 -13.96
CA ALA B 7 -6.97 -62.47 -13.23
C ALA B 7 -7.39 -61.98 -11.85
N CYS B 8 -6.53 -61.16 -11.20
CA CYS B 8 -6.66 -60.80 -9.76
C CYS B 8 -6.98 -59.31 -9.54
N HIS B 9 -6.55 -58.40 -10.43
CA HIS B 9 -6.83 -56.94 -10.29
C HIS B 9 -7.74 -56.48 -11.43
N THR B 10 -9.05 -56.58 -11.19
CA THR B 10 -10.11 -56.55 -12.23
C THR B 10 -10.52 -55.08 -12.45
N GLU B 11 -10.56 -54.25 -11.40
CA GLU B 11 -10.87 -52.79 -11.52
C GLU B 11 -9.83 -52.09 -12.38
N VAL B 12 -8.57 -52.52 -12.24
CA VAL B 12 -7.39 -52.07 -13.03
C VAL B 12 -7.59 -52.53 -14.47
N LYS B 13 -8.11 -53.76 -14.69
CA LYS B 13 -8.36 -54.25 -16.07
C LYS B 13 -9.30 -53.30 -16.81
N SER B 14 -10.47 -53.05 -16.24
CA SER B 14 -11.53 -52.10 -16.71
C SER B 14 -10.95 -50.73 -17.04
N LEU B 15 -10.09 -50.15 -16.19
CA LEU B 15 -9.60 -48.77 -16.44
C LEU B 15 -8.66 -48.78 -17.65
N LYS B 16 -7.81 -49.81 -17.84
CA LYS B 16 -6.61 -49.79 -18.72
C LYS B 16 -6.87 -50.24 -20.18
N GLU B 17 -7.52 -51.39 -20.42
CA GLU B 17 -7.68 -51.99 -21.79
C GLU B 17 -8.47 -51.05 -22.72
N ASN B 18 -8.04 -50.92 -23.99
CA ASN B 18 -8.68 -50.08 -25.05
C ASN B 18 -8.39 -48.58 -24.80
N SER B 19 -7.72 -48.28 -23.69
CA SER B 19 -7.47 -46.89 -23.22
C SER B 19 -6.29 -46.31 -23.99
N LYS B 20 -5.93 -45.06 -23.74
CA LYS B 20 -4.74 -44.39 -24.35
C LYS B 20 -3.44 -44.97 -23.79
N HIS B 21 -3.54 -45.68 -22.67
CA HIS B 21 -2.42 -46.31 -21.92
C HIS B 21 -2.56 -47.84 -22.10
N ALA B 22 -2.86 -48.27 -23.33
CA ALA B 22 -3.11 -49.70 -23.66
C ALA B 22 -1.77 -50.43 -23.61
N ALA B 23 -0.82 -49.93 -24.43
CA ALA B 23 0.47 -50.57 -24.80
C ALA B 23 1.51 -50.54 -23.66
N ILE B 24 1.22 -49.87 -22.52
CA ILE B 24 2.25 -49.69 -21.44
C ILE B 24 2.38 -50.97 -20.62
N ALA B 25 3.56 -51.54 -20.64
CA ALA B 25 3.92 -52.65 -19.74
C ALA B 25 3.69 -52.20 -18.28
N CYS B 26 3.11 -53.07 -17.46
CA CYS B 26 2.91 -52.90 -15.99
C CYS B 26 4.24 -52.55 -15.34
N THR B 27 5.33 -53.18 -15.81
CA THR B 27 6.70 -53.04 -15.25
C THR B 27 7.09 -51.55 -15.27
N VAL B 28 6.74 -50.82 -16.33
CA VAL B 28 7.14 -49.39 -16.51
C VAL B 28 6.88 -48.67 -15.17
N CYS B 29 5.75 -48.93 -14.53
CA CYS B 29 5.31 -48.10 -13.36
C CYS B 29 5.28 -48.95 -12.08
N HIS B 30 5.30 -50.27 -12.19
CA HIS B 30 5.42 -51.19 -11.03
C HIS B 30 6.72 -52.01 -11.14
N ASP B 31 7.31 -52.33 -9.99
CA ASP B 31 8.61 -53.04 -9.84
C ASP B 31 8.37 -54.24 -8.91
N LYS B 32 9.21 -55.27 -8.97
CA LYS B 32 9.04 -56.43 -8.05
C LYS B 32 7.86 -57.32 -8.51
N THR B 33 7.43 -57.22 -9.78
CA THR B 33 6.18 -57.87 -10.27
C THR B 33 6.36 -59.40 -10.11
N LYS B 34 7.60 -59.89 -10.30
CA LYS B 34 7.94 -61.34 -10.19
C LYS B 34 7.70 -61.84 -8.75
N GLU B 35 8.31 -61.27 -7.71
CA GLU B 35 8.12 -61.78 -6.31
C GLU B 35 6.64 -61.77 -5.91
N HIS B 36 5.85 -60.82 -6.40
CA HIS B 36 4.39 -60.71 -6.16
C HIS B 36 3.68 -61.93 -6.74
N LEU B 37 3.96 -62.28 -8.01
CA LEU B 37 3.51 -63.56 -8.62
C LEU B 37 4.12 -64.69 -7.81
N GLU B 38 5.46 -64.73 -7.80
CA GLU B 38 6.28 -65.89 -7.40
C GLU B 38 6.25 -66.18 -5.90
N LYS B 39 6.16 -65.15 -5.05
CA LYS B 39 6.14 -65.26 -3.57
C LYS B 39 4.68 -65.22 -3.09
N GLY B 40 3.78 -64.66 -3.91
CA GLY B 40 2.36 -64.46 -3.58
C GLY B 40 2.07 -63.01 -3.21
N PRO B 41 0.81 -62.67 -2.85
CA PRO B 41 0.43 -61.29 -2.58
C PRO B 41 0.85 -60.74 -1.20
N ASP B 42 1.36 -61.59 -0.31
CA ASP B 42 2.03 -61.16 0.94
C ASP B 42 3.11 -60.13 0.65
N VAL B 43 3.75 -60.26 -0.51
CA VAL B 43 4.89 -59.42 -0.98
C VAL B 43 4.40 -58.48 -2.10
N LYS B 44 3.99 -57.26 -1.70
CA LYS B 44 3.43 -56.21 -2.58
C LYS B 44 4.49 -55.73 -3.58
N PRO B 45 4.13 -55.54 -4.87
CA PRO B 45 5.01 -54.85 -5.82
C PRO B 45 5.18 -53.42 -5.27
N VAL B 46 6.25 -52.74 -5.67
CA VAL B 46 6.51 -51.34 -5.23
C VAL B 46 5.80 -50.42 -6.22
N THR B 47 5.21 -49.33 -5.73
CA THR B 47 4.53 -48.36 -6.61
C THR B 47 5.21 -47.01 -6.34
N LYS B 48 6.32 -46.74 -7.05
CA LYS B 48 7.01 -45.43 -6.90
C LYS B 48 6.13 -44.43 -7.65
N ILE B 49 5.40 -43.64 -6.86
CA ILE B 49 4.48 -42.56 -7.34
C ILE B 49 5.39 -41.42 -7.80
N ASP B 50 5.55 -41.14 -9.10
CA ASP B 50 6.60 -40.16 -9.50
C ASP B 50 6.34 -39.52 -10.87
N GLN B 51 6.14 -38.20 -10.85
CA GLN B 51 5.96 -37.35 -12.05
C GLN B 51 6.84 -37.84 -13.22
N ALA B 52 8.12 -38.16 -12.98
CA ALA B 52 9.14 -38.36 -14.03
C ALA B 52 8.85 -39.59 -14.92
N VAL B 53 8.11 -40.58 -14.45
CA VAL B 53 7.74 -41.72 -15.35
C VAL B 53 6.82 -41.13 -16.42
N CYS B 54 5.90 -40.25 -15.98
CA CYS B 54 4.86 -39.65 -16.83
C CYS B 54 5.60 -38.75 -17.84
N GLY B 55 6.61 -38.01 -17.37
CA GLY B 55 7.52 -37.14 -18.13
C GLY B 55 8.28 -37.83 -19.26
N SER B 56 8.60 -39.12 -19.16
CA SER B 56 9.25 -39.87 -20.25
C SER B 56 8.41 -39.78 -21.53
N CYS B 57 7.07 -39.76 -21.41
CA CYS B 57 6.13 -39.82 -22.57
C CYS B 57 5.45 -38.46 -22.79
N HIS B 58 5.52 -37.57 -21.79
CA HIS B 58 4.70 -36.33 -21.66
C HIS B 58 5.59 -35.17 -21.15
N LYS B 59 6.60 -34.81 -21.94
CA LYS B 59 7.74 -33.97 -21.52
C LYS B 59 7.28 -32.52 -21.33
N ASN B 60 6.31 -32.06 -22.13
CA ASN B 60 5.89 -30.62 -22.08
C ASN B 60 5.05 -30.37 -20.80
N GLN B 61 4.27 -31.33 -20.31
CA GLN B 61 3.48 -31.20 -19.06
C GLN B 61 4.42 -31.31 -17.85
N TYR B 62 5.41 -32.20 -17.90
CA TYR B 62 6.44 -32.36 -16.85
C TYR B 62 7.35 -31.11 -16.80
N GLU B 63 7.91 -30.68 -17.93
CA GLU B 63 8.80 -29.50 -17.97
C GLU B 63 8.05 -28.31 -17.40
N SER B 64 6.88 -27.96 -17.94
CA SER B 64 6.11 -26.75 -17.54
C SER B 64 5.77 -26.81 -16.05
N PHE B 65 5.50 -27.99 -15.48
CA PHE B 65 5.25 -28.19 -14.02
C PHE B 65 6.48 -27.79 -13.20
N TYR B 66 7.68 -28.28 -13.57
CA TYR B 66 8.91 -28.07 -12.76
C TYR B 66 9.64 -26.80 -13.20
N ALA B 67 9.15 -26.12 -14.21
CA ALA B 67 9.90 -24.99 -14.80
C ALA B 67 9.97 -23.93 -13.70
N VAL B 68 11.15 -23.41 -13.44
CA VAL B 68 11.42 -22.49 -12.30
C VAL B 68 11.26 -21.06 -12.81
N HIS B 69 10.30 -20.31 -12.27
CA HIS B 69 10.07 -18.88 -12.59
C HIS B 69 10.31 -18.05 -11.33
N HIS B 70 10.90 -16.86 -11.50
CA HIS B 70 11.15 -15.85 -10.44
C HIS B 70 10.26 -14.65 -10.70
N ASP B 71 9.30 -14.39 -9.83
CA ASP B 71 8.55 -13.12 -9.94
C ASP B 71 9.33 -12.04 -9.19
N PRO B 72 9.71 -10.94 -9.86
CA PRO B 72 10.61 -9.92 -9.31
C PRO B 72 10.06 -9.27 -8.03
N THR B 73 8.78 -9.49 -7.74
CA THR B 73 8.16 -9.02 -6.48
C THR B 73 8.41 -10.06 -5.39
N GLY B 74 8.86 -11.26 -5.75
CA GLY B 74 9.15 -12.32 -4.76
C GLY B 74 7.90 -13.02 -4.28
N ALA B 75 8.13 -13.94 -3.35
CA ALA B 75 7.06 -14.67 -2.64
C ALA B 75 7.34 -14.62 -1.12
N ARG B 76 6.78 -15.59 -0.40
CA ARG B 76 6.66 -15.51 1.08
C ARG B 76 6.05 -14.16 1.50
N LYS B 77 5.10 -13.71 0.68
CA LYS B 77 4.29 -12.48 0.86
C LYS B 77 3.33 -12.70 2.03
N GLU B 78 3.54 -12.00 3.13
CA GLU B 78 2.69 -12.14 4.34
C GLU B 78 1.39 -11.41 4.01
N LYS B 79 0.25 -12.08 4.18
CA LYS B 79 -1.05 -11.46 3.82
C LYS B 79 -1.45 -10.39 4.86
N GLY B 80 -0.90 -10.46 6.08
CA GLY B 80 -1.15 -9.50 7.19
C GLY B 80 -0.15 -8.35 7.22
N ILE B 81 0.12 -7.75 6.07
CA ILE B 81 0.78 -6.43 5.96
C ILE B 81 -0.25 -5.41 5.48
N PRO B 82 -0.01 -4.11 5.76
CA PRO B 82 -0.94 -3.02 5.48
C PRO B 82 -1.46 -2.99 4.04
N ALA B 83 -0.56 -3.24 3.06
CA ALA B 83 -0.81 -3.31 1.59
C ALA B 83 -0.98 -4.77 1.13
N GLY B 84 -1.39 -5.68 2.02
CA GLY B 84 -1.47 -7.14 1.75
C GLY B 84 -2.88 -7.59 1.44
N ARG B 85 -3.11 -8.88 1.15
CA ARG B 85 -4.49 -9.33 0.85
C ARG B 85 -5.33 -9.37 2.13
N SER B 86 -4.73 -9.19 3.31
CA SER B 86 -5.49 -9.39 4.60
C SER B 86 -4.90 -8.50 5.69
N PRO B 87 -4.99 -7.16 5.57
CA PRO B 87 -4.17 -6.28 6.39
C PRO B 87 -4.58 -6.30 7.88
N LEU B 88 -5.79 -6.78 8.16
CA LEU B 88 -6.37 -6.78 9.53
C LEU B 88 -6.37 -8.23 10.03
N GLN B 89 -5.59 -9.11 9.38
CA GLN B 89 -5.39 -10.56 9.76
C GLN B 89 -5.18 -10.77 11.27
N ASP B 90 -4.13 -10.15 11.86
CA ASP B 90 -3.65 -10.32 13.26
C ASP B 90 -4.81 -9.97 14.20
N LYS B 91 -5.50 -8.87 13.92
CA LYS B 91 -6.71 -8.50 14.74
C LYS B 91 -7.95 -9.39 14.50
N LEU B 92 -8.40 -9.72 13.25
CA LEU B 92 -9.68 -10.44 12.98
C LEU B 92 -9.52 -11.93 13.31
N LEU B 93 -8.35 -12.52 13.10
CA LEU B 93 -8.06 -13.97 13.30
C LEU B 93 -7.40 -14.23 14.68
N ALA B 94 -7.33 -13.25 15.60
CA ALA B 94 -6.54 -13.40 16.85
C ALA B 94 -7.00 -14.69 17.55
N GLY B 95 -6.06 -15.46 18.07
CA GLY B 95 -6.31 -16.83 18.60
C GLY B 95 -5.98 -17.91 17.58
N HIS B 96 -5.79 -17.53 16.32
CA HIS B 96 -5.62 -18.50 15.22
C HIS B 96 -4.16 -18.70 14.83
N GLY B 97 -3.80 -19.92 14.49
CA GLY B 97 -2.42 -20.23 14.17
C GLY B 97 -1.99 -19.50 12.89
N PHE B 98 -2.91 -18.91 12.14
CA PHE B 98 -2.57 -18.15 10.91
C PHE B 98 -1.90 -16.81 11.26
N THR B 99 -2.13 -16.30 12.49
CA THR B 99 -1.46 -15.10 13.05
C THR B 99 0.06 -15.36 13.06
N PHE B 100 0.55 -16.63 13.08
CA PHE B 100 2.01 -16.91 13.08
C PHE B 100 2.63 -16.68 11.69
N GLU B 101 2.05 -17.19 10.63
CA GLU B 101 2.40 -16.81 9.23
C GLU B 101 1.28 -17.27 8.31
N HIS B 102 0.89 -16.39 7.37
CA HIS B 102 0.01 -16.76 6.25
C HIS B 102 0.52 -16.04 5.00
N ALA B 103 1.26 -16.74 4.14
CA ALA B 103 1.72 -16.12 2.87
C ALA B 103 0.68 -16.35 1.77
N GLU B 104 0.75 -15.54 0.73
CA GLU B 104 0.12 -15.84 -0.57
C GLU B 104 0.70 -17.12 -1.16
N PRO B 105 -0.12 -17.86 -1.94
CA PRO B 105 0.32 -19.11 -2.60
C PRO B 105 1.36 -18.79 -3.68
N ARG B 106 2.23 -19.75 -3.92
CA ARG B 106 3.15 -19.70 -5.08
C ARG B 106 2.96 -20.97 -5.93
N GLY B 107 3.94 -21.29 -6.78
CA GLY B 107 3.67 -22.28 -7.84
C GLY B 107 3.57 -23.68 -7.29
N HIS B 108 3.02 -24.60 -8.06
CA HIS B 108 2.62 -25.93 -7.53
C HIS B 108 3.82 -26.76 -7.05
N ALA B 109 5.02 -26.62 -7.67
CA ALA B 109 6.24 -27.45 -7.35
C ALA B 109 6.80 -27.15 -5.94
N TYR B 110 6.36 -26.06 -5.32
CA TYR B 110 6.84 -25.59 -3.99
C TYR B 110 5.93 -26.03 -2.87
N MET B 111 4.84 -26.71 -3.19
CA MET B 111 3.68 -26.84 -2.26
C MET B 111 4.07 -27.70 -1.07
N VAL B 112 4.83 -28.79 -1.25
CA VAL B 112 5.25 -29.58 -0.07
C VAL B 112 6.21 -28.70 0.72
N VAL B 113 7.25 -28.17 0.06
CA VAL B 113 8.37 -27.41 0.71
C VAL B 113 7.77 -26.27 1.52
N ASP B 114 6.80 -25.53 0.99
CA ASP B 114 6.16 -24.36 1.69
C ASP B 114 5.18 -24.81 2.79
N GLN B 115 4.53 -25.94 2.61
CA GLN B 115 3.71 -26.51 3.71
C GLN B 115 4.66 -26.78 4.90
N PHE B 116 5.72 -27.57 4.65
CA PHE B 116 6.64 -28.05 5.68
C PHE B 116 7.28 -26.85 6.40
N ALA B 117 7.79 -25.81 5.71
CA ALA B 117 8.64 -24.70 6.23
C ALA B 117 7.81 -23.53 6.81
N VAL B 118 6.50 -23.46 6.61
CA VAL B 118 5.69 -22.28 7.07
C VAL B 118 5.85 -22.16 8.60
N ASP B 119 5.84 -20.94 9.12
CA ASP B 119 6.11 -20.73 10.57
C ASP B 119 5.02 -21.38 11.43
N ARG B 120 3.82 -21.58 10.88
CA ARG B 120 2.62 -22.11 11.60
C ARG B 120 2.59 -23.65 11.62
N PHE B 121 3.50 -24.34 10.89
CA PHE B 121 3.47 -25.79 10.60
C PHE B 121 4.00 -26.61 11.79
N GLN B 122 5.27 -26.52 12.13
CA GLN B 122 5.88 -27.43 13.13
C GLN B 122 7.07 -26.74 13.83
N GLY B 123 6.80 -25.58 14.43
CA GLY B 123 7.68 -24.83 15.32
C GLY B 123 8.98 -24.45 14.66
N GLY B 124 8.99 -24.36 13.33
CA GLY B 124 10.16 -24.00 12.53
C GLY B 124 11.09 -25.17 12.32
N ARG B 125 10.63 -26.43 12.47
CA ARG B 125 11.52 -27.62 12.53
C ARG B 125 12.20 -27.84 11.18
N TYR B 126 11.51 -27.45 10.10
CA TYR B 126 11.85 -27.77 8.70
C TYR B 126 12.21 -26.42 8.08
N GLN B 127 13.39 -26.35 7.46
CA GLN B 127 13.94 -25.12 6.87
C GLN B 127 14.53 -25.48 5.51
N PHE B 128 14.62 -24.50 4.62
CA PHE B 128 15.30 -24.73 3.33
C PHE B 128 16.78 -25.02 3.63
N LYS B 129 17.34 -26.09 3.06
CA LYS B 129 18.79 -26.35 3.14
C LYS B 129 19.49 -25.17 2.43
N GLY B 130 20.41 -24.51 3.12
CA GLY B 130 21.24 -23.40 2.59
C GLY B 130 20.49 -22.07 2.60
N GLY B 131 19.32 -22.05 3.24
CA GLY B 131 18.50 -20.84 3.49
C GLY B 131 17.97 -20.19 2.23
N TRP B 132 17.64 -18.91 2.35
CA TRP B 132 17.02 -18.05 1.30
C TRP B 132 17.58 -18.31 -0.10
N LYS B 133 18.89 -18.54 -0.30
CA LYS B 133 19.42 -18.59 -1.70
C LYS B 133 18.84 -19.80 -2.46
N ASN B 134 18.31 -20.82 -1.76
CA ASN B 134 17.69 -22.05 -2.34
C ASN B 134 16.15 -22.03 -2.21
N TYR B 135 15.52 -20.89 -1.95
CA TYR B 135 14.05 -20.87 -1.81
C TYR B 135 13.32 -21.10 -3.13
N ASP B 136 14.00 -21.06 -4.29
CA ASP B 136 13.39 -21.28 -5.62
C ASP B 136 13.71 -22.71 -6.07
N LYS B 137 14.33 -23.52 -5.22
CA LYS B 137 14.70 -24.90 -5.61
C LYS B 137 13.41 -25.73 -5.74
N VAL B 138 13.30 -26.40 -6.90
CA VAL B 138 12.29 -27.45 -7.23
C VAL B 138 13.00 -28.79 -7.16
N GLY B 139 12.22 -29.85 -6.87
CA GLY B 139 12.64 -31.26 -6.85
C GLY B 139 12.03 -32.01 -5.68
N LYS B 140 12.83 -32.90 -5.09
CA LYS B 140 12.43 -33.82 -4.01
C LYS B 140 12.51 -33.09 -2.66
N THR B 141 11.40 -33.14 -1.91
CA THR B 141 11.22 -32.43 -0.62
C THR B 141 12.53 -32.38 0.16
N TRP B 142 13.16 -33.54 0.38
CA TRP B 142 14.27 -33.67 1.36
C TRP B 142 15.65 -33.35 0.78
N ASP B 143 15.76 -33.24 -0.55
CA ASP B 143 16.83 -32.51 -1.26
C ASP B 143 16.77 -31.02 -0.95
N ILE B 144 15.58 -30.48 -0.67
CA ILE B 144 15.37 -29.02 -0.57
C ILE B 144 15.32 -28.62 0.91
N LEU B 145 14.60 -29.37 1.72
CA LEU B 145 14.44 -29.05 3.17
C LEU B 145 15.39 -29.89 4.02
N GLU B 146 15.65 -29.36 5.21
CA GLU B 146 16.41 -30.05 6.28
C GLU B 146 15.49 -30.15 7.50
N ASP B 147 15.71 -31.18 8.30
CA ASP B 147 15.00 -31.43 9.58
C ASP B 147 15.91 -30.97 10.73
N ARG B 148 15.47 -29.96 11.48
CA ARG B 148 16.15 -29.48 12.72
C ARG B 148 15.86 -30.39 13.92
N GLY B 149 14.90 -31.29 13.81
CA GLY B 149 14.66 -32.30 14.85
C GLY B 149 13.67 -31.77 15.87
N PRO B 150 13.12 -32.66 16.75
CA PRO B 150 11.91 -32.36 17.53
C PRO B 150 12.10 -31.38 18.68
N ASN B 151 13.34 -31.22 19.11
CA ASN B 151 13.76 -30.48 20.32
C ASN B 151 14.28 -29.12 19.92
N ALA B 152 14.28 -28.84 18.61
CA ALA B 152 14.61 -27.51 18.09
C ALA B 152 13.44 -26.61 18.48
N LYS B 153 13.73 -25.39 18.94
CA LYS B 153 12.72 -24.35 19.23
C LYS B 153 13.04 -23.14 18.36
N LEU B 154 12.02 -22.54 17.78
CA LEU B 154 12.21 -21.30 17.01
C LEU B 154 11.09 -20.36 17.38
N PRO B 155 11.41 -19.12 17.84
CA PRO B 155 10.40 -18.16 18.29
C PRO B 155 9.30 -17.81 17.28
N GLU B 156 8.09 -17.66 17.83
CA GLU B 156 6.91 -17.11 17.15
C GLU B 156 6.55 -18.05 15.99
N THR B 157 6.25 -19.30 16.31
CA THR B 157 5.83 -20.33 15.34
C THR B 157 4.64 -21.08 15.94
N ALA B 158 4.05 -22.01 15.20
CA ALA B 158 2.91 -22.84 15.63
C ALA B 158 3.02 -24.27 15.06
N MET B 159 2.13 -25.12 15.55
CA MET B 159 2.14 -26.58 15.34
C MET B 159 0.79 -26.99 14.74
N ALA B 160 0.40 -26.36 13.64
CA ALA B 160 -0.90 -26.65 12.99
C ALA B 160 -0.80 -27.94 12.16
N GLY B 161 0.42 -28.33 11.80
CA GLY B 161 0.65 -29.48 10.92
C GLY B 161 0.05 -30.73 11.51
N ASN B 162 -0.84 -31.37 10.77
CA ASN B 162 -1.32 -32.77 11.01
C ASN B 162 -1.22 -33.59 9.72
N PRO B 163 -1.28 -34.95 9.76
CA PRO B 163 -1.41 -35.80 8.57
C PRO B 163 -2.35 -35.36 7.42
N THR B 164 -3.54 -34.84 7.74
CA THR B 164 -4.60 -34.56 6.73
C THR B 164 -4.03 -33.50 5.78
N CYS B 165 -3.35 -32.47 6.32
CA CYS B 165 -2.66 -31.37 5.56
C CYS B 165 -1.90 -31.90 4.34
N ILE B 166 -1.24 -33.04 4.49
CA ILE B 166 -0.43 -33.58 3.36
C ILE B 166 -1.36 -33.98 2.19
N GLN B 167 -2.65 -34.31 2.44
CA GLN B 167 -3.63 -34.85 1.45
C GLN B 167 -3.90 -33.78 0.35
N CYS B 168 -3.58 -32.51 0.59
CA CYS B 168 -3.67 -31.48 -0.47
C CYS B 168 -2.29 -30.95 -0.85
N LYS B 169 -1.24 -31.78 -0.77
CA LYS B 169 0.12 -31.30 -1.08
C LYS B 169 0.88 -32.35 -1.90
N SER B 170 0.33 -33.54 -2.12
CA SER B 170 1.06 -34.65 -2.80
C SER B 170 0.17 -35.88 -2.97
N SER B 171 0.45 -36.69 -4.01
CA SER B 171 -0.16 -38.01 -4.33
C SER B 171 0.63 -39.16 -3.65
N ASP B 172 1.80 -38.86 -3.09
CA ASP B 172 2.76 -39.89 -2.56
C ASP B 172 2.07 -40.90 -1.62
N LEU B 173 1.02 -40.54 -0.88
CA LEU B 173 0.44 -41.49 0.13
C LEU B 173 -0.83 -42.21 -0.38
N ILE B 174 -1.19 -42.06 -1.65
CA ILE B 174 -2.42 -42.63 -2.28
C ILE B 174 -2.64 -44.10 -1.88
N LEU B 175 -1.59 -44.92 -1.73
CA LEU B 175 -1.76 -46.34 -1.28
C LEU B 175 -1.36 -46.56 0.18
N GLN B 176 -1.25 -45.50 1.00
CA GLN B 176 -0.72 -45.55 2.38
C GLN B 176 -1.69 -44.82 3.30
N TRP B 177 -2.95 -44.78 2.90
CA TRP B 177 -4.01 -43.94 3.50
C TRP B 177 -5.38 -44.48 3.08
N LYS B 178 -6.01 -45.22 3.99
CA LYS B 178 -7.39 -45.71 3.85
C LYS B 178 -8.25 -44.48 3.52
N HIS B 179 -9.27 -44.66 2.70
CA HIS B 179 -10.39 -43.70 2.54
C HIS B 179 -10.62 -42.91 3.84
N LEU B 180 -10.48 -41.59 3.73
CA LEU B 180 -10.76 -40.56 4.76
C LEU B 180 -9.61 -40.46 5.79
N GLY B 181 -8.55 -41.30 5.72
CA GLY B 181 -7.53 -41.29 6.79
C GLY B 181 -8.00 -42.07 8.00
N GLU B 182 -8.97 -42.96 7.77
CA GLU B 182 -9.42 -43.92 8.80
C GLU B 182 -8.21 -44.82 9.06
N LYS B 183 -8.11 -45.31 10.29
CA LYS B 183 -7.06 -46.24 10.76
C LYS B 183 -7.09 -47.50 9.92
N GLY B 184 -5.93 -47.92 9.40
CA GLY B 184 -5.81 -49.06 8.48
C GLY B 184 -4.55 -48.98 7.64
N GLY B 185 -4.15 -47.79 7.20
CA GLY B 185 -2.98 -47.63 6.31
C GLY B 185 -1.70 -47.41 7.07
N LYS B 186 -0.61 -47.06 6.37
CA LYS B 186 0.66 -46.80 7.07
C LYS B 186 0.42 -45.56 7.94
N PHE B 187 -0.22 -44.52 7.38
CA PHE B 187 -0.57 -43.27 8.12
C PHE B 187 -2.09 -43.05 8.18
N ASP B 188 -2.62 -42.55 9.30
CA ASP B 188 -4.02 -42.05 9.40
C ASP B 188 -4.00 -40.63 9.95
N ARG B 189 -5.14 -40.14 10.42
CA ARG B 189 -5.30 -38.72 10.81
C ARG B 189 -4.65 -38.53 12.17
N THR B 190 -4.55 -39.63 12.96
CA THR B 190 -3.87 -39.70 14.27
C THR B 190 -2.36 -39.94 14.13
N SER B 191 -1.84 -40.30 12.97
CA SER B 191 -0.38 -40.50 12.79
C SER B 191 0.35 -39.26 13.31
N ASN B 192 1.60 -39.40 13.69
CA ASN B 192 2.47 -38.24 13.98
C ASN B 192 2.79 -37.56 12.65
N VAL B 193 2.49 -36.29 12.51
CA VAL B 193 2.87 -35.57 11.28
C VAL B 193 4.39 -35.67 10.98
N ASN B 194 5.26 -35.86 11.96
CA ASN B 194 6.74 -35.92 11.74
C ASN B 194 7.09 -37.23 11.04
N ASP B 195 6.34 -38.32 11.25
CA ASP B 195 6.55 -39.59 10.47
C ASP B 195 6.02 -39.40 9.04
N VAL B 196 4.91 -38.69 8.90
CA VAL B 196 4.19 -38.51 7.60
C VAL B 196 5.11 -37.75 6.63
N VAL B 197 5.65 -36.59 7.06
CA VAL B 197 6.50 -35.68 6.21
C VAL B 197 7.67 -36.44 5.56
N LYS B 198 8.33 -37.37 6.26
CA LYS B 198 9.47 -38.15 5.71
C LYS B 198 9.10 -38.96 4.45
N ALA B 199 7.83 -39.36 4.28
CA ALA B 199 7.24 -40.12 3.16
C ALA B 199 6.87 -39.23 1.96
N ILE B 200 6.80 -37.92 2.16
CA ILE B 200 6.44 -36.98 1.06
C ILE B 200 7.70 -36.49 0.34
N ASN B 201 8.01 -37.09 -0.79
CA ASN B 201 9.15 -36.69 -1.68
C ASN B 201 8.78 -35.71 -2.81
N ASN B 202 7.53 -35.70 -3.27
CA ASN B 202 7.07 -34.87 -4.41
C ASN B 202 5.82 -34.05 -4.08
N PRO B 203 5.66 -32.91 -4.77
CA PRO B 203 4.38 -32.21 -4.82
C PRO B 203 3.36 -32.98 -5.70
N VAL B 204 2.13 -32.44 -5.77
CA VAL B 204 0.90 -33.10 -6.34
C VAL B 204 1.33 -33.98 -7.51
N GLY B 205 1.04 -35.27 -7.41
CA GLY B 205 1.31 -36.20 -8.52
C GLY B 205 0.42 -35.92 -9.72
N CYS B 206 0.95 -36.18 -10.92
CA CYS B 206 0.21 -36.32 -12.21
C CYS B 206 -1.03 -37.19 -12.01
N ILE B 207 -0.94 -38.22 -11.17
CA ILE B 207 -2.04 -39.19 -10.92
C ILE B 207 -3.13 -38.53 -10.06
N HIS B 208 -2.94 -37.29 -9.58
CA HIS B 208 -4.01 -36.66 -8.76
C HIS B 208 -5.27 -36.44 -9.61
N CYS B 209 -5.05 -36.11 -10.88
CA CYS B 209 -6.01 -35.59 -11.86
C CYS B 209 -6.15 -36.60 -13.01
N HIS B 210 -5.30 -37.64 -13.06
CA HIS B 210 -5.18 -38.46 -14.30
C HIS B 210 -5.04 -39.95 -13.91
N ASP B 211 -5.84 -40.85 -14.47
CA ASP B 211 -5.73 -42.28 -14.04
C ASP B 211 -4.45 -42.85 -14.64
N PRO B 212 -3.55 -43.48 -13.87
CA PRO B 212 -2.30 -43.98 -14.43
C PRO B 212 -2.46 -45.13 -15.46
N HIS B 213 -3.54 -45.88 -15.38
CA HIS B 213 -3.82 -47.14 -16.14
C HIS B 213 -4.45 -46.86 -17.51
N GLY B 214 -5.51 -46.03 -17.58
CA GLY B 214 -6.15 -45.73 -18.88
C GLY B 214 -5.95 -44.28 -19.30
N ALA B 215 -5.61 -43.39 -18.36
CA ALA B 215 -5.42 -41.92 -18.59
C ALA B 215 -6.74 -41.15 -18.42
N GLN B 216 -7.77 -41.73 -17.83
CA GLN B 216 -9.09 -41.01 -17.72
C GLN B 216 -9.01 -39.93 -16.65
N PRO B 217 -9.66 -38.75 -16.88
CA PRO B 217 -9.78 -37.69 -15.89
C PRO B 217 -10.34 -38.21 -14.56
N ARG B 218 -9.66 -37.95 -13.45
CA ARG B 218 -10.17 -38.43 -12.14
C ARG B 218 -9.90 -37.41 -11.06
N ILE B 219 -10.42 -37.76 -9.87
CA ILE B 219 -10.00 -37.25 -8.54
C ILE B 219 -9.65 -38.43 -7.64
N VAL B 220 -8.67 -38.21 -6.76
CA VAL B 220 -8.16 -39.19 -5.77
C VAL B 220 -8.48 -38.68 -4.37
N ARG B 221 -8.93 -37.42 -4.17
CA ARG B 221 -9.04 -36.90 -2.79
C ARG B 221 -10.30 -37.44 -2.09
N ASP B 222 -10.09 -38.13 -0.98
CA ASP B 222 -11.14 -38.87 -0.21
C ASP B 222 -12.23 -37.93 0.31
N GLY B 223 -11.87 -36.74 0.80
CA GLY B 223 -12.79 -35.64 1.06
C GLY B 223 -13.65 -35.33 -0.13
N LEU B 224 -13.04 -35.07 -1.30
CA LEU B 224 -13.77 -34.58 -2.50
C LEU B 224 -14.70 -35.70 -3.01
N ILE B 225 -14.21 -36.93 -3.07
CA ILE B 225 -15.02 -38.12 -3.42
C ILE B 225 -16.21 -38.20 -2.48
N ALA B 226 -16.00 -38.10 -1.15
CA ALA B 226 -17.00 -38.28 -0.07
C ALA B 226 -18.13 -37.24 -0.15
N ALA B 227 -17.78 -35.95 -0.17
CA ALA B 227 -18.71 -34.81 -0.37
C ALA B 227 -19.67 -35.11 -1.53
N ILE B 228 -19.13 -35.48 -2.69
CA ILE B 228 -19.93 -35.67 -3.93
C ILE B 228 -20.89 -36.85 -3.73
N GLU B 229 -20.35 -37.93 -3.16
CA GLU B 229 -21.09 -39.20 -2.95
C GLU B 229 -22.35 -38.91 -2.16
N LYS B 230 -22.19 -38.10 -1.10
CA LYS B 230 -23.23 -37.48 -0.23
C LYS B 230 -24.28 -36.72 -1.05
N ASP B 231 -23.88 -35.70 -1.80
CA ASP B 231 -24.80 -34.74 -2.47
C ASP B 231 -24.75 -34.99 -3.98
N PRO B 232 -25.21 -36.19 -4.45
CA PRO B 232 -24.93 -36.65 -5.81
C PRO B 232 -25.58 -35.91 -6.99
N ALA B 233 -26.69 -35.20 -6.73
CA ALA B 233 -27.63 -34.66 -7.73
C ALA B 233 -27.53 -33.12 -7.79
N LYS B 234 -27.27 -32.51 -6.63
CA LYS B 234 -27.37 -31.05 -6.39
C LYS B 234 -26.01 -30.43 -6.02
N ASN B 235 -24.91 -31.18 -6.09
CA ASN B 235 -23.62 -30.64 -5.63
C ASN B 235 -23.09 -29.67 -6.68
N ILE B 236 -22.16 -28.83 -6.24
CA ILE B 236 -21.77 -27.64 -7.05
C ILE B 236 -21.21 -28.10 -8.41
N PHE B 237 -20.90 -29.38 -8.62
CA PHE B 237 -20.25 -29.91 -9.86
C PHE B 237 -21.26 -30.65 -10.75
N ALA B 238 -22.50 -30.72 -10.29
CA ALA B 238 -23.57 -31.50 -10.95
C ALA B 238 -24.15 -30.76 -12.16
N LYS B 239 -24.92 -31.52 -12.93
CA LYS B 239 -25.76 -31.00 -14.03
C LYS B 239 -26.90 -32.00 -14.23
N ASN B 240 -28.14 -31.59 -13.96
CA ASN B 240 -29.35 -32.38 -14.34
C ASN B 240 -29.48 -33.57 -13.38
N GLY B 241 -29.35 -33.30 -12.08
CA GLY B 241 -29.67 -34.21 -10.96
C GLY B 241 -28.66 -35.34 -10.75
N LYS B 242 -27.52 -35.29 -11.43
CA LYS B 242 -26.42 -36.27 -11.23
C LYS B 242 -25.07 -35.55 -11.18
N THR B 243 -24.00 -36.30 -10.91
CA THR B 243 -22.62 -35.82 -11.05
C THR B 243 -21.83 -36.74 -11.98
N ASP B 244 -20.93 -36.16 -12.77
CA ASP B 244 -20.04 -36.90 -13.71
C ASP B 244 -18.84 -37.49 -12.97
N LEU B 245 -19.12 -38.44 -12.08
CA LEU B 245 -18.11 -39.18 -11.28
C LEU B 245 -18.50 -40.66 -11.35
N LYS B 246 -17.69 -41.49 -12.06
CA LYS B 246 -17.69 -42.98 -11.96
C LYS B 246 -16.69 -43.35 -10.85
N VAL B 247 -17.21 -43.72 -9.68
CA VAL B 247 -16.52 -43.84 -8.35
C VAL B 247 -16.13 -45.31 -8.17
N ILE B 248 -14.82 -45.60 -8.23
CA ILE B 248 -14.25 -46.97 -8.15
C ILE B 248 -13.62 -47.13 -6.76
N ASP B 249 -13.92 -48.24 -6.08
CA ASP B 249 -13.40 -48.52 -4.73
C ASP B 249 -12.51 -49.75 -4.81
N PHE B 250 -11.32 -49.68 -4.20
CA PHE B 250 -10.30 -50.76 -4.23
C PHE B 250 -10.18 -51.32 -2.81
N ARG B 251 -10.51 -52.62 -2.68
CA ARG B 251 -10.39 -53.49 -1.48
C ARG B 251 -11.19 -52.89 -0.32
N GLY B 252 -12.18 -52.04 -0.59
CA GLY B 252 -12.84 -51.25 0.47
C GLY B 252 -11.80 -50.47 1.25
N PHE B 253 -10.71 -50.09 0.58
CA PHE B 253 -9.53 -49.44 1.20
C PHE B 253 -9.46 -47.96 0.82
N ARG B 254 -9.56 -47.69 -0.47
CA ARG B 254 -9.40 -46.32 -1.04
C ARG B 254 -10.23 -46.19 -2.31
N LYS B 255 -10.48 -44.97 -2.75
CA LYS B 255 -11.26 -44.82 -4.00
C LYS B 255 -10.75 -43.68 -4.89
N ILE B 256 -10.94 -43.85 -6.19
CA ILE B 256 -10.79 -42.78 -7.19
C ILE B 256 -12.23 -42.45 -7.62
N GLY B 257 -12.44 -41.24 -8.14
CA GLY B 257 -13.68 -40.92 -8.85
C GLY B 257 -13.36 -40.52 -10.26
N VAL B 258 -13.88 -41.27 -11.23
CA VAL B 258 -13.45 -41.13 -12.64
C VAL B 258 -14.56 -40.39 -13.45
N MET B 259 -14.16 -39.57 -14.41
CA MET B 259 -15.12 -38.73 -15.18
C MET B 259 -14.92 -39.03 -16.67
N GLU B 260 -16.02 -39.09 -17.41
CA GLU B 260 -16.00 -39.31 -18.88
C GLU B 260 -15.47 -38.04 -19.56
N LYS B 261 -15.72 -36.85 -18.99
CA LYS B 261 -15.22 -35.59 -19.60
C LYS B 261 -14.33 -34.82 -18.61
N THR B 262 -13.25 -34.19 -19.10
CA THR B 262 -12.36 -33.34 -18.27
C THR B 262 -13.26 -32.33 -17.55
N ASP B 263 -13.36 -32.41 -16.22
CA ASP B 263 -13.98 -31.35 -15.37
C ASP B 263 -12.89 -30.86 -14.42
N SER B 264 -12.12 -29.85 -14.85
CA SER B 264 -11.06 -29.26 -14.00
C SER B 264 -11.66 -28.64 -12.73
N ARG B 265 -12.94 -28.25 -12.69
CA ARG B 265 -13.55 -27.68 -11.47
C ARG B 265 -13.41 -28.71 -10.34
N MET B 266 -13.74 -29.96 -10.66
CA MET B 266 -13.56 -31.11 -9.73
C MET B 266 -12.06 -31.41 -9.54
N MET B 267 -11.27 -31.42 -10.61
CA MET B 267 -9.81 -31.72 -10.56
C MET B 267 -9.12 -30.75 -9.58
N CYS B 268 -9.60 -29.51 -9.43
CA CYS B 268 -8.95 -28.46 -8.62
C CYS B 268 -9.56 -28.36 -7.22
N ALA B 269 -10.85 -28.68 -7.09
CA ALA B 269 -11.58 -28.76 -5.81
C ALA B 269 -11.03 -29.94 -5.02
N GLN B 270 -10.06 -30.68 -5.57
CA GLN B 270 -9.24 -31.62 -4.73
C GLN B 270 -8.41 -30.85 -3.71
N CYS B 271 -8.11 -29.56 -3.94
CA CYS B 271 -7.26 -28.76 -3.03
C CYS B 271 -7.85 -27.37 -2.86
N HIS B 272 -8.13 -26.68 -3.96
CA HIS B 272 -8.72 -25.32 -3.90
C HIS B 272 -10.16 -25.30 -3.38
N VAL B 273 -10.36 -25.73 -2.14
CA VAL B 273 -11.69 -25.61 -1.52
C VAL B 273 -11.52 -25.24 -0.05
N GLU B 274 -12.60 -24.72 0.49
CA GLU B 274 -12.81 -24.71 1.95
C GLU B 274 -12.75 -26.17 2.45
N TYR B 275 -12.20 -26.35 3.63
CA TYR B 275 -12.12 -27.72 4.19
C TYR B 275 -12.01 -27.58 5.69
N ASN B 276 -12.20 -28.72 6.36
CA ASN B 276 -11.73 -28.89 7.75
C ASN B 276 -10.86 -30.15 7.77
N CYS B 277 -9.59 -29.94 8.10
CA CYS B 277 -8.46 -30.90 8.17
C CYS B 277 -7.72 -30.66 9.49
N ASN B 278 -8.48 -30.47 10.56
CA ASN B 278 -7.95 -29.84 11.78
C ASN B 278 -8.87 -30.22 12.93
N PRO B 279 -8.39 -30.23 14.20
CA PRO B 279 -9.32 -30.34 15.32
C PRO B 279 -10.18 -29.06 15.38
N GLY B 280 -11.30 -29.16 16.09
CA GLY B 280 -12.11 -28.00 16.47
C GLY B 280 -12.95 -28.29 17.70
N THR B 281 -14.09 -27.61 17.80
CA THR B 281 -14.91 -27.51 19.05
C THR B 281 -16.40 -27.54 18.70
N GLN B 282 -17.20 -28.25 19.48
CA GLN B 282 -18.66 -28.34 19.23
C GLN B 282 -19.30 -27.09 19.84
N ARG B 283 -20.22 -26.49 19.09
CA ARG B 283 -20.95 -25.27 19.50
C ARG B 283 -21.84 -25.53 20.73
N THR B 284 -22.33 -26.75 20.93
CA THR B 284 -23.26 -27.12 22.05
C THR B 284 -22.49 -27.38 23.36
N ASP B 285 -21.38 -28.15 23.35
CA ASP B 285 -20.72 -28.72 24.56
C ASP B 285 -19.46 -27.97 25.00
N GLY B 286 -18.76 -27.30 24.07
CA GLY B 286 -17.48 -26.61 24.30
C GLY B 286 -16.29 -27.57 24.27
N LYS B 287 -16.54 -28.86 23.97
CA LYS B 287 -15.60 -29.98 24.16
C LYS B 287 -15.04 -30.41 22.80
N PRO B 288 -13.91 -31.14 22.79
CA PRO B 288 -13.14 -31.41 21.57
C PRO B 288 -13.67 -32.27 20.41
N VAL B 289 -13.35 -31.79 19.21
CA VAL B 289 -13.44 -32.58 17.96
C VAL B 289 -12.00 -32.91 17.55
N THR B 290 -11.51 -34.07 18.03
CA THR B 290 -10.15 -34.64 17.84
C THR B 290 -10.15 -35.31 16.48
N PHE B 291 -9.01 -35.85 16.05
CA PHE B 291 -8.84 -36.54 14.73
C PHE B 291 -9.59 -37.88 14.68
N ALA B 292 -10.11 -38.37 15.82
CA ALA B 292 -11.05 -39.51 15.94
C ALA B 292 -12.20 -39.30 14.97
N ASP B 293 -12.69 -38.06 14.97
CA ASP B 293 -13.91 -37.57 14.29
C ASP B 293 -13.58 -37.32 12.82
N ALA B 294 -14.49 -37.76 11.96
CA ALA B 294 -14.48 -37.61 10.50
C ALA B 294 -14.65 -36.13 10.11
N ARG B 295 -15.06 -35.27 11.04
CA ARG B 295 -15.23 -33.82 10.73
C ARG B 295 -13.85 -33.15 10.54
N THR B 296 -12.75 -33.81 10.97
CA THR B 296 -11.34 -33.36 10.77
C THR B 296 -10.79 -33.79 9.40
N ASN B 297 -11.61 -34.27 8.47
CA ASN B 297 -11.21 -34.49 7.05
C ASN B 297 -12.45 -34.34 6.19
N HIS B 298 -12.94 -33.10 6.10
CA HIS B 298 -14.32 -32.75 5.70
C HIS B 298 -14.27 -31.63 4.65
N PHE B 299 -14.96 -31.84 3.53
CA PHE B 299 -15.24 -30.81 2.48
C PHE B 299 -16.72 -30.38 2.53
N PRO B 300 -17.05 -29.13 2.94
CA PRO B 300 -18.44 -28.67 2.88
C PRO B 300 -19.02 -28.59 1.47
N LEU B 301 -18.21 -28.16 0.46
CA LEU B 301 -18.60 -27.82 -0.94
C LEU B 301 -19.81 -26.86 -0.88
N LYS B 302 -19.76 -25.91 0.04
CA LYS B 302 -20.70 -24.77 0.13
C LYS B 302 -19.98 -23.40 0.08
N ASN B 303 -20.73 -22.39 -0.29
CA ASN B 303 -20.15 -21.05 -0.58
C ASN B 303 -20.32 -20.15 0.66
N SER B 304 -19.91 -18.89 0.53
CA SER B 304 -19.95 -17.86 1.60
C SER B 304 -21.35 -17.83 2.22
N LEU B 305 -22.41 -17.93 1.43
CA LEU B 305 -23.81 -17.65 1.85
C LEU B 305 -24.42 -18.87 2.57
N GLN B 306 -23.67 -19.98 2.64
CA GLN B 306 -24.16 -21.29 3.08
C GLN B 306 -23.31 -21.87 4.22
N LEU B 307 -22.12 -21.35 4.50
CA LEU B 307 -21.11 -22.07 5.31
C LEU B 307 -21.42 -21.92 6.80
N LEU B 308 -21.84 -20.75 7.24
CA LEU B 308 -22.16 -20.55 8.68
C LEU B 308 -23.28 -21.54 9.04
N GLU B 309 -24.25 -21.76 8.15
CA GLU B 309 -25.38 -22.69 8.38
C GLU B 309 -24.81 -24.11 8.34
N HIS B 310 -24.00 -24.44 7.33
CA HIS B 310 -23.41 -25.79 7.13
C HIS B 310 -22.69 -26.23 8.41
N TYR B 311 -21.74 -25.43 8.92
CA TYR B 311 -20.91 -25.79 10.11
C TYR B 311 -21.68 -25.66 11.42
N ARG B 312 -22.59 -24.69 11.53
CA ARG B 312 -23.62 -24.71 12.62
C ARG B 312 -24.29 -26.09 12.65
N SER B 313 -24.67 -26.62 11.48
CA SER B 313 -25.40 -27.90 11.33
C SER B 313 -24.58 -29.08 11.91
N ILE B 314 -23.26 -29.18 11.63
CA ILE B 314 -22.42 -30.36 12.03
C ILE B 314 -21.69 -30.07 13.35
N ASP B 315 -22.24 -29.15 14.14
CA ASP B 315 -21.85 -28.75 15.51
C ASP B 315 -20.34 -28.53 15.56
N PHE B 316 -19.81 -27.67 14.67
CA PHE B 316 -18.35 -27.48 14.53
C PHE B 316 -18.01 -26.00 14.39
N PHE B 317 -16.97 -25.54 15.11
CA PHE B 317 -16.25 -24.25 14.86
C PHE B 317 -14.78 -24.42 15.23
N ASP B 318 -13.99 -23.41 14.86
CA ASP B 318 -12.54 -23.55 14.63
C ASP B 318 -11.81 -22.96 15.84
N PHE B 319 -12.06 -21.71 16.17
CA PHE B 319 -11.43 -21.03 17.32
C PHE B 319 -12.42 -20.04 17.92
N LYS B 320 -12.47 -19.96 19.25
CA LYS B 320 -12.96 -18.73 19.91
C LYS B 320 -12.05 -17.57 19.53
N HIS B 321 -12.59 -16.42 19.17
CA HIS B 321 -11.78 -15.21 18.95
C HIS B 321 -11.13 -14.78 20.26
N ALA B 322 -9.91 -14.27 20.20
CA ALA B 322 -9.10 -14.02 21.42
C ALA B 322 -9.76 -12.91 22.26
N VAL B 323 -10.34 -11.89 21.62
CA VAL B 323 -11.07 -10.80 22.34
C VAL B 323 -12.49 -11.30 22.64
N THR B 324 -13.33 -11.53 21.61
CA THR B 324 -14.81 -11.62 21.70
C THR B 324 -15.28 -13.01 22.15
N GLY B 325 -14.48 -14.08 22.00
CA GLY B 325 -14.93 -15.45 22.30
C GLY B 325 -15.92 -16.04 21.29
N ALA B 326 -16.28 -15.32 20.20
CA ALA B 326 -17.09 -15.86 19.10
C ALA B 326 -16.54 -17.21 18.64
N LYS B 327 -17.44 -18.16 18.47
CA LYS B 327 -17.16 -19.49 17.88
C LYS B 327 -17.13 -19.27 16.38
N LEU B 328 -15.91 -19.00 15.90
CA LEU B 328 -15.63 -18.68 14.48
C LEU B 328 -15.24 -19.93 13.68
N ILE B 329 -15.62 -19.89 12.41
CA ILE B 329 -15.13 -20.80 11.33
C ILE B 329 -13.82 -20.21 10.76
N LYS B 330 -12.75 -20.98 10.71
CA LYS B 330 -11.56 -20.57 9.93
C LYS B 330 -11.82 -20.98 8.48
N PHE B 331 -11.81 -19.99 7.58
CA PHE B 331 -12.06 -20.19 6.13
C PHE B 331 -10.73 -20.40 5.43
N GLN B 332 -10.69 -21.29 4.44
CA GLN B 332 -9.51 -21.57 3.58
C GLN B 332 -9.89 -21.69 2.10
N HIS B 333 -9.18 -20.93 1.24
CA HIS B 333 -9.17 -21.04 -0.27
C HIS B 333 -10.38 -21.77 -0.82
N PRO B 334 -11.60 -21.16 -0.78
CA PRO B 334 -12.78 -21.72 -1.42
C PRO B 334 -13.01 -21.31 -2.89
N GLU B 335 -12.00 -21.49 -3.76
CA GLU B 335 -12.11 -21.14 -5.19
C GLU B 335 -13.20 -21.98 -5.86
N ALA B 336 -13.21 -23.32 -5.77
CA ALA B 336 -14.27 -24.13 -6.43
C ALA B 336 -15.66 -23.70 -5.92
N GLU B 337 -15.85 -23.43 -4.63
CA GLU B 337 -17.21 -23.10 -4.12
C GLU B 337 -17.60 -21.68 -4.54
N THR B 338 -16.65 -20.80 -4.70
CA THR B 338 -16.86 -19.40 -5.16
C THR B 338 -17.19 -19.36 -6.66
N TYR B 339 -16.39 -20.06 -7.44
CA TYR B 339 -16.60 -20.21 -8.90
C TYR B 339 -17.95 -20.86 -9.25
N ALA B 340 -18.47 -21.73 -8.38
CA ALA B 340 -19.75 -22.43 -8.59
C ALA B 340 -20.83 -21.37 -8.84
N GLY B 341 -21.43 -21.35 -10.04
CA GLY B 341 -22.62 -20.54 -10.42
C GLY B 341 -22.31 -19.17 -10.97
N SER B 342 -21.03 -18.78 -11.03
CA SER B 342 -20.52 -17.52 -11.64
C SER B 342 -20.82 -17.48 -13.13
N ALA B 343 -20.61 -16.35 -13.80
CA ALA B 343 -20.90 -16.19 -15.25
C ALA B 343 -20.08 -17.19 -16.06
N HIS B 344 -18.78 -17.36 -15.77
CA HIS B 344 -17.87 -18.30 -16.51
C HIS B 344 -18.34 -19.76 -16.27
N ASP B 345 -18.63 -20.16 -15.06
CA ASP B 345 -19.15 -21.53 -14.79
C ASP B 345 -20.46 -21.80 -15.55
N LYS B 346 -21.29 -20.79 -15.70
CA LYS B 346 -22.57 -20.91 -16.43
C LYS B 346 -22.29 -21.00 -17.92
N ALA B 347 -21.20 -20.39 -18.41
CA ALA B 347 -20.73 -20.49 -19.81
C ALA B 347 -20.21 -21.91 -20.09
N GLY B 348 -20.07 -22.74 -19.06
CA GLY B 348 -19.44 -24.06 -19.18
C GLY B 348 -17.93 -24.02 -19.06
N VAL B 349 -17.31 -22.84 -18.87
CA VAL B 349 -15.84 -22.62 -18.70
C VAL B 349 -15.34 -23.26 -17.39
N GLN B 350 -14.19 -23.93 -17.44
CA GLN B 350 -13.58 -24.62 -16.28
C GLN B 350 -12.27 -23.92 -15.84
N CYS B 351 -11.79 -24.22 -14.61
CA CYS B 351 -10.59 -23.64 -13.97
C CYS B 351 -9.44 -23.66 -15.00
N HIS B 352 -9.26 -24.84 -15.63
CA HIS B 352 -8.10 -25.13 -16.51
C HIS B 352 -8.00 -24.11 -17.64
N GLN B 353 -9.10 -23.62 -18.18
CA GLN B 353 -9.11 -22.75 -19.38
C GLN B 353 -8.47 -21.40 -19.06
N CYS B 354 -8.65 -20.86 -17.84
CA CYS B 354 -7.91 -19.62 -17.45
C CYS B 354 -6.52 -19.95 -16.90
N HIS B 355 -6.39 -21.03 -16.12
CA HIS B 355 -5.21 -21.31 -15.26
C HIS B 355 -4.21 -22.30 -15.90
N MET B 356 -4.61 -23.01 -16.95
CA MET B 356 -3.74 -23.95 -17.71
C MET B 356 -3.89 -23.74 -19.21
N PRO B 357 -3.64 -22.51 -19.71
CA PRO B 357 -3.97 -22.23 -21.09
C PRO B 357 -3.02 -22.96 -22.05
N GLN B 358 -3.52 -23.08 -23.27
CA GLN B 358 -2.80 -23.70 -24.42
C GLN B 358 -1.53 -22.89 -24.64
N VAL B 359 -0.39 -23.56 -24.63
CA VAL B 359 0.96 -23.03 -24.94
C VAL B 359 1.62 -24.03 -25.89
N LYS B 360 2.78 -23.68 -26.45
CA LYS B 360 3.58 -24.62 -27.28
C LYS B 360 4.99 -24.80 -26.69
N GLY B 361 5.55 -26.00 -26.91
CA GLY B 361 6.89 -26.40 -26.45
C GLY B 361 7.97 -26.18 -27.49
N LYS B 362 9.11 -26.87 -27.32
CA LYS B 362 10.37 -26.70 -28.09
C LYS B 362 10.08 -26.93 -29.58
N ASP B 363 9.49 -28.09 -29.87
CA ASP B 363 8.99 -28.51 -31.22
C ASP B 363 7.73 -27.71 -31.54
N GLY B 364 6.85 -27.55 -30.55
CA GLY B 364 5.57 -26.83 -30.67
C GLY B 364 4.41 -27.73 -31.05
N LYS B 365 4.19 -28.82 -30.31
CA LYS B 365 2.83 -29.39 -30.15
C LYS B 365 2.11 -28.53 -29.11
N LYS B 366 0.79 -28.50 -29.19
CA LYS B 366 -0.08 -27.67 -28.33
C LYS B 366 -0.31 -28.45 -27.05
N TYR B 367 0.15 -27.92 -25.90
CA TYR B 367 -0.09 -28.51 -24.57
C TYR B 367 -0.80 -27.48 -23.67
N SER B 368 -1.49 -28.01 -22.68
CA SER B 368 -2.05 -27.25 -21.54
C SER B 368 -0.89 -27.02 -20.57
N THR B 369 -0.46 -25.76 -20.31
CA THR B 369 0.73 -25.50 -19.44
C THR B 369 0.40 -26.01 -18.04
N HIS B 370 1.23 -26.87 -17.49
CA HIS B 370 1.02 -27.41 -16.11
C HIS B 370 1.81 -26.57 -15.09
N GLY B 371 2.51 -25.52 -15.52
CA GLY B 371 2.93 -24.43 -14.62
C GLY B 371 1.75 -23.49 -14.46
N VAL B 372 0.90 -23.69 -13.47
CA VAL B 372 -0.39 -22.95 -13.50
C VAL B 372 -0.08 -21.45 -13.51
N VAL B 373 -0.99 -20.65 -14.07
CA VAL B 373 -0.69 -19.23 -14.38
C VAL B 373 -1.50 -18.31 -13.47
N LYS B 374 -1.01 -17.08 -13.31
CA LYS B 374 -1.75 -15.97 -12.65
C LYS B 374 -2.34 -15.17 -13.81
N PRO B 375 -3.64 -15.28 -14.18
CA PRO B 375 -4.11 -14.75 -15.47
C PRO B 375 -3.75 -13.29 -15.77
N ILE B 376 -3.91 -12.42 -14.78
CA ILE B 376 -3.41 -11.00 -14.80
C ILE B 376 -2.00 -11.00 -15.38
N GLN B 377 -1.20 -12.07 -15.21
CA GLN B 377 0.22 -12.14 -15.67
C GLN B 377 0.35 -12.76 -17.07
N MET B 378 -0.74 -13.22 -17.65
CA MET B 378 -0.68 -13.84 -18.99
C MET B 378 -2.04 -13.70 -19.67
N VAL B 379 -2.54 -12.47 -19.80
CA VAL B 379 -3.93 -12.23 -20.26
C VAL B 379 -4.09 -12.70 -21.70
N GLN B 380 -3.03 -12.79 -22.49
CA GLN B 380 -3.21 -13.19 -23.91
C GLN B 380 -3.72 -14.64 -23.95
N GLU B 381 -3.06 -15.56 -23.25
CA GLU B 381 -3.45 -16.99 -23.29
C GLU B 381 -4.69 -17.22 -22.40
N SER B 382 -4.81 -16.59 -21.22
CA SER B 382 -5.85 -16.86 -20.19
C SER B 382 -7.20 -16.22 -20.49
N CYS B 383 -7.20 -15.14 -21.28
CA CYS B 383 -8.32 -14.21 -21.48
C CYS B 383 -8.56 -14.12 -23.00
N ILE B 384 -7.58 -13.64 -23.74
CA ILE B 384 -7.77 -13.09 -25.10
C ILE B 384 -7.87 -14.26 -26.07
N SER B 385 -7.48 -15.46 -25.63
CA SER B 385 -7.70 -16.74 -26.33
C SER B 385 -9.17 -16.90 -26.67
N CYS B 386 -10.06 -16.39 -25.81
CA CYS B 386 -11.52 -16.65 -25.83
C CYS B 386 -12.31 -15.36 -26.05
N HIS B 387 -11.99 -14.33 -25.29
CA HIS B 387 -12.38 -12.92 -25.54
C HIS B 387 -11.49 -12.36 -26.66
N LYS B 388 -11.89 -12.52 -27.92
CA LYS B 388 -10.97 -12.27 -29.08
C LYS B 388 -10.81 -10.77 -29.31
N ASP B 389 -11.77 -9.97 -28.85
CA ASP B 389 -11.88 -8.50 -29.03
C ASP B 389 -11.10 -7.75 -27.95
N TYR B 390 -10.73 -8.41 -26.84
CA TYR B 390 -10.02 -7.75 -25.72
C TYR B 390 -8.60 -7.43 -26.19
N THR B 391 -8.08 -6.23 -25.89
CA THR B 391 -6.62 -6.00 -25.82
C THR B 391 -6.13 -6.48 -24.46
N PRO B 392 -4.79 -6.63 -24.27
CA PRO B 392 -4.23 -6.89 -22.94
C PRO B 392 -4.68 -5.85 -21.91
N ASN B 393 -4.73 -4.58 -22.34
CA ASN B 393 -5.13 -3.49 -21.40
C ASN B 393 -6.55 -3.76 -20.92
N LYS B 394 -7.43 -4.13 -21.84
CA LYS B 394 -8.84 -4.50 -21.59
C LYS B 394 -8.86 -5.65 -20.58
N ALA B 395 -8.14 -6.73 -20.85
CA ALA B 395 -8.28 -7.92 -19.97
C ALA B 395 -7.87 -7.52 -18.53
N LYS B 396 -6.72 -6.86 -18.36
CA LYS B 396 -6.16 -6.29 -17.10
C LYS B 396 -7.24 -5.38 -16.48
N PHE B 397 -7.85 -4.54 -17.30
CA PHE B 397 -8.89 -3.61 -16.80
C PHE B 397 -10.07 -4.38 -16.18
N MET B 398 -10.51 -5.45 -16.82
CA MET B 398 -11.69 -6.24 -16.40
C MET B 398 -11.29 -6.95 -15.10
N ILE B 399 -10.07 -7.47 -15.01
CA ILE B 399 -9.66 -8.19 -13.75
C ILE B 399 -9.61 -7.19 -12.58
N GLU B 400 -8.92 -6.09 -12.79
CA GLU B 400 -8.53 -5.21 -11.69
C GLU B 400 -9.72 -4.40 -11.23
N THR B 401 -10.61 -3.98 -12.12
CA THR B 401 -11.84 -3.20 -11.73
C THR B 401 -12.67 -4.06 -10.80
N ILE B 402 -12.74 -5.33 -11.11
CA ILE B 402 -13.61 -6.28 -10.39
C ILE B 402 -12.94 -6.50 -9.02
N ARG B 403 -11.60 -6.63 -8.99
CA ARG B 403 -10.82 -6.83 -7.74
C ARG B 403 -10.89 -5.51 -6.97
N ASN B 404 -10.84 -4.40 -7.70
CA ASN B 404 -10.94 -3.04 -7.10
C ASN B 404 -12.26 -2.96 -6.31
N TYR B 405 -13.40 -3.28 -6.92
CA TYR B 405 -14.75 -3.04 -6.35
C TYR B 405 -14.85 -3.96 -5.12
N THR B 406 -14.45 -5.19 -5.31
CA THR B 406 -14.57 -6.30 -4.31
C THR B 406 -13.70 -5.96 -3.11
N LYS B 407 -12.44 -5.59 -3.34
CA LYS B 407 -11.48 -5.14 -2.29
C LYS B 407 -12.06 -3.94 -1.52
N GLY B 408 -12.74 -3.01 -2.19
CA GLY B 408 -13.32 -1.85 -1.49
C GLY B 408 -14.26 -2.34 -0.37
N LYS B 409 -15.06 -3.34 -0.68
CA LYS B 409 -16.01 -3.94 0.28
C LYS B 409 -15.24 -4.80 1.28
N MET B 410 -14.18 -5.51 0.87
CA MET B 410 -13.39 -6.37 1.82
C MET B 410 -12.75 -5.47 2.89
N ARG B 411 -12.13 -4.38 2.46
CA ARG B 411 -11.53 -3.40 3.37
C ARG B 411 -12.66 -2.83 4.26
N LYS B 412 -13.82 -2.48 3.73
CA LYS B 412 -14.89 -1.84 4.52
C LYS B 412 -15.40 -2.86 5.55
N SER B 413 -15.49 -4.13 5.18
CA SER B 413 -16.03 -5.14 6.11
C SER B 413 -15.01 -5.41 7.24
N GLU B 414 -13.72 -5.31 6.96
CA GLU B 414 -12.63 -5.42 7.96
C GLU B 414 -12.61 -4.23 8.92
N TYR B 415 -12.80 -3.01 8.40
CA TYR B 415 -13.06 -1.82 9.23
C TYR B 415 -14.21 -2.15 10.20
N TRP B 416 -15.33 -2.70 9.75
CA TRP B 416 -16.54 -2.94 10.60
C TRP B 416 -16.32 -4.13 11.56
N LEU B 417 -15.63 -5.20 11.14
CA LEU B 417 -15.24 -6.26 12.12
C LEU B 417 -14.37 -5.68 13.24
N ALA B 418 -13.34 -4.87 12.95
CA ALA B 418 -12.44 -4.28 13.96
C ALA B 418 -13.23 -3.37 14.90
N GLN B 419 -14.11 -2.53 14.35
CA GLN B 419 -15.02 -1.66 15.15
C GLN B 419 -15.87 -2.56 16.08
N LEU B 420 -16.45 -3.65 15.56
CA LEU B 420 -17.28 -4.65 16.30
C LEU B 420 -16.46 -5.28 17.44
N ILE B 421 -15.22 -5.73 17.16
CA ILE B 421 -14.29 -6.30 18.17
C ILE B 421 -13.96 -5.15 19.15
N ASP B 422 -13.70 -3.95 18.67
CA ASP B 422 -13.23 -2.85 19.55
C ASP B 422 -14.35 -2.46 20.52
N THR B 423 -15.60 -2.38 20.05
CA THR B 423 -16.76 -1.88 20.84
C THR B 423 -17.16 -2.96 21.85
N PHE B 424 -16.82 -4.22 21.57
CA PHE B 424 -17.04 -5.38 22.47
C PHE B 424 -16.10 -5.31 23.67
N ALA B 425 -14.80 -5.13 23.44
CA ALA B 425 -13.81 -4.82 24.51
C ALA B 425 -14.41 -3.73 25.38
N VAL B 426 -14.84 -2.62 24.78
CA VAL B 426 -15.38 -1.46 25.54
C VAL B 426 -16.64 -1.91 26.32
N ALA B 427 -17.61 -2.56 25.67
CA ALA B 427 -18.90 -2.99 26.27
C ALA B 427 -18.66 -3.91 27.46
N GLN B 428 -17.67 -4.83 27.38
CA GLN B 428 -17.24 -5.65 28.55
C GLN B 428 -16.87 -4.71 29.71
N ARG B 429 -15.91 -3.80 29.52
CA ARG B 429 -15.41 -2.89 30.59
C ARG B 429 -16.51 -1.94 31.04
N GLU B 430 -17.49 -1.68 30.20
CA GLU B 430 -18.60 -0.74 30.51
C GLU B 430 -19.74 -1.51 31.18
N GLY B 431 -19.50 -2.79 31.48
CA GLY B 431 -20.40 -3.64 32.29
C GLY B 431 -21.74 -3.87 31.60
N VAL B 432 -21.74 -4.13 30.30
CA VAL B 432 -22.92 -4.78 29.66
C VAL B 432 -22.70 -6.29 29.87
N SER B 433 -23.70 -7.14 29.67
CA SER B 433 -23.83 -8.48 30.30
C SER B 433 -23.84 -9.63 29.30
N PRO B 434 -23.47 -10.86 29.73
CA PRO B 434 -23.41 -12.04 28.87
C PRO B 434 -24.50 -12.15 27.80
N THR B 435 -25.69 -11.61 28.08
CA THR B 435 -26.86 -11.69 27.17
C THR B 435 -26.65 -10.72 26.00
N ILE B 436 -26.40 -9.45 26.30
CA ILE B 436 -26.10 -8.40 25.26
C ILE B 436 -24.80 -8.79 24.57
N LEU B 437 -23.87 -9.40 25.30
CA LEU B 437 -22.54 -9.75 24.74
C LEU B 437 -22.68 -11.02 23.89
N ASP B 438 -23.47 -12.04 24.31
CA ASP B 438 -23.71 -13.29 23.54
C ASP B 438 -24.39 -12.98 22.19
N GLN B 439 -25.22 -11.91 22.13
CA GLN B 439 -25.92 -11.48 20.88
C GLN B 439 -24.91 -10.83 19.94
N ALA B 440 -24.19 -9.80 20.42
CA ALA B 440 -23.03 -9.20 19.72
C ALA B 440 -22.03 -10.27 19.31
N ARG B 441 -21.75 -11.25 20.18
CA ARG B 441 -20.83 -12.35 19.81
C ARG B 441 -21.44 -13.08 18.60
N LEU B 442 -22.78 -13.30 18.59
CA LEU B 442 -23.49 -13.90 17.42
C LEU B 442 -23.29 -13.06 16.14
N LYS B 443 -23.28 -11.72 16.25
CA LYS B 443 -23.05 -10.79 15.09
C LYS B 443 -21.59 -10.90 14.63
N HIS B 444 -20.64 -11.27 15.50
CA HIS B 444 -19.22 -11.52 15.09
C HIS B 444 -19.17 -12.79 14.22
N GLU B 445 -19.74 -13.90 14.68
CA GLU B 445 -19.74 -15.15 13.87
C GLU B 445 -20.10 -14.82 12.42
N GLU B 446 -21.31 -14.28 12.24
CA GLU B 446 -21.95 -14.05 10.93
C GLU B 446 -21.04 -13.15 10.10
N ALA B 447 -20.56 -12.05 10.65
CA ALA B 447 -19.85 -11.04 9.85
C ALA B 447 -18.41 -11.53 9.63
N HIS B 448 -17.91 -12.39 10.52
CA HIS B 448 -16.62 -13.09 10.28
C HIS B 448 -16.80 -14.06 9.11
N ALA B 449 -17.87 -14.89 9.06
CA ALA B 449 -18.10 -15.87 7.96
C ALA B 449 -18.21 -15.14 6.63
N LEU B 450 -19.00 -14.08 6.62
CA LEU B 450 -19.31 -13.29 5.39
C LEU B 450 -18.10 -12.40 4.97
N TRP B 451 -17.02 -12.34 5.76
CA TRP B 451 -15.77 -11.64 5.37
C TRP B 451 -14.64 -12.64 5.08
N GLU B 452 -14.32 -13.54 6.02
CA GLU B 452 -13.00 -14.18 6.03
C GLU B 452 -12.98 -15.03 4.78
N TYR B 453 -14.16 -15.49 4.35
CA TYR B 453 -14.31 -16.38 3.16
C TYR B 453 -13.44 -15.74 2.09
N TRP B 454 -13.60 -14.43 1.94
CA TRP B 454 -13.00 -13.68 0.80
C TRP B 454 -11.51 -13.42 0.93
N THR B 455 -10.91 -13.25 2.13
CA THR B 455 -9.43 -13.19 2.31
C THR B 455 -8.84 -14.60 2.12
N ALA B 456 -9.64 -15.62 2.42
CA ALA B 456 -9.31 -17.05 2.27
C ALA B 456 -9.13 -17.37 0.80
N GLU B 457 -10.05 -16.84 -0.01
CA GLU B 457 -10.27 -17.11 -1.46
C GLU B 457 -9.32 -16.18 -2.18
N ASN B 458 -8.77 -16.64 -3.30
CA ASN B 458 -7.57 -16.01 -3.89
C ASN B 458 -7.89 -15.09 -5.09
N SER B 459 -9.13 -14.96 -5.49
CA SER B 459 -9.51 -14.12 -6.68
C SER B 459 -9.86 -12.70 -6.29
N ASP B 460 -10.06 -12.39 -5.02
CA ASP B 460 -10.54 -11.02 -4.70
C ASP B 460 -11.84 -10.73 -5.48
N GLY B 461 -12.70 -11.73 -5.64
CA GLY B 461 -14.05 -11.65 -6.19
C GLY B 461 -14.14 -11.90 -7.69
N PHE B 462 -13.02 -11.92 -8.42
CA PHE B 462 -13.04 -12.26 -9.87
C PHE B 462 -13.85 -13.54 -10.13
N HIS B 463 -13.58 -14.60 -9.36
CA HIS B 463 -14.28 -15.88 -9.50
C HIS B 463 -15.80 -15.70 -9.33
N ASN B 464 -16.31 -14.72 -8.57
CA ASN B 464 -17.79 -14.62 -8.42
C ASN B 464 -18.10 -13.25 -7.90
N PRO B 465 -18.16 -12.25 -8.80
CA PRO B 465 -18.26 -10.88 -8.29
C PRO B 465 -19.55 -10.64 -7.52
N GLU B 466 -20.67 -11.22 -7.95
CA GLU B 466 -22.02 -11.03 -7.34
C GLU B 466 -22.06 -11.69 -5.97
N GLN B 467 -21.57 -12.90 -5.86
CA GLN B 467 -21.49 -13.55 -4.55
C GLN B 467 -20.71 -12.70 -3.55
N ALA B 468 -19.54 -12.23 -3.95
CA ALA B 468 -18.61 -11.47 -3.10
C ALA B 468 -19.38 -10.29 -2.54
N ARG B 469 -19.99 -9.50 -3.41
CA ARG B 469 -20.66 -8.23 -3.01
C ARG B 469 -21.76 -8.59 -2.02
N GLN B 470 -22.61 -9.58 -2.33
CA GLN B 470 -23.71 -10.06 -1.42
C GLN B 470 -23.11 -10.40 -0.03
N SER B 471 -22.06 -11.23 -0.03
CA SER B 471 -21.42 -11.72 1.22
C SER B 471 -20.79 -10.54 1.95
N LEU B 472 -20.07 -9.67 1.26
CA LEU B 472 -19.24 -8.71 2.00
C LEU B 472 -20.11 -7.60 2.58
N THR B 473 -21.20 -7.24 1.87
CA THR B 473 -22.22 -6.25 2.33
C THR B 473 -22.98 -6.83 3.51
N GLY B 474 -23.31 -8.13 3.44
CA GLY B 474 -23.88 -8.93 4.54
C GLY B 474 -23.01 -8.85 5.78
N SER B 475 -21.70 -9.04 5.64
CA SER B 475 -20.69 -8.92 6.72
C SER B 475 -20.74 -7.53 7.38
N ILE B 476 -20.56 -6.48 6.59
CA ILE B 476 -20.69 -5.05 6.95
C ILE B 476 -22.00 -4.84 7.74
N SER B 477 -23.15 -5.31 7.23
CA SER B 477 -24.52 -5.09 7.81
C SER B 477 -24.56 -5.74 9.21
N ALA B 478 -24.06 -6.97 9.29
CA ALA B 478 -23.92 -7.74 10.56
C ALA B 478 -23.02 -7.00 11.57
N SER B 479 -21.80 -6.62 11.20
CA SER B 479 -20.92 -5.81 12.08
C SER B 479 -21.69 -4.55 12.51
N LYS B 480 -22.34 -3.88 11.55
CA LYS B 480 -23.12 -2.63 11.84
C LYS B 480 -24.22 -2.88 12.90
N ALA B 481 -24.99 -3.97 12.77
CA ALA B 481 -26.03 -4.38 13.73
C ALA B 481 -25.36 -4.65 15.08
N GLY B 482 -24.39 -5.56 15.11
CA GLY B 482 -23.53 -5.85 16.29
C GLY B 482 -23.10 -4.60 17.03
N VAL B 483 -22.49 -3.65 16.34
CA VAL B 483 -21.95 -2.38 16.92
C VAL B 483 -23.12 -1.58 17.49
N LYS B 484 -24.27 -1.64 16.80
CA LYS B 484 -25.52 -0.93 17.14
C LYS B 484 -25.92 -1.41 18.53
N LEU B 485 -26.11 -2.72 18.67
CA LEU B 485 -26.64 -3.31 19.92
C LEU B 485 -25.56 -3.41 21.01
N LEU B 486 -24.34 -2.92 20.79
CA LEU B 486 -23.32 -2.86 21.87
C LEU B 486 -23.38 -1.47 22.50
N ASN B 487 -23.15 -0.44 21.67
CA ASN B 487 -23.13 0.98 22.10
C ASN B 487 -24.49 1.35 22.70
N ASP B 488 -25.55 0.69 22.23
CA ASP B 488 -26.94 0.86 22.77
C ASP B 488 -26.92 0.34 24.20
N ALA B 489 -26.66 -0.96 24.36
CA ALA B 489 -26.50 -1.64 25.66
C ALA B 489 -25.52 -0.87 26.56
N ILE B 490 -24.45 -0.28 25.99
CA ILE B 490 -23.40 0.52 26.71
C ILE B 490 -24.03 1.81 27.29
N MET B 491 -25.15 2.28 26.74
CA MET B 491 -25.90 3.42 27.33
C MET B 491 -26.94 2.88 28.33
N ALA B 492 -27.56 1.72 28.04
CA ALA B 492 -28.54 1.02 28.92
C ALA B 492 -27.97 0.85 30.34
N VAL B 493 -26.67 0.64 30.47
CA VAL B 493 -25.99 0.42 31.77
C VAL B 493 -26.00 1.72 32.59
N LYS B 494 -25.41 2.82 32.09
CA LYS B 494 -25.08 4.01 32.92
C LYS B 494 -26.20 5.06 32.91
N GLN B 495 -27.22 4.90 32.06
CA GLN B 495 -28.45 5.73 32.01
C GLN B 495 -29.03 5.89 33.42
N GLY C 1 -33.90 31.91 -43.43
CA GLY C 1 -34.97 32.39 -42.46
C GLY C 1 -34.41 33.15 -41.26
N ARG C 2 -33.12 32.94 -40.94
CA ARG C 2 -32.38 33.44 -39.73
C ARG C 2 -32.80 34.86 -39.28
N GLU C 3 -33.01 35.83 -40.18
CA GLU C 3 -33.47 37.19 -39.78
C GLU C 3 -34.87 37.10 -39.18
N THR C 4 -35.73 36.25 -39.74
CA THR C 4 -37.09 35.98 -39.18
C THR C 4 -36.91 35.56 -37.72
N CYS C 5 -36.02 34.59 -37.46
CA CYS C 5 -35.78 34.02 -36.11
C CYS C 5 -35.31 35.13 -35.16
N TYR C 6 -34.26 35.85 -35.59
CA TYR C 6 -33.54 36.85 -34.75
C TYR C 6 -34.51 37.93 -34.23
N ALA C 7 -35.68 38.06 -34.87
CA ALA C 7 -36.76 39.01 -34.50
C ALA C 7 -37.18 38.85 -33.04
N CYS C 8 -37.19 37.64 -32.48
CA CYS C 8 -37.75 37.45 -31.12
C CYS C 8 -36.67 36.85 -30.20
N HIS C 9 -35.44 36.83 -30.74
CA HIS C 9 -34.22 36.11 -30.25
C HIS C 9 -32.95 36.91 -30.61
N THR C 10 -32.72 38.09 -30.02
CA THR C 10 -31.54 38.92 -30.41
C THR C 10 -30.26 38.51 -29.69
N GLU C 11 -30.33 37.83 -28.53
CA GLU C 11 -29.12 37.33 -27.83
C GLU C 11 -28.40 36.33 -28.74
N VAL C 12 -29.16 35.46 -29.41
CA VAL C 12 -28.62 34.47 -30.38
C VAL C 12 -28.00 35.24 -31.56
N LYS C 13 -28.63 36.35 -31.94
CA LYS C 13 -28.09 37.18 -33.04
C LYS C 13 -26.74 37.77 -32.62
N SER C 14 -26.69 38.42 -31.47
CA SER C 14 -25.51 39.03 -30.81
C SER C 14 -24.38 38.00 -30.64
N LEU C 15 -24.67 36.83 -30.07
CA LEU C 15 -23.70 35.69 -30.06
C LEU C 15 -23.22 35.29 -31.47
N LYS C 16 -24.11 35.12 -32.46
CA LYS C 16 -23.89 34.27 -33.68
C LYS C 16 -23.37 35.09 -34.86
N GLU C 17 -24.04 36.18 -35.24
CA GLU C 17 -23.58 36.98 -36.41
C GLU C 17 -22.13 37.38 -36.12
N ASN C 18 -21.28 37.21 -37.12
CA ASN C 18 -19.85 37.62 -37.17
C ASN C 18 -19.01 36.73 -36.26
N SER C 19 -19.63 35.73 -35.65
CA SER C 19 -18.99 34.62 -34.91
C SER C 19 -18.38 33.68 -35.94
N LYS C 20 -17.83 32.55 -35.50
CA LYS C 20 -17.17 31.53 -36.35
C LYS C 20 -18.18 30.44 -36.76
N HIS C 21 -19.36 30.39 -36.11
CA HIS C 21 -20.51 29.57 -36.58
C HIS C 21 -21.51 30.46 -37.33
N ALA C 22 -21.09 31.65 -37.77
CA ALA C 22 -22.01 32.57 -38.51
C ALA C 22 -22.81 31.76 -39.53
N ALA C 23 -22.16 31.01 -40.41
CA ALA C 23 -22.79 30.35 -41.61
C ALA C 23 -23.71 29.17 -41.26
N ILE C 24 -23.66 28.62 -40.05
CA ILE C 24 -24.47 27.42 -39.66
C ILE C 24 -25.97 27.78 -39.60
N ALA C 25 -26.78 27.05 -40.35
CA ALA C 25 -28.25 27.26 -40.46
C ALA C 25 -28.91 26.83 -39.15
N CYS C 26 -29.94 27.55 -38.72
CA CYS C 26 -30.71 27.28 -37.47
C CYS C 26 -31.21 25.82 -37.46
N THR C 27 -31.10 25.12 -38.59
CA THR C 27 -31.74 23.81 -38.91
C THR C 27 -30.75 22.66 -38.68
N VAL C 28 -29.43 22.93 -38.63
CA VAL C 28 -28.38 21.92 -38.32
C VAL C 28 -28.52 21.44 -36.86
N CYS C 29 -29.08 22.26 -35.97
CA CYS C 29 -29.14 22.00 -34.51
C CYS C 29 -30.58 22.07 -33.99
N HIS C 30 -31.49 22.83 -34.62
CA HIS C 30 -32.91 22.95 -34.15
C HIS C 30 -33.85 22.29 -35.19
N ASP C 31 -34.71 21.38 -34.70
CA ASP C 31 -35.67 20.63 -35.54
C ASP C 31 -37.05 21.28 -35.35
N LYS C 32 -37.95 21.14 -36.33
CA LYS C 32 -39.36 21.61 -36.24
C LYS C 32 -39.44 23.14 -36.23
N THR C 33 -38.44 23.82 -36.78
CA THR C 33 -38.34 25.31 -36.79
C THR C 33 -39.61 25.84 -37.47
N LYS C 34 -40.05 25.16 -38.56
CA LYS C 34 -41.21 25.45 -39.46
C LYS C 34 -42.49 25.55 -38.64
N GLU C 35 -42.81 24.49 -37.89
CA GLU C 35 -43.98 24.43 -36.96
C GLU C 35 -43.89 25.56 -35.92
N HIS C 36 -42.68 26.01 -35.59
CA HIS C 36 -42.43 27.12 -34.64
C HIS C 36 -42.80 28.44 -35.33
N LEU C 37 -42.37 28.59 -36.57
CA LEU C 37 -42.63 29.79 -37.43
C LEU C 37 -44.10 29.84 -37.84
N GLU C 38 -44.69 28.68 -38.10
CA GLU C 38 -45.98 28.54 -38.83
C GLU C 38 -47.13 28.40 -37.84
N LYS C 39 -46.89 27.95 -36.61
CA LYS C 39 -47.96 28.00 -35.56
C LYS C 39 -47.41 28.63 -34.27
N GLY C 40 -46.24 29.26 -34.35
CA GLY C 40 -45.80 30.32 -33.42
C GLY C 40 -45.16 29.79 -32.15
N PRO C 41 -44.80 30.69 -31.20
CA PRO C 41 -44.11 30.32 -29.97
C PRO C 41 -44.55 29.00 -29.32
N ASP C 42 -45.87 28.75 -29.27
CA ASP C 42 -46.49 27.55 -28.63
C ASP C 42 -45.68 26.29 -28.98
N VAL C 43 -45.44 26.05 -30.28
CA VAL C 43 -44.62 24.90 -30.77
C VAL C 43 -43.15 25.31 -30.83
N LYS C 44 -42.40 24.91 -29.78
CA LYS C 44 -40.94 25.07 -29.58
C LYS C 44 -40.22 24.23 -30.63
N PRO C 45 -39.13 24.70 -31.27
CA PRO C 45 -38.28 23.82 -32.06
C PRO C 45 -37.70 22.77 -31.10
N VAL C 46 -37.29 21.62 -31.63
CA VAL C 46 -36.53 20.61 -30.83
C VAL C 46 -35.05 20.93 -31.01
N THR C 47 -34.35 20.93 -29.88
CA THR C 47 -32.90 21.17 -29.73
C THR C 47 -32.30 19.92 -29.12
N LYS C 48 -31.93 18.92 -29.93
CA LYS C 48 -31.39 17.66 -29.37
C LYS C 48 -29.96 17.97 -28.93
N ILE C 49 -29.75 18.12 -27.62
CA ILE C 49 -28.43 18.36 -26.98
C ILE C 49 -27.53 17.16 -27.29
N ASP C 50 -26.55 17.30 -28.18
CA ASP C 50 -25.87 16.12 -28.78
C ASP C 50 -24.46 16.49 -29.27
N GLN C 51 -23.44 15.85 -28.68
CA GLN C 51 -22.02 15.98 -29.09
C GLN C 51 -21.82 15.57 -30.56
N ALA C 52 -22.59 14.62 -31.10
CA ALA C 52 -22.44 14.14 -32.49
C ALA C 52 -22.68 15.30 -33.48
N VAL C 53 -23.57 16.23 -33.12
CA VAL C 53 -23.90 17.41 -33.98
C VAL C 53 -22.60 18.22 -34.13
N CYS C 54 -22.02 18.65 -33.01
CA CYS C 54 -20.69 19.32 -32.94
C CYS C 54 -19.64 18.43 -33.61
N GLY C 55 -19.73 17.11 -33.34
CA GLY C 55 -18.80 16.11 -33.88
C GLY C 55 -18.69 16.10 -35.39
N SER C 56 -19.79 16.37 -36.10
CA SER C 56 -19.86 16.27 -37.58
C SER C 56 -18.85 17.26 -38.21
N CYS C 57 -18.48 18.36 -37.54
CA CYS C 57 -17.43 19.30 -38.04
C CYS C 57 -16.23 19.43 -37.09
N HIS C 58 -16.19 18.70 -35.98
CA HIS C 58 -15.09 18.79 -34.98
C HIS C 58 -14.69 17.37 -34.59
N LYS C 59 -14.31 16.56 -35.59
CA LYS C 59 -14.27 15.10 -35.35
C LYS C 59 -13.24 14.80 -34.24
N ASN C 60 -12.17 15.59 -34.10
CA ASN C 60 -11.02 15.20 -33.23
C ASN C 60 -11.41 15.32 -31.75
N GLN C 61 -11.97 16.50 -31.42
CA GLN C 61 -12.51 16.88 -30.10
C GLN C 61 -13.65 15.92 -29.77
N TYR C 62 -14.34 15.40 -30.80
CA TYR C 62 -15.47 14.44 -30.61
C TYR C 62 -14.89 13.03 -30.39
N GLU C 63 -14.00 12.56 -31.27
CA GLU C 63 -13.47 11.17 -31.09
C GLU C 63 -12.56 11.11 -29.85
N SER C 64 -11.87 12.21 -29.47
CA SER C 64 -10.89 12.25 -28.36
C SER C 64 -11.70 12.12 -27.06
N PHE C 65 -12.77 12.92 -26.90
CA PHE C 65 -13.73 12.78 -25.78
C PHE C 65 -14.25 11.32 -25.65
N TYR C 66 -14.54 10.60 -26.74
CA TYR C 66 -15.25 9.29 -26.66
C TYR C 66 -14.27 8.11 -26.74
N ALA C 67 -12.98 8.32 -27.05
CA ALA C 67 -12.00 7.21 -27.24
C ALA C 67 -12.04 6.36 -25.97
N VAL C 68 -12.01 5.03 -26.09
CA VAL C 68 -12.04 4.14 -24.90
C VAL C 68 -10.60 3.75 -24.63
N HIS C 69 -10.08 3.95 -23.40
CA HIS C 69 -8.76 3.41 -22.98
C HIS C 69 -8.92 2.65 -21.67
N HIS C 70 -8.10 1.63 -21.52
CA HIS C 70 -8.20 0.69 -20.38
C HIS C 70 -6.95 0.84 -19.53
N ASP C 71 -7.06 1.67 -18.51
CA ASP C 71 -6.08 1.73 -17.42
C ASP C 71 -5.97 0.31 -16.88
N PRO C 72 -4.78 -0.32 -16.95
CA PRO C 72 -4.70 -1.75 -16.70
C PRO C 72 -4.80 -2.06 -15.20
N THR C 73 -4.77 -1.03 -14.34
CA THR C 73 -4.95 -1.16 -12.85
C THR C 73 -6.45 -1.01 -12.49
N GLY C 74 -7.27 -0.67 -13.48
CA GLY C 74 -8.72 -0.83 -13.48
C GLY C 74 -9.37 0.42 -12.96
N ALA C 75 -10.66 0.38 -12.75
CA ALA C 75 -11.45 1.55 -12.34
C ALA C 75 -12.26 1.13 -11.13
N ARG C 76 -13.28 1.94 -10.81
CA ARG C 76 -14.07 1.78 -9.57
C ARG C 76 -13.10 1.63 -8.39
N LYS C 77 -12.07 2.48 -8.30
CA LYS C 77 -11.08 2.40 -7.18
C LYS C 77 -11.65 3.04 -5.93
N GLU C 78 -12.11 2.22 -4.99
CA GLU C 78 -12.55 2.77 -3.66
C GLU C 78 -11.38 3.54 -3.00
N LYS C 79 -11.67 4.73 -2.47
CA LYS C 79 -10.64 5.60 -1.88
C LYS C 79 -10.29 5.08 -0.47
N GLY C 80 -11.29 4.46 0.16
CA GLY C 80 -11.31 4.08 1.58
C GLY C 80 -10.34 2.94 1.87
N ILE C 81 -9.51 2.47 0.95
CA ILE C 81 -8.64 1.27 1.28
C ILE C 81 -7.28 1.70 1.87
N PRO C 82 -6.51 0.81 2.57
CA PRO C 82 -5.24 1.17 3.19
C PRO C 82 -4.25 1.97 2.33
N ALA C 83 -4.01 1.53 1.09
CA ALA C 83 -3.09 2.22 0.16
C ALA C 83 -3.89 3.14 -0.77
N GLY C 84 -5.15 3.43 -0.48
CA GLY C 84 -5.95 4.37 -1.28
C GLY C 84 -5.69 5.81 -0.88
N ARG C 85 -6.34 6.77 -1.54
CA ARG C 85 -6.13 8.23 -1.32
C ARG C 85 -6.71 8.71 0.02
N SER C 86 -7.61 7.91 0.62
CA SER C 86 -8.35 8.31 1.84
C SER C 86 -8.45 7.12 2.77
N PRO C 87 -7.29 6.63 3.28
CA PRO C 87 -7.23 5.35 3.97
C PRO C 87 -8.04 5.25 5.26
N LEU C 88 -8.35 6.37 5.90
CA LEU C 88 -9.20 6.36 7.14
C LEU C 88 -10.51 7.11 6.85
N GLN C 89 -10.98 7.01 5.62
CA GLN C 89 -12.32 7.52 5.20
C GLN C 89 -13.43 7.00 6.14
N ASP C 90 -13.53 5.69 6.31
CA ASP C 90 -14.70 5.12 7.03
C ASP C 90 -14.73 5.74 8.43
N LYS C 91 -13.57 5.89 9.08
CA LYS C 91 -13.51 6.43 10.48
C LYS C 91 -13.86 7.92 10.38
N LEU C 92 -13.22 8.63 9.45
CA LEU C 92 -13.29 10.12 9.49
C LEU C 92 -14.64 10.67 8.95
N LEU C 93 -15.32 10.04 7.99
CA LEU C 93 -16.65 10.45 7.45
C LEU C 93 -17.75 9.54 8.05
N ALA C 94 -17.49 8.94 9.22
CA ALA C 94 -18.52 8.11 9.90
C ALA C 94 -19.76 8.98 10.09
N GLY C 95 -20.90 8.52 9.61
CA GLY C 95 -22.15 9.32 9.50
C GLY C 95 -22.56 9.58 8.07
N HIS C 96 -21.59 9.75 7.16
CA HIS C 96 -21.80 10.29 5.77
C HIS C 96 -21.99 9.16 4.77
N GLY C 97 -22.73 9.44 3.70
CA GLY C 97 -23.04 8.50 2.61
C GLY C 97 -21.82 8.08 1.83
N PHE C 98 -20.77 8.91 1.81
CA PHE C 98 -19.47 8.56 1.17
C PHE C 98 -18.97 7.27 1.79
N THR C 99 -19.40 6.94 3.02
CA THR C 99 -19.01 5.62 3.63
C THR C 99 -19.57 4.41 2.87
N PHE C 100 -20.56 4.54 1.97
CA PHE C 100 -21.12 3.39 1.21
C PHE C 100 -20.21 3.12 0.01
N GLU C 101 -19.92 4.11 -0.79
CA GLU C 101 -18.97 4.00 -1.92
C GLU C 101 -18.48 5.39 -2.28
N HIS C 102 -17.17 5.53 -2.39
CA HIS C 102 -16.52 6.68 -3.05
C HIS C 102 -15.27 6.23 -3.82
N ALA C 103 -15.37 6.15 -5.15
CA ALA C 103 -14.23 5.75 -6.00
C ALA C 103 -13.52 6.97 -6.59
N GLU C 104 -12.31 6.71 -7.06
CA GLU C 104 -11.47 7.68 -7.79
C GLU C 104 -12.21 8.05 -9.07
N PRO C 105 -11.95 9.25 -9.61
CA PRO C 105 -12.60 9.66 -10.86
C PRO C 105 -12.02 8.79 -11.97
N ARG C 106 -12.81 8.49 -12.99
CA ARG C 106 -12.30 8.01 -14.31
C ARG C 106 -12.76 8.97 -15.43
N GLY C 107 -12.78 8.51 -16.69
CA GLY C 107 -12.97 9.36 -17.89
C GLY C 107 -14.31 10.09 -17.93
N HIS C 108 -14.30 11.23 -18.59
CA HIS C 108 -15.48 12.11 -18.82
C HIS C 108 -16.68 11.39 -19.46
N ALA C 109 -16.55 10.48 -20.43
CA ALA C 109 -17.71 9.85 -21.11
C ALA C 109 -18.53 8.97 -20.14
N TYR C 110 -17.90 8.60 -19.02
CA TYR C 110 -18.48 7.72 -17.98
C TYR C 110 -19.19 8.53 -16.89
N MET C 111 -19.11 9.85 -16.89
CA MET C 111 -19.62 10.63 -15.68
C MET C 111 -21.11 10.35 -15.39
N VAL C 112 -21.97 10.07 -16.38
CA VAL C 112 -23.43 9.90 -16.07
C VAL C 112 -23.60 8.52 -15.48
N VAL C 113 -23.08 7.55 -16.19
CA VAL C 113 -23.21 6.13 -15.80
C VAL C 113 -22.73 6.01 -14.36
N ASP C 114 -21.55 6.57 -14.07
CA ASP C 114 -20.83 6.39 -12.79
C ASP C 114 -21.62 7.03 -11.64
N GLN C 115 -22.10 8.25 -11.79
CA GLN C 115 -22.93 8.84 -10.71
C GLN C 115 -24.18 8.00 -10.45
N PHE C 116 -24.85 7.45 -11.49
CA PHE C 116 -26.17 6.77 -11.33
C PHE C 116 -25.90 5.37 -10.77
N ALA C 117 -24.72 4.83 -11.06
CA ALA C 117 -24.33 3.43 -10.75
C ALA C 117 -23.75 3.25 -9.35
N VAL C 118 -23.03 4.26 -8.84
CA VAL C 118 -22.29 4.24 -7.54
C VAL C 118 -23.28 3.73 -6.46
N ASP C 119 -22.75 3.11 -5.41
CA ASP C 119 -23.62 2.50 -4.36
C ASP C 119 -24.30 3.64 -3.58
N ARG C 120 -23.78 4.85 -3.56
CA ARG C 120 -24.36 5.91 -2.70
C ARG C 120 -25.47 6.68 -3.47
N PHE C 121 -25.67 6.45 -4.79
CA PHE C 121 -26.59 7.31 -5.60
C PHE C 121 -28.08 7.06 -5.28
N GLN C 122 -28.66 5.91 -5.65
CA GLN C 122 -30.10 5.66 -5.47
C GLN C 122 -30.33 4.21 -5.05
N GLY C 123 -29.67 3.75 -3.98
CA GLY C 123 -29.91 2.44 -3.35
C GLY C 123 -29.51 1.27 -4.26
N GLY C 124 -28.58 1.49 -5.22
CA GLY C 124 -28.20 0.49 -6.24
C GLY C 124 -29.27 0.26 -7.29
N ARG C 125 -30.20 1.20 -7.48
CA ARG C 125 -31.32 0.99 -8.41
C ARG C 125 -30.76 0.80 -9.83
N TYR C 126 -29.86 1.68 -10.24
CA TYR C 126 -29.33 1.70 -11.63
C TYR C 126 -28.05 0.88 -11.70
N GLN C 127 -27.96 0.07 -12.75
CA GLN C 127 -26.87 -0.91 -12.97
C GLN C 127 -26.49 -1.04 -14.46
N PHE C 128 -25.20 -1.24 -14.70
CA PHE C 128 -24.63 -1.64 -16.01
C PHE C 128 -25.43 -2.85 -16.54
N LYS C 129 -26.02 -2.68 -17.72
CA LYS C 129 -26.59 -3.79 -18.53
C LYS C 129 -25.43 -4.75 -18.80
N GLY C 130 -25.67 -6.05 -18.66
CA GLY C 130 -24.60 -7.07 -18.80
C GLY C 130 -23.53 -7.00 -17.70
N GLY C 131 -23.58 -6.03 -16.78
CA GLY C 131 -22.62 -5.84 -15.68
C GLY C 131 -21.18 -5.59 -16.09
N TRP C 132 -20.26 -6.30 -15.45
CA TRP C 132 -18.82 -5.90 -15.39
C TRP C 132 -18.16 -5.90 -16.78
N LYS C 133 -18.45 -6.90 -17.60
CA LYS C 133 -17.87 -6.97 -18.97
C LYS C 133 -18.25 -5.72 -19.77
N ASN C 134 -19.30 -5.03 -19.37
CA ASN C 134 -19.72 -3.76 -20.03
C ASN C 134 -19.37 -2.50 -19.21
N TYR C 135 -18.49 -2.53 -18.22
CA TYR C 135 -18.12 -1.33 -17.43
C TYR C 135 -17.38 -0.30 -18.27
N ASP C 136 -16.82 -0.68 -19.43
CA ASP C 136 -16.01 0.28 -20.21
C ASP C 136 -16.81 0.85 -21.38
N LYS C 137 -18.10 0.54 -21.52
CA LYS C 137 -18.92 1.03 -22.65
C LYS C 137 -19.21 2.52 -22.45
N VAL C 138 -19.10 3.31 -23.52
CA VAL C 138 -19.46 4.74 -23.49
C VAL C 138 -20.64 4.98 -24.43
N GLY C 139 -21.20 6.19 -24.27
CA GLY C 139 -22.29 6.74 -25.10
C GLY C 139 -23.51 7.01 -24.25
N LYS C 140 -24.64 6.45 -24.67
CA LYS C 140 -25.98 6.82 -24.21
C LYS C 140 -26.20 6.16 -22.85
N THR C 141 -26.56 6.95 -21.84
CA THR C 141 -26.79 6.56 -20.41
C THR C 141 -27.68 5.30 -20.31
N TRP C 142 -28.76 5.19 -21.10
CA TRP C 142 -29.82 4.14 -20.94
C TRP C 142 -29.65 3.02 -21.96
N ASP C 143 -28.65 3.13 -22.83
CA ASP C 143 -28.10 1.99 -23.61
C ASP C 143 -27.12 1.26 -22.72
N ILE C 144 -26.41 1.99 -21.85
CA ILE C 144 -25.39 1.46 -20.89
C ILE C 144 -26.11 0.88 -19.66
N LEU C 145 -26.96 1.66 -18.99
CA LEU C 145 -27.60 1.19 -17.72
C LEU C 145 -28.98 0.59 -17.94
N GLU C 146 -29.39 -0.23 -16.98
CA GLU C 146 -30.80 -0.60 -16.78
C GLU C 146 -31.22 -0.03 -15.44
N ASP C 147 -32.53 0.01 -15.25
CA ASP C 147 -33.25 0.52 -14.07
C ASP C 147 -34.00 -0.59 -13.38
N ARG C 148 -33.51 -1.21 -12.31
CA ARG C 148 -34.29 -2.33 -11.71
C ARG C 148 -35.46 -1.84 -10.85
N GLY C 149 -35.98 -0.63 -11.03
CA GLY C 149 -37.29 -0.24 -10.46
C GLY C 149 -37.22 0.47 -9.10
N PRO C 150 -38.25 1.29 -8.79
CA PRO C 150 -38.38 1.96 -7.48
C PRO C 150 -38.27 1.11 -6.20
N ASN C 151 -38.63 -0.16 -6.25
CA ASN C 151 -38.86 -0.98 -5.03
C ASN C 151 -37.71 -1.95 -4.78
N ALA C 152 -36.84 -2.17 -5.78
CA ALA C 152 -35.62 -2.98 -5.66
C ALA C 152 -34.80 -2.49 -4.45
N LYS C 153 -34.15 -3.42 -3.75
CA LYS C 153 -33.16 -3.13 -2.67
C LYS C 153 -31.80 -3.68 -3.12
N LEU C 154 -30.76 -2.96 -2.74
CA LEU C 154 -29.37 -3.45 -2.77
C LEU C 154 -28.78 -3.15 -1.40
N PRO C 155 -28.26 -4.14 -0.66
CA PRO C 155 -27.65 -3.87 0.63
C PRO C 155 -26.39 -2.98 0.60
N GLU C 156 -26.24 -2.14 1.62
CA GLU C 156 -25.07 -1.26 1.87
C GLU C 156 -25.00 -0.27 0.72
N THR C 157 -26.17 0.25 0.36
CA THR C 157 -26.31 1.38 -0.58
C THR C 157 -26.79 2.60 0.19
N ALA C 158 -26.84 3.76 -0.46
CA ALA C 158 -27.46 4.98 0.08
C ALA C 158 -28.25 5.69 -1.04
N MET C 159 -28.87 6.81 -0.67
CA MET C 159 -29.90 7.54 -1.46
C MET C 159 -29.49 9.01 -1.57
N ALA C 160 -28.21 9.26 -1.87
CA ALA C 160 -27.63 10.62 -1.87
C ALA C 160 -28.11 11.37 -3.12
N GLY C 161 -28.54 10.65 -4.15
CA GLY C 161 -28.77 11.24 -5.50
C GLY C 161 -29.88 12.29 -5.46
N ASN C 162 -29.73 13.38 -6.21
CA ASN C 162 -30.73 14.47 -6.23
C ASN C 162 -30.54 15.21 -7.55
N PRO C 163 -31.52 16.04 -7.97
CA PRO C 163 -31.47 16.73 -9.24
C PRO C 163 -30.19 17.55 -9.46
N THR C 164 -29.72 18.25 -8.42
CA THR C 164 -28.61 19.22 -8.54
C THR C 164 -27.35 18.44 -8.95
N CYS C 165 -27.23 17.20 -8.45
CA CYS C 165 -26.17 16.23 -8.84
C CYS C 165 -25.88 16.30 -10.35
N ILE C 166 -26.94 16.27 -11.18
CA ILE C 166 -26.94 16.01 -12.66
C ILE C 166 -26.24 17.20 -13.32
N GLN C 167 -26.28 18.38 -12.68
CA GLN C 167 -25.74 19.63 -13.25
C GLN C 167 -24.22 19.52 -13.37
N CYS C 168 -23.55 18.53 -12.75
CA CYS C 168 -22.10 18.40 -12.97
C CYS C 168 -21.80 17.04 -13.62
N LYS C 169 -22.69 16.56 -14.50
CA LYS C 169 -22.53 15.33 -15.30
C LYS C 169 -23.13 15.42 -16.70
N SER C 170 -23.95 16.45 -17.04
CA SER C 170 -24.58 16.55 -18.38
C SER C 170 -24.93 18.01 -18.67
N SER C 171 -24.80 18.38 -19.95
CA SER C 171 -25.44 19.59 -20.55
C SER C 171 -26.87 19.24 -21.03
N ASP C 172 -27.43 18.08 -20.64
CA ASP C 172 -28.74 17.64 -21.16
C ASP C 172 -29.91 18.50 -20.66
N LEU C 173 -29.85 19.16 -19.51
CA LEU C 173 -31.00 19.92 -18.96
C LEU C 173 -30.85 21.43 -19.24
N ILE C 174 -30.13 21.83 -20.28
CA ILE C 174 -29.68 23.25 -20.35
C ILE C 174 -30.91 24.11 -20.66
N LEU C 175 -31.86 23.59 -21.45
CA LEU C 175 -33.14 24.29 -21.75
C LEU C 175 -34.27 23.80 -20.83
N GLN C 176 -34.01 22.86 -19.92
CA GLN C 176 -35.10 22.27 -19.10
C GLN C 176 -34.92 22.53 -17.60
N TRP C 177 -34.07 23.50 -17.23
CA TRP C 177 -33.66 23.83 -15.84
C TRP C 177 -33.52 25.35 -15.68
N LYS C 178 -34.34 25.91 -14.80
CA LYS C 178 -34.33 27.36 -14.47
C LYS C 178 -33.28 27.59 -13.37
N HIS C 179 -32.66 28.77 -13.40
CA HIS C 179 -31.52 29.24 -12.57
C HIS C 179 -31.56 28.70 -11.14
N LEU C 180 -30.48 28.00 -10.78
CA LEU C 180 -30.20 27.45 -9.43
C LEU C 180 -31.25 26.41 -9.08
N GLY C 181 -32.04 25.97 -10.06
CA GLY C 181 -33.06 24.91 -9.90
C GLY C 181 -34.22 25.33 -9.02
N GLU C 182 -34.50 26.64 -8.96
CA GLU C 182 -35.84 27.13 -8.55
C GLU C 182 -36.85 26.67 -9.63
N LYS C 183 -38.15 26.73 -9.31
CA LYS C 183 -39.24 26.08 -10.10
C LYS C 183 -39.51 26.77 -11.44
N GLY C 184 -40.19 26.06 -12.34
CA GLY C 184 -40.71 26.63 -13.61
C GLY C 184 -40.10 25.97 -14.82
N GLY C 185 -39.04 25.18 -14.62
CA GLY C 185 -38.46 24.32 -15.66
C GLY C 185 -38.99 22.90 -15.58
N LYS C 186 -38.73 22.11 -16.62
CA LYS C 186 -39.08 20.67 -16.61
C LYS C 186 -38.70 20.12 -15.22
N PHE C 187 -37.44 20.30 -14.81
CA PHE C 187 -36.94 19.87 -13.47
C PHE C 187 -36.52 21.07 -12.61
N ASP C 188 -36.36 20.83 -11.30
CA ASP C 188 -35.83 21.73 -10.24
C ASP C 188 -35.31 20.92 -9.04
N ARG C 189 -34.74 21.58 -8.05
CA ARG C 189 -33.99 20.93 -6.93
C ARG C 189 -34.87 19.95 -6.17
N THR C 190 -36.19 20.19 -6.18
CA THR C 190 -37.21 19.44 -5.41
C THR C 190 -37.74 18.26 -6.25
N SER C 191 -37.43 18.24 -7.55
CA SER C 191 -37.81 17.14 -8.48
C SER C 191 -37.35 15.77 -7.90
N ASN C 192 -38.09 14.69 -8.15
CA ASN C 192 -37.63 13.30 -7.88
C ASN C 192 -36.46 13.01 -8.83
N VAL C 193 -35.33 12.59 -8.28
CA VAL C 193 -34.07 12.30 -9.03
C VAL C 193 -34.42 11.21 -10.05
N ASN C 194 -35.36 10.31 -9.72
CA ASN C 194 -35.71 9.20 -10.64
C ASN C 194 -36.55 9.67 -11.82
N ASP C 195 -37.25 10.79 -11.72
CA ASP C 195 -37.73 11.50 -12.94
C ASP C 195 -36.49 12.05 -13.68
N VAL C 196 -35.61 12.81 -13.02
CA VAL C 196 -34.51 13.58 -13.70
C VAL C 196 -33.61 12.65 -14.52
N VAL C 197 -33.24 11.48 -14.00
CA VAL C 197 -32.21 10.61 -14.64
C VAL C 197 -32.66 10.12 -16.03
N LYS C 198 -33.95 9.87 -16.26
CA LYS C 198 -34.44 9.29 -17.55
C LYS C 198 -34.31 10.34 -18.66
N ALA C 199 -34.15 11.59 -18.29
CA ALA C 199 -33.89 12.71 -19.22
C ALA C 199 -32.39 12.81 -19.57
N ILE C 200 -31.50 12.09 -18.86
CA ILE C 200 -30.02 12.28 -19.01
C ILE C 200 -29.45 11.20 -19.91
N ASN C 201 -29.25 11.52 -21.17
CA ASN C 201 -28.70 10.59 -22.19
C ASN C 201 -27.19 10.78 -22.34
N ASN C 202 -26.67 11.99 -22.19
CA ASN C 202 -25.26 12.31 -22.49
C ASN C 202 -24.45 12.72 -21.25
N PRO C 203 -23.11 12.49 -21.26
CA PRO C 203 -22.19 13.15 -20.35
C PRO C 203 -22.06 14.65 -20.71
N VAL C 204 -21.07 15.33 -20.14
CA VAL C 204 -20.80 16.79 -20.38
C VAL C 204 -20.84 17.06 -21.88
N GLY C 205 -21.68 18.04 -22.26
CA GLY C 205 -21.83 18.45 -23.66
C GLY C 205 -20.67 19.33 -24.10
N CYS C 206 -20.36 19.22 -25.39
CA CYS C 206 -19.59 20.20 -26.22
C CYS C 206 -20.05 21.60 -25.86
N ILE C 207 -21.37 21.79 -25.71
CA ILE C 207 -22.02 23.08 -25.37
C ILE C 207 -21.66 23.54 -23.95
N HIS C 208 -21.18 22.66 -23.04
CA HIS C 208 -20.83 23.07 -21.66
C HIS C 208 -19.72 24.15 -21.65
N CYS C 209 -18.78 24.13 -22.58
CA CYS C 209 -17.58 24.98 -22.48
C CYS C 209 -17.55 25.97 -23.65
N HIS C 210 -18.37 25.70 -24.69
CA HIS C 210 -18.28 26.36 -26.03
C HIS C 210 -19.67 26.74 -26.56
N ASP C 211 -19.93 28.04 -26.76
CA ASP C 211 -21.22 28.53 -27.30
C ASP C 211 -21.53 27.90 -28.65
N PRO C 212 -22.73 27.30 -28.82
CA PRO C 212 -23.10 26.65 -30.07
C PRO C 212 -23.42 27.75 -31.11
N HIS C 213 -23.95 28.87 -30.61
CA HIS C 213 -24.43 30.00 -31.45
C HIS C 213 -23.21 30.74 -32.02
N GLY C 214 -22.07 30.83 -31.31
CA GLY C 214 -20.91 31.65 -31.74
C GLY C 214 -19.52 31.00 -31.59
N ALA C 215 -19.43 29.78 -31.05
CA ALA C 215 -18.16 29.03 -30.82
C ALA C 215 -17.30 29.75 -29.76
N GLN C 216 -17.86 30.70 -29.02
CA GLN C 216 -17.20 31.42 -27.89
C GLN C 216 -16.83 30.41 -26.82
N PRO C 217 -15.73 30.60 -26.03
CA PRO C 217 -15.43 29.76 -24.86
C PRO C 217 -16.47 30.29 -23.87
N ARG C 218 -16.97 29.50 -22.91
CA ARG C 218 -18.11 29.95 -22.07
C ARG C 218 -18.40 29.02 -20.87
N ILE C 219 -19.34 29.40 -19.96
CA ILE C 219 -19.87 28.55 -18.83
C ILE C 219 -21.40 28.64 -18.70
N VAL C 220 -22.06 27.49 -18.43
CA VAL C 220 -23.54 27.35 -18.29
C VAL C 220 -23.91 26.97 -16.86
N ARG C 221 -22.93 26.65 -16.02
CA ARG C 221 -23.25 26.13 -14.68
C ARG C 221 -23.79 27.28 -13.84
N ASP C 222 -24.99 27.09 -13.30
CA ASP C 222 -25.80 28.13 -12.62
C ASP C 222 -25.10 28.62 -11.35
N GLY C 223 -24.70 27.72 -10.45
CA GLY C 223 -24.04 28.00 -9.17
C GLY C 223 -22.70 28.72 -9.31
N LEU C 224 -22.00 28.52 -10.42
CA LEU C 224 -20.69 29.15 -10.68
C LEU C 224 -20.93 30.62 -10.99
N ILE C 225 -21.76 30.83 -11.99
CA ILE C 225 -22.26 32.20 -12.32
C ILE C 225 -22.70 32.90 -11.02
N ALA C 226 -23.71 32.40 -10.30
CA ALA C 226 -24.09 32.97 -8.98
C ALA C 226 -22.84 33.39 -8.19
N ALA C 227 -21.78 32.56 -8.14
CA ALA C 227 -20.54 32.87 -7.39
C ALA C 227 -19.68 33.90 -8.14
N ILE C 228 -19.61 33.91 -9.47
CA ILE C 228 -18.74 34.91 -10.15
C ILE C 228 -19.44 36.28 -10.08
N GLU C 229 -20.76 36.30 -9.83
CA GLU C 229 -21.62 37.51 -9.68
C GLU C 229 -21.64 38.00 -8.22
N LYS C 230 -21.39 37.12 -7.26
CA LYS C 230 -21.37 37.56 -5.85
C LYS C 230 -20.03 38.26 -5.57
N ASP C 231 -19.07 38.23 -6.52
CA ASP C 231 -17.63 38.60 -6.31
C ASP C 231 -16.94 38.75 -7.66
N PRO C 232 -17.41 39.66 -8.52
CA PRO C 232 -16.80 39.88 -9.83
C PRO C 232 -15.35 40.42 -9.71
N ALA C 233 -15.02 41.05 -8.59
CA ALA C 233 -13.77 41.82 -8.37
C ALA C 233 -12.72 40.98 -7.63
N LYS C 234 -13.11 40.21 -6.62
CA LYS C 234 -12.16 39.51 -5.70
C LYS C 234 -12.31 37.98 -5.80
N ASN C 235 -12.86 37.42 -6.89
CA ASN C 235 -13.05 35.93 -6.96
C ASN C 235 -11.80 35.34 -7.59
N ILE C 236 -11.58 34.05 -7.36
CA ILE C 236 -10.30 33.37 -7.73
C ILE C 236 -9.99 33.53 -9.21
N PHE C 237 -10.98 33.82 -10.07
CA PHE C 237 -10.79 33.95 -11.54
C PHE C 237 -10.64 35.42 -11.91
N ALA C 238 -10.95 36.32 -10.97
CA ALA C 238 -10.87 37.80 -11.16
C ALA C 238 -9.42 38.21 -11.46
N LYS C 239 -9.30 39.44 -11.93
CA LYS C 239 -8.03 40.12 -12.24
C LYS C 239 -8.36 41.59 -12.40
N ASN C 240 -7.62 42.48 -11.74
CA ASN C 240 -7.81 43.95 -11.86
C ASN C 240 -9.18 44.35 -11.29
N GLY C 241 -9.74 43.56 -10.37
CA GLY C 241 -11.08 43.80 -9.79
C GLY C 241 -12.19 43.52 -10.80
N LYS C 242 -11.93 42.61 -11.75
CA LYS C 242 -12.78 42.30 -12.92
C LYS C 242 -12.58 40.82 -13.32
N THR C 243 -13.58 40.20 -13.94
CA THR C 243 -13.48 38.82 -14.48
C THR C 243 -13.82 38.84 -15.96
N ASP C 244 -13.08 38.06 -16.77
CA ASP C 244 -13.37 37.81 -18.20
C ASP C 244 -14.65 36.94 -18.29
N LEU C 245 -15.78 37.51 -17.87
CA LEU C 245 -17.14 36.92 -17.98
C LEU C 245 -18.20 38.01 -18.01
N LYS C 246 -19.12 37.89 -18.97
CA LYS C 246 -20.32 38.74 -19.14
C LYS C 246 -21.54 37.82 -19.16
N VAL C 247 -22.49 37.98 -18.22
CA VAL C 247 -23.67 37.07 -18.11
C VAL C 247 -24.68 37.50 -19.20
N ILE C 248 -25.23 36.53 -19.95
CA ILE C 248 -26.42 36.66 -20.83
C ILE C 248 -27.57 35.91 -20.16
N ASP C 249 -28.67 36.62 -19.81
CA ASP C 249 -29.82 36.06 -19.04
C ASP C 249 -31.02 35.89 -19.97
N PHE C 250 -31.56 34.66 -20.11
CA PHE C 250 -32.76 34.38 -20.94
C PHE C 250 -34.01 34.34 -20.05
N ARG C 251 -34.92 35.31 -20.28
CA ARG C 251 -36.34 35.28 -19.86
C ARG C 251 -36.40 35.42 -18.34
N GLY C 252 -35.25 35.71 -17.73
CA GLY C 252 -34.97 35.46 -16.31
C GLY C 252 -35.20 33.99 -15.98
N PHE C 253 -34.78 33.08 -16.86
CA PHE C 253 -34.98 31.62 -16.69
C PHE C 253 -33.62 30.91 -16.54
N ARG C 254 -32.68 31.27 -17.41
CA ARG C 254 -31.33 30.66 -17.45
C ARG C 254 -30.32 31.74 -17.81
N LYS C 255 -29.04 31.46 -17.59
CA LYS C 255 -27.91 32.35 -17.91
C LYS C 255 -26.72 31.57 -18.47
N ILE C 256 -26.02 32.16 -19.43
CA ILE C 256 -24.69 31.69 -19.89
C ILE C 256 -23.65 32.75 -19.51
N GLY C 257 -22.38 32.39 -19.70
CA GLY C 257 -21.21 33.20 -19.31
C GLY C 257 -20.19 33.18 -20.43
N VAL C 258 -20.26 34.17 -21.32
CA VAL C 258 -19.23 34.33 -22.40
C VAL C 258 -18.04 35.05 -21.77
N MET C 259 -16.88 34.40 -21.83
CA MET C 259 -15.56 34.98 -21.52
C MET C 259 -14.98 35.49 -22.84
N GLU C 260 -14.35 36.67 -22.81
CA GLU C 260 -13.74 37.24 -24.02
C GLU C 260 -12.64 36.31 -24.53
N LYS C 261 -11.82 35.68 -23.66
CA LYS C 261 -11.01 34.50 -24.10
C LYS C 261 -11.01 33.38 -23.04
N THR C 262 -10.52 32.25 -23.50
CA THR C 262 -10.35 30.98 -22.75
C THR C 262 -9.76 31.21 -21.37
N ASP C 263 -10.51 30.73 -20.39
CA ASP C 263 -10.07 30.51 -19.01
C ASP C 263 -10.61 29.10 -18.68
N SER C 264 -9.84 28.05 -19.00
CA SER C 264 -10.28 26.68 -18.62
C SER C 264 -10.31 26.57 -17.10
N ARG C 265 -9.74 27.53 -16.34
CA ARG C 265 -9.96 27.54 -14.87
C ARG C 265 -11.48 27.70 -14.66
N MET C 266 -12.17 28.57 -15.40
CA MET C 266 -13.65 28.70 -15.32
C MET C 266 -14.39 27.51 -16.02
N MET C 267 -13.96 26.98 -17.17
CA MET C 267 -14.77 25.89 -17.78
C MET C 267 -14.76 24.76 -16.75
N CYS C 268 -13.58 24.50 -16.19
CA CYS C 268 -13.30 23.26 -15.41
C CYS C 268 -13.96 23.40 -14.02
N ALA C 269 -13.93 24.61 -13.45
CA ALA C 269 -14.56 24.98 -12.15
C ALA C 269 -16.08 24.86 -12.19
N GLN C 270 -16.71 24.64 -13.35
CA GLN C 270 -18.18 24.38 -13.46
C GLN C 270 -18.42 23.06 -12.73
N CYS C 271 -17.46 22.14 -12.71
CA CYS C 271 -17.61 20.94 -11.84
C CYS C 271 -16.45 20.71 -10.89
N HIS C 272 -15.19 20.95 -11.26
CA HIS C 272 -14.02 20.70 -10.36
C HIS C 272 -13.86 21.77 -9.28
N VAL C 273 -14.87 21.93 -8.44
CA VAL C 273 -14.96 22.82 -7.26
C VAL C 273 -15.47 22.03 -6.06
N GLU C 274 -15.21 22.54 -4.88
CA GLU C 274 -16.07 22.39 -3.69
C GLU C 274 -17.42 23.08 -3.95
N TYR C 275 -18.47 22.47 -3.44
CA TYR C 275 -19.88 22.75 -3.78
C TYR C 275 -20.75 22.12 -2.70
N ASN C 276 -21.84 22.82 -2.37
CA ASN C 276 -22.98 22.25 -1.63
C ASN C 276 -24.13 21.99 -2.59
N CYS C 277 -24.54 20.73 -2.69
CA CYS C 277 -25.66 20.32 -3.57
C CYS C 277 -26.53 19.26 -2.89
N ASN C 278 -26.80 19.48 -1.62
CA ASN C 278 -27.35 18.41 -0.76
C ASN C 278 -28.14 19.10 0.33
N PRO C 279 -29.07 18.39 1.00
CA PRO C 279 -29.64 18.88 2.24
C PRO C 279 -28.59 18.97 3.35
N GLY C 280 -28.83 19.79 4.37
CA GLY C 280 -27.86 20.09 5.42
C GLY C 280 -28.48 20.29 6.80
N THR C 281 -27.71 20.87 7.71
CA THR C 281 -28.23 21.29 9.04
C THR C 281 -27.77 22.72 9.32
N GLN C 282 -28.52 23.45 10.14
CA GLN C 282 -28.09 24.82 10.52
C GLN C 282 -27.30 24.73 11.83
N ARG C 283 -26.21 25.48 11.89
CA ARG C 283 -25.23 25.54 13.02
C ARG C 283 -25.91 26.25 14.20
N THR C 284 -26.38 27.48 13.99
CA THR C 284 -27.12 28.30 14.98
C THR C 284 -28.29 27.48 15.53
N ASP C 285 -29.21 27.12 14.63
CA ASP C 285 -30.62 26.83 14.97
C ASP C 285 -30.85 25.32 15.01
N GLY C 286 -30.07 24.53 14.25
CA GLY C 286 -30.16 23.05 14.26
C GLY C 286 -31.24 22.54 13.32
N LYS C 287 -31.93 23.43 12.61
CA LYS C 287 -33.05 23.05 11.71
C LYS C 287 -32.49 22.28 10.53
N PRO C 288 -33.29 21.40 9.88
CA PRO C 288 -32.90 20.84 8.59
C PRO C 288 -32.77 22.00 7.60
N VAL C 289 -32.10 21.76 6.46
CA VAL C 289 -31.87 22.70 5.32
C VAL C 289 -32.16 21.99 3.98
N THR C 290 -33.13 22.53 3.20
CA THR C 290 -33.93 21.82 2.17
C THR C 290 -33.55 22.25 0.75
N PHE C 291 -34.03 21.48 -0.24
CA PHE C 291 -33.92 21.76 -1.69
C PHE C 291 -34.60 23.07 -2.08
N ALA C 292 -35.55 23.52 -1.27
CA ALA C 292 -36.13 24.88 -1.33
C ALA C 292 -35.05 25.91 -0.97
N ASP C 293 -33.98 25.53 -0.26
CA ASP C 293 -32.86 26.47 0.06
C ASP C 293 -31.87 26.49 -1.09
N ALA C 294 -31.55 27.69 -1.57
CA ALA C 294 -30.59 28.00 -2.66
C ALA C 294 -29.15 27.72 -2.21
N ARG C 295 -28.91 27.45 -0.93
CA ARG C 295 -27.59 26.93 -0.49
C ARG C 295 -27.45 25.46 -0.88
N THR C 296 -28.45 24.87 -1.55
CA THR C 296 -28.41 23.43 -1.98
C THR C 296 -28.03 23.37 -3.47
N ASN C 297 -27.63 24.51 -4.06
CA ASN C 297 -26.96 24.61 -5.38
C ASN C 297 -25.99 25.78 -5.33
N HIS C 298 -24.79 25.59 -4.78
CA HIS C 298 -23.95 26.69 -4.23
C HIS C 298 -22.43 26.49 -4.47
N PHE C 299 -21.76 27.42 -5.16
CA PHE C 299 -20.28 27.38 -5.32
C PHE C 299 -19.67 28.43 -4.40
N PRO C 300 -19.06 28.03 -3.27
CA PRO C 300 -18.37 29.00 -2.39
C PRO C 300 -17.19 29.73 -3.00
N LEU C 301 -16.42 29.04 -3.86
CA LEU C 301 -15.10 29.39 -4.45
C LEU C 301 -14.17 29.93 -3.33
N LYS C 302 -14.06 29.19 -2.23
CA LYS C 302 -13.10 29.44 -1.14
C LYS C 302 -12.10 28.28 -1.15
N ASN C 303 -10.87 28.54 -0.76
CA ASN C 303 -9.86 27.46 -0.63
C ASN C 303 -9.94 26.78 0.75
N SER C 304 -8.98 25.91 1.06
CA SER C 304 -8.96 25.11 2.30
C SER C 304 -8.89 26.02 3.51
N LEU C 305 -8.18 27.16 3.41
CA LEU C 305 -7.89 28.06 4.56
C LEU C 305 -9.15 28.86 4.96
N GLN C 306 -10.12 28.98 4.05
CA GLN C 306 -11.29 29.90 4.11
C GLN C 306 -12.63 29.17 4.31
N LEU C 307 -12.72 27.90 3.92
CA LEU C 307 -14.00 27.16 3.79
C LEU C 307 -14.70 26.99 5.14
N LEU C 308 -13.96 26.87 6.27
CA LEU C 308 -14.64 26.63 7.56
C LEU C 308 -15.43 27.89 7.89
N GLU C 309 -14.82 29.07 7.72
CA GLU C 309 -15.44 30.35 8.19
C GLU C 309 -16.57 30.74 7.22
N HIS C 310 -16.45 30.39 5.92
CA HIS C 310 -17.54 30.49 4.90
C HIS C 310 -18.77 29.69 5.33
N TYR C 311 -18.61 28.41 5.64
CA TYR C 311 -19.74 27.54 6.03
C TYR C 311 -20.26 27.95 7.41
N ARG C 312 -19.49 28.77 8.11
CA ARG C 312 -19.99 29.37 9.36
C ARG C 312 -20.67 30.68 8.94
N SER C 313 -20.10 31.40 7.97
CA SER C 313 -20.72 32.62 7.39
C SER C 313 -22.01 32.28 6.61
N ILE C 314 -22.53 31.04 6.69
CA ILE C 314 -23.89 30.69 6.17
C ILE C 314 -24.60 29.68 7.06
N ASP C 315 -24.21 29.54 8.32
CA ASP C 315 -24.93 28.65 9.26
C ASP C 315 -25.31 27.43 8.44
N PHE C 316 -24.31 26.76 7.86
CA PHE C 316 -24.49 25.55 7.02
C PHE C 316 -23.44 24.54 7.46
N PHE C 317 -23.86 23.31 7.70
CA PHE C 317 -22.93 22.17 7.65
C PHE C 317 -23.62 21.02 6.96
N ASP C 318 -22.89 19.95 6.77
CA ASP C 318 -23.36 18.77 5.99
C ASP C 318 -23.79 17.65 6.95
N PHE C 319 -23.00 17.35 7.97
CA PHE C 319 -23.25 16.17 8.84
C PHE C 319 -22.51 16.22 10.18
N LYS C 320 -23.18 15.64 11.17
CA LYS C 320 -22.61 15.37 12.48
C LYS C 320 -21.77 14.10 12.39
N HIS C 321 -20.56 14.21 12.88
CA HIS C 321 -19.65 13.05 12.98
C HIS C 321 -20.27 12.08 13.99
N ALA C 322 -20.53 10.85 13.54
CA ALA C 322 -21.31 9.79 14.22
C ALA C 322 -20.76 9.53 15.63
N VAL C 323 -19.47 9.74 15.87
CA VAL C 323 -18.81 9.57 17.20
C VAL C 323 -18.84 10.90 17.94
N THR C 324 -18.01 11.88 17.52
CA THR C 324 -17.70 13.12 18.28
C THR C 324 -18.94 14.03 18.30
N GLY C 325 -19.84 13.84 17.33
CA GLY C 325 -21.03 14.68 17.12
C GLY C 325 -20.68 16.02 16.50
N ALA C 326 -19.44 16.24 16.03
CA ALA C 326 -19.02 17.54 15.47
C ALA C 326 -19.71 17.85 14.14
N LYS C 327 -19.99 19.14 13.90
CA LYS C 327 -20.82 19.69 12.81
C LYS C 327 -19.88 19.92 11.63
N LEU C 328 -19.71 18.87 10.82
CA LEU C 328 -18.65 18.85 9.79
C LEU C 328 -19.16 19.32 8.44
N ILE C 329 -18.24 19.96 7.72
CA ILE C 329 -18.30 20.29 6.27
C ILE C 329 -17.97 19.00 5.49
N LYS C 330 -18.78 18.60 4.50
CA LYS C 330 -18.42 17.54 3.52
C LYS C 330 -17.74 18.28 2.37
N PHE C 331 -16.51 17.91 2.06
CA PHE C 331 -15.67 18.63 1.08
C PHE C 331 -15.69 17.82 -0.20
N GLN C 332 -15.70 18.44 -1.39
CA GLN C 332 -15.64 17.67 -2.66
C GLN C 332 -14.75 18.39 -3.68
N HIS C 333 -13.90 17.62 -4.36
CA HIS C 333 -13.06 18.03 -5.53
C HIS C 333 -12.91 19.54 -5.67
N PRO C 334 -12.13 20.24 -4.81
CA PRO C 334 -11.85 21.65 -5.04
C PRO C 334 -10.60 21.89 -5.92
N GLU C 335 -10.49 21.32 -7.12
CA GLU C 335 -9.29 21.53 -7.94
C GLU C 335 -9.19 23.03 -8.28
N ALA C 336 -10.31 23.76 -8.43
CA ALA C 336 -10.31 25.19 -8.85
C ALA C 336 -9.83 26.06 -7.68
N GLU C 337 -10.35 25.83 -6.48
CA GLU C 337 -9.99 26.67 -5.32
C GLU C 337 -8.61 26.25 -4.83
N THR C 338 -8.08 25.13 -5.32
CA THR C 338 -6.71 24.73 -5.01
C THR C 338 -5.77 25.42 -5.99
N TYR C 339 -5.97 25.16 -7.28
CA TYR C 339 -5.13 25.66 -8.38
C TYR C 339 -5.01 27.19 -8.25
N ALA C 340 -5.99 27.86 -7.65
CA ALA C 340 -5.96 29.34 -7.58
C ALA C 340 -4.76 29.85 -6.76
N GLY C 341 -3.94 30.72 -7.31
CA GLY C 341 -2.87 31.45 -6.62
C GLY C 341 -1.59 30.64 -6.52
N SER C 342 -1.59 29.43 -7.07
CA SER C 342 -0.44 28.52 -7.12
C SER C 342 0.63 28.95 -8.16
N ALA C 343 1.82 28.38 -8.04
CA ALA C 343 2.91 28.50 -9.03
C ALA C 343 2.35 28.60 -10.44
N HIS C 344 1.63 27.58 -10.94
CA HIS C 344 1.31 27.50 -12.39
C HIS C 344 0.23 28.55 -12.68
N ASP C 345 -0.79 28.63 -11.84
CA ASP C 345 -1.81 29.69 -11.92
C ASP C 345 -1.11 31.03 -12.07
N LYS C 346 -0.21 31.39 -11.12
CA LYS C 346 0.51 32.69 -11.10
C LYS C 346 1.15 32.97 -12.45
N ALA C 347 1.69 31.94 -13.10
CA ALA C 347 2.44 32.02 -14.38
C ALA C 347 1.50 32.02 -15.61
N GLY C 348 0.18 32.10 -15.42
CA GLY C 348 -0.79 32.20 -16.53
C GLY C 348 -1.11 30.84 -17.12
N VAL C 349 -0.73 29.75 -16.43
CA VAL C 349 -1.10 28.38 -16.87
C VAL C 349 -2.49 28.06 -16.32
N GLN C 350 -3.30 27.42 -17.15
CA GLN C 350 -4.68 26.97 -16.88
C GLN C 350 -4.81 25.44 -17.05
N CYS C 351 -5.85 24.84 -16.48
CA CYS C 351 -6.08 23.36 -16.43
C CYS C 351 -5.81 22.69 -17.78
N HIS C 352 -6.26 23.33 -18.86
CA HIS C 352 -6.21 22.74 -20.22
C HIS C 352 -4.79 22.46 -20.73
N GLN C 353 -3.74 23.19 -20.34
CA GLN C 353 -2.37 22.99 -20.92
C GLN C 353 -1.81 21.69 -20.35
N CYS C 354 -2.16 21.34 -19.11
CA CYS C 354 -1.69 20.06 -18.52
C CYS C 354 -2.67 18.91 -18.81
N HIS C 355 -3.98 19.14 -18.74
CA HIS C 355 -5.06 18.09 -18.77
C HIS C 355 -5.65 17.86 -20.19
N MET C 356 -5.53 18.83 -21.11
CA MET C 356 -6.03 18.69 -22.51
C MET C 356 -4.90 19.11 -23.43
N PRO C 357 -3.75 18.41 -23.43
CA PRO C 357 -2.58 18.91 -24.16
C PRO C 357 -2.80 18.70 -25.66
N GLN C 358 -1.86 19.19 -26.47
CA GLN C 358 -1.88 19.18 -27.95
C GLN C 358 -1.47 17.82 -28.50
N VAL C 359 -2.23 17.23 -29.42
CA VAL C 359 -1.85 15.93 -30.05
C VAL C 359 -2.08 15.98 -31.57
N LYS C 360 -1.38 15.11 -32.28
CA LYS C 360 -1.51 15.01 -33.76
C LYS C 360 -2.59 13.97 -34.06
N GLY C 361 -3.79 14.43 -34.44
CA GLY C 361 -4.90 13.56 -34.88
C GLY C 361 -5.04 13.59 -36.39
N LYS C 362 -6.28 13.51 -36.85
CA LYS C 362 -6.65 13.59 -38.28
C LYS C 362 -5.76 12.59 -39.03
N ASP C 363 -4.80 13.13 -39.79
CA ASP C 363 -3.70 12.41 -40.47
C ASP C 363 -2.40 13.17 -40.17
N GLY C 364 -2.51 14.44 -39.73
CA GLY C 364 -1.38 15.28 -39.27
C GLY C 364 -1.85 16.68 -38.88
N LYS C 365 -2.86 16.77 -38.01
CA LYS C 365 -3.49 18.05 -37.60
C LYS C 365 -3.50 18.18 -36.07
N LYS C 366 -3.32 19.40 -35.59
CA LYS C 366 -3.09 19.79 -34.18
C LYS C 366 -4.44 20.06 -33.51
N TYR C 367 -4.64 19.48 -32.32
CA TYR C 367 -5.81 19.79 -31.48
C TYR C 367 -5.49 19.56 -30.00
N SER C 368 -6.42 20.02 -29.15
CA SER C 368 -6.47 19.80 -27.69
C SER C 368 -7.29 18.55 -27.41
N THR C 369 -6.72 17.54 -26.79
CA THR C 369 -7.45 16.29 -26.47
C THR C 369 -8.60 16.62 -25.51
N HIS C 370 -9.79 16.08 -25.77
CA HIS C 370 -11.03 16.31 -24.96
C HIS C 370 -11.31 15.05 -24.11
N GLY C 371 -10.58 13.97 -24.33
CA GLY C 371 -10.41 12.98 -23.25
C GLY C 371 -9.37 13.52 -22.28
N VAL C 372 -9.79 14.02 -21.11
CA VAL C 372 -8.87 14.65 -20.13
C VAL C 372 -7.79 13.64 -19.71
N VAL C 373 -6.59 14.16 -19.69
CA VAL C 373 -5.29 13.47 -19.46
C VAL C 373 -5.03 13.42 -17.96
N LYS C 374 -4.62 12.25 -17.46
CA LYS C 374 -3.92 12.21 -16.15
C LYS C 374 -2.42 12.43 -16.38
N PRO C 375 -1.88 13.62 -16.05
CA PRO C 375 -0.53 14.02 -16.49
C PRO C 375 0.68 13.16 -16.12
N ILE C 376 0.74 12.57 -14.91
CA ILE C 376 1.80 11.59 -14.51
C ILE C 376 1.94 10.58 -15.66
N GLN C 377 0.83 10.34 -16.38
CA GLN C 377 0.61 9.31 -17.44
C GLN C 377 0.96 9.86 -18.81
N MET C 378 1.30 11.15 -18.94
CA MET C 378 1.59 11.73 -20.28
C MET C 378 2.56 12.91 -20.14
N VAL C 379 3.68 12.72 -19.43
CA VAL C 379 4.58 13.81 -18.97
C VAL C 379 5.13 14.56 -20.21
N GLN C 380 5.31 13.87 -21.32
CA GLN C 380 5.89 14.55 -22.52
C GLN C 380 4.95 15.67 -22.97
N GLU C 381 3.66 15.38 -23.12
CA GLU C 381 2.70 16.37 -23.68
C GLU C 381 2.13 17.22 -22.55
N SER C 382 1.97 16.67 -21.34
CA SER C 382 1.48 17.41 -20.15
C SER C 382 2.54 18.36 -19.57
N CYS C 383 3.82 17.99 -19.56
CA CYS C 383 4.87 18.71 -18.81
C CYS C 383 6.00 19.20 -19.73
N ILE C 384 6.58 18.32 -20.57
CA ILE C 384 7.85 18.61 -21.26
C ILE C 384 7.56 19.56 -22.44
N SER C 385 6.32 19.57 -22.95
CA SER C 385 5.82 20.59 -23.92
C SER C 385 6.24 21.97 -23.46
N CYS C 386 6.04 22.29 -22.18
CA CYS C 386 6.47 23.56 -21.56
C CYS C 386 7.88 23.41 -21.01
N HIS C 387 8.11 22.46 -20.11
CA HIS C 387 9.38 22.33 -19.34
C HIS C 387 10.36 21.64 -20.29
N LYS C 388 10.83 22.36 -21.31
CA LYS C 388 11.47 21.78 -22.54
C LYS C 388 12.65 20.89 -22.15
N ASP C 389 13.34 21.25 -21.06
CA ASP C 389 14.58 20.60 -20.57
C ASP C 389 14.30 19.37 -19.70
N TYR C 390 13.06 19.11 -19.28
CA TYR C 390 12.67 17.97 -18.42
C TYR C 390 12.74 16.63 -19.18
N THR C 391 13.37 15.60 -18.58
CA THR C 391 13.24 14.21 -19.02
C THR C 391 11.93 13.63 -18.48
N PRO C 392 11.34 12.59 -19.10
CA PRO C 392 10.13 11.99 -18.55
C PRO C 392 10.36 11.64 -17.06
N ASN C 393 11.51 11.09 -16.72
CA ASN C 393 11.81 10.72 -15.29
C ASN C 393 11.72 11.95 -14.39
N LYS C 394 12.35 13.04 -14.79
CA LYS C 394 12.40 14.29 -13.98
C LYS C 394 10.98 14.77 -13.74
N ALA C 395 10.14 14.81 -14.79
CA ALA C 395 8.71 15.24 -14.74
C ALA C 395 7.99 14.40 -13.72
N LYS C 396 8.11 13.10 -13.86
CA LYS C 396 7.49 12.16 -12.93
C LYS C 396 8.04 12.42 -11.53
N PHE C 397 9.37 12.58 -11.42
CA PHE C 397 10.05 12.83 -10.14
C PHE C 397 9.35 14.03 -9.52
N MET C 398 9.17 15.10 -10.27
CA MET C 398 8.59 16.33 -9.65
C MET C 398 7.17 16.08 -9.13
N ILE C 399 6.27 15.52 -9.95
CA ILE C 399 4.84 15.28 -9.61
C ILE C 399 4.81 14.44 -8.34
N GLU C 400 5.54 13.34 -8.38
CA GLU C 400 5.53 12.35 -7.27
C GLU C 400 6.19 12.87 -6.01
N THR C 401 7.27 13.66 -6.10
CA THR C 401 8.00 14.23 -4.93
C THR C 401 6.97 15.12 -4.19
N ILE C 402 6.25 15.97 -4.92
CA ILE C 402 5.30 16.91 -4.25
C ILE C 402 4.18 16.10 -3.58
N ARG C 403 3.72 15.06 -4.29
CA ARG C 403 2.59 14.14 -3.95
C ARG C 403 3.05 13.45 -2.66
N ASN C 404 4.30 12.98 -2.66
CA ASN C 404 4.92 12.22 -1.56
C ASN C 404 4.92 13.07 -0.29
N TYR C 405 5.39 14.31 -0.41
CA TYR C 405 5.57 15.22 0.74
C TYR C 405 4.15 15.55 1.28
N THR C 406 3.26 15.99 0.40
CA THR C 406 1.83 16.28 0.73
C THR C 406 1.16 15.05 1.39
N LYS C 407 1.30 13.89 0.79
CA LYS C 407 0.55 12.68 1.26
C LYS C 407 1.10 12.32 2.64
N GLY C 408 2.39 12.52 2.86
CA GLY C 408 3.02 12.32 4.17
C GLY C 408 2.26 13.14 5.22
N LYS C 409 1.94 14.40 4.93
CA LYS C 409 1.22 15.27 5.91
C LYS C 409 -0.25 14.91 5.97
N MET C 410 -0.87 14.54 4.85
CA MET C 410 -2.27 14.01 4.73
CA MET C 410 -2.26 14.03 4.78
C MET C 410 -2.39 12.82 5.70
N ARG C 411 -1.46 11.85 5.56
CA ARG C 411 -1.50 10.56 6.33
C ARG C 411 -1.40 10.90 7.83
N LYS C 412 -0.53 11.83 8.23
CA LYS C 412 -0.33 12.24 9.65
C LYS C 412 -1.56 12.98 10.16
N SER C 413 -2.12 13.87 9.35
CA SER C 413 -3.42 14.56 9.64
C SER C 413 -4.46 13.53 10.08
N GLU C 414 -4.55 12.42 9.35
CA GLU C 414 -5.49 11.32 9.58
C GLU C 414 -5.13 10.61 10.88
N TYR C 415 -3.86 10.25 11.07
CA TYR C 415 -3.38 9.65 12.34
C TYR C 415 -3.95 10.48 13.50
N TRP C 416 -3.77 11.81 13.41
CA TRP C 416 -4.23 12.74 14.49
C TRP C 416 -5.75 12.85 14.60
N LEU C 417 -6.47 12.84 13.49
CA LEU C 417 -7.94 12.96 13.49
C LEU C 417 -8.49 11.68 14.07
N ALA C 418 -7.88 10.57 13.72
CA ALA C 418 -8.32 9.29 14.28
C ALA C 418 -8.07 9.38 15.80
N GLN C 419 -7.02 10.11 16.23
CA GLN C 419 -6.56 10.17 17.65
C GLN C 419 -7.52 11.07 18.39
N LEU C 420 -7.69 12.30 17.95
CA LEU C 420 -8.82 13.11 18.44
C LEU C 420 -10.01 12.17 18.68
N ILE C 421 -10.59 11.63 17.60
CA ILE C 421 -11.92 10.96 17.56
C ILE C 421 -11.98 9.92 18.68
N ASP C 422 -11.02 8.99 18.72
CA ASP C 422 -10.95 7.89 19.72
C ASP C 422 -10.79 8.48 21.13
N THR C 423 -9.91 9.48 21.27
CA THR C 423 -9.64 10.22 22.52
C THR C 423 -10.94 10.86 23.02
N PHE C 424 -11.70 11.52 22.13
CA PHE C 424 -13.04 12.11 22.43
C PHE C 424 -13.94 11.05 23.12
N ALA C 425 -14.14 9.89 22.47
CA ALA C 425 -14.96 8.74 22.93
C ALA C 425 -14.47 8.21 24.28
N VAL C 426 -13.15 8.21 24.55
CA VAL C 426 -12.58 7.82 25.87
C VAL C 426 -12.94 8.92 26.89
N ALA C 427 -12.83 10.18 26.52
CA ALA C 427 -13.26 11.34 27.33
C ALA C 427 -14.69 11.12 27.82
N GLN C 428 -15.63 10.90 26.89
CA GLN C 428 -17.09 10.69 27.14
C GLN C 428 -17.30 9.61 28.20
N ARG C 429 -16.55 8.51 28.10
CA ARG C 429 -16.65 7.32 28.99
C ARG C 429 -15.98 7.60 30.34
N GLU C 430 -14.90 8.39 30.37
CA GLU C 430 -14.25 8.83 31.63
C GLU C 430 -15.08 9.99 32.20
N GLY C 431 -16.20 10.27 31.52
CA GLY C 431 -17.34 11.07 32.00
C GLY C 431 -17.12 12.53 31.74
N VAL C 432 -15.99 12.87 31.08
CA VAL C 432 -15.39 14.23 31.01
C VAL C 432 -16.50 15.24 30.74
N SER C 433 -16.38 16.42 31.35
CA SER C 433 -17.31 17.56 31.19
C SER C 433 -17.80 17.70 29.76
N PRO C 434 -19.13 17.72 29.52
CA PRO C 434 -19.72 18.08 28.23
C PRO C 434 -19.47 19.48 27.67
N THR C 435 -19.04 20.45 28.50
CA THR C 435 -18.65 21.80 28.06
C THR C 435 -17.39 21.69 27.18
N ILE C 436 -16.47 20.84 27.63
CA ILE C 436 -15.15 20.56 26.99
C ILE C 436 -15.39 19.80 25.67
N LEU C 437 -16.15 18.70 25.68
CA LEU C 437 -16.52 17.92 24.44
C LEU C 437 -16.96 18.89 23.33
N ASP C 438 -17.69 19.96 23.68
CA ASP C 438 -17.94 21.08 22.74
C ASP C 438 -16.56 21.57 22.25
N GLN C 439 -15.77 22.27 23.08
CA GLN C 439 -14.41 22.78 22.74
C GLN C 439 -13.72 21.84 21.74
N ALA C 440 -13.74 20.54 22.03
CA ALA C 440 -13.12 19.47 21.20
C ALA C 440 -13.84 19.37 19.85
N ARG C 441 -15.17 19.41 19.86
CA ARG C 441 -16.04 19.46 18.65
C ARG C 441 -15.52 20.55 17.72
N LEU C 442 -15.17 21.73 18.24
CA LEU C 442 -14.65 22.85 17.42
C LEU C 442 -13.28 22.45 16.84
N LYS C 443 -12.45 21.76 17.63
CA LYS C 443 -11.10 21.30 17.23
C LYS C 443 -11.23 20.21 16.16
N HIS C 444 -12.14 19.25 16.34
CA HIS C 444 -12.45 18.25 15.28
C HIS C 444 -13.02 19.04 14.10
N GLU C 445 -13.86 20.05 14.33
CA GLU C 445 -14.39 20.84 13.18
C GLU C 445 -13.27 21.45 12.35
N GLU C 446 -12.28 22.00 13.03
CA GLU C 446 -11.15 22.71 12.39
C GLU C 446 -10.22 21.70 11.71
N ALA C 447 -9.87 20.63 12.43
CA ALA C 447 -8.86 19.66 11.97
C ALA C 447 -9.44 18.97 10.74
N HIS C 448 -10.71 18.57 10.83
CA HIS C 448 -11.42 17.92 9.70
C HIS C 448 -11.42 18.88 8.50
N ALA C 449 -11.80 20.15 8.66
CA ALA C 449 -11.93 21.09 7.51
C ALA C 449 -10.60 21.19 6.73
N LEU C 450 -9.46 21.09 7.43
CA LEU C 450 -8.10 21.39 6.84
C LEU C 450 -7.44 20.10 6.35
N TRP C 451 -8.08 19.00 6.64
CA TRP C 451 -7.71 17.63 6.14
C TRP C 451 -8.64 17.19 5.00
N GLU C 452 -9.97 17.09 5.19
CA GLU C 452 -10.83 16.37 4.22
C GLU C 452 -10.75 17.00 2.83
N TYR C 453 -10.67 18.33 2.79
CA TYR C 453 -10.31 19.15 1.61
C TYR C 453 -9.35 18.37 0.71
N TRP C 454 -8.29 17.77 1.25
CA TRP C 454 -7.13 17.32 0.43
C TRP C 454 -7.35 15.90 -0.06
N THR C 455 -7.99 15.02 0.72
CA THR C 455 -8.54 13.76 0.20
C THR C 455 -9.62 14.07 -0.81
N ALA C 456 -10.48 15.10 -0.61
CA ALA C 456 -11.54 15.48 -1.57
C ALA C 456 -10.87 15.96 -2.86
N GLU C 457 -9.76 16.68 -2.71
CA GLU C 457 -9.00 17.26 -3.84
C GLU C 457 -8.22 16.12 -4.52
N ASN C 458 -8.07 16.26 -5.82
CA ASN C 458 -7.57 15.11 -6.63
C ASN C 458 -6.06 15.09 -6.88
N SER C 459 -5.31 16.13 -6.57
CA SER C 459 -3.88 16.29 -6.96
C SER C 459 -2.85 15.86 -5.90
N ASP C 460 -3.25 15.44 -4.68
CA ASP C 460 -2.30 15.17 -3.55
C ASP C 460 -1.21 16.29 -3.44
N GLY C 461 -1.66 17.54 -3.44
CA GLY C 461 -0.84 18.75 -3.30
C GLY C 461 -0.32 19.35 -4.60
N PHE C 462 -0.26 18.61 -5.71
CA PHE C 462 0.43 19.17 -6.92
C PHE C 462 -0.13 20.54 -7.25
N HIS C 463 -1.46 20.72 -7.24
CA HIS C 463 -2.19 21.96 -7.63
C HIS C 463 -1.74 23.13 -6.76
N ASN C 464 -1.43 22.90 -5.48
CA ASN C 464 -1.01 24.01 -4.57
C ASN C 464 -0.26 23.48 -3.35
N PRO C 465 1.07 23.24 -3.45
CA PRO C 465 1.81 22.51 -2.40
C PRO C 465 2.03 23.33 -1.12
N GLU C 466 2.07 24.66 -1.20
CA GLU C 466 2.17 25.54 -0.02
C GLU C 466 0.82 25.57 0.70
N GLN C 467 -0.28 25.73 -0.05
CA GLN C 467 -1.64 25.78 0.55
C GLN C 467 -1.89 24.43 1.20
N ALA C 468 -1.47 23.33 0.56
CA ALA C 468 -1.69 21.99 1.16
C ALA C 468 -0.87 21.83 2.44
N ARG C 469 0.37 22.32 2.46
CA ARG C 469 1.22 22.18 3.66
C ARG C 469 0.62 23.05 4.79
N GLN C 470 0.22 24.31 4.51
CA GLN C 470 -0.38 25.20 5.58
C GLN C 470 -1.70 24.59 6.10
N SER C 471 -2.56 24.13 5.20
CA SER C 471 -3.81 23.41 5.53
C SER C 471 -3.56 22.18 6.42
N LEU C 472 -2.84 21.18 5.91
CA LEU C 472 -2.70 19.86 6.61
C LEU C 472 -1.95 19.94 7.95
N THR C 473 -0.94 20.82 8.10
CA THR C 473 -0.21 21.13 9.36
C THR C 473 -1.14 21.82 10.36
N GLY C 474 -1.96 22.73 9.82
CA GLY C 474 -3.18 23.31 10.43
C GLY C 474 -4.04 22.22 11.08
N SER C 475 -4.36 21.15 10.34
CA SER C 475 -5.21 20.00 10.77
C SER C 475 -4.51 19.26 11.91
N ILE C 476 -3.24 18.88 11.70
CA ILE C 476 -2.39 18.20 12.70
C ILE C 476 -2.41 19.05 13.97
N SER C 477 -2.14 20.34 13.83
CA SER C 477 -2.11 21.32 14.97
C SER C 477 -3.44 21.31 15.71
N ALA C 478 -4.58 21.33 15.01
CA ALA C 478 -5.92 21.40 15.66
C ALA C 478 -6.21 20.09 16.40
N SER C 479 -5.69 18.96 15.92
CA SER C 479 -6.03 17.64 16.48
C SER C 479 -5.22 17.41 17.78
N LYS C 480 -3.93 17.75 17.78
CA LYS C 480 -3.01 17.68 18.95
C LYS C 480 -3.55 18.57 20.09
N ALA C 481 -3.88 19.82 19.79
CA ALA C 481 -4.54 20.76 20.73
C ALA C 481 -5.85 20.14 21.24
N GLY C 482 -6.62 19.53 20.34
CA GLY C 482 -7.89 18.86 20.65
C GLY C 482 -7.70 17.63 21.54
N VAL C 483 -6.67 16.81 21.27
CA VAL C 483 -6.35 15.58 22.06
C VAL C 483 -5.72 15.98 23.41
N LYS C 484 -4.80 16.96 23.40
CA LYS C 484 -4.17 17.56 24.61
C LYS C 484 -5.25 17.83 25.65
N LEU C 485 -6.21 18.65 25.27
CA LEU C 485 -7.19 19.24 26.20
C LEU C 485 -8.16 18.15 26.62
N LEU C 486 -8.61 17.31 25.70
CA LEU C 486 -9.46 16.16 26.09
C LEU C 486 -8.70 15.32 27.13
N ASN C 487 -7.44 14.97 26.85
CA ASN C 487 -6.53 14.19 27.75
C ASN C 487 -6.35 14.93 29.09
N ASP C 488 -6.21 16.25 29.07
CA ASP C 488 -6.08 17.14 30.26
C ASP C 488 -7.31 16.99 31.16
N ALA C 489 -8.50 17.12 30.57
CA ALA C 489 -9.82 16.99 31.21
C ALA C 489 -9.96 15.61 31.88
N ILE C 490 -9.47 14.53 31.24
CA ILE C 490 -9.71 13.11 31.64
C ILE C 490 -8.87 12.75 32.87
N MET C 491 -7.83 13.53 33.17
CA MET C 491 -7.09 13.39 34.44
C MET C 491 -7.77 14.28 35.50
N ALA C 492 -8.22 15.49 35.12
CA ALA C 492 -8.93 16.45 36.02
C ALA C 492 -10.18 15.80 36.62
N VAL C 493 -10.98 15.14 35.79
CA VAL C 493 -12.11 14.28 36.22
C VAL C 493 -11.67 13.47 37.46
N LYS C 494 -10.46 12.90 37.44
CA LYS C 494 -9.99 11.91 38.44
C LYS C 494 -9.22 12.60 39.57
N GLN C 495 -8.80 13.86 39.39
CA GLN C 495 -7.82 14.54 40.29
C GLN C 495 -8.44 14.61 41.70
FE HEC D . 52.68 24.14 8.07
CHA HEC D . 49.74 24.42 9.90
CHB HEC D . 50.89 23.09 5.35
CHC HEC D . 55.57 24.40 6.31
CHD HEC D . 54.59 24.56 10.97
NA HEC D . 50.65 23.80 7.70
C1A HEC D . 49.59 23.97 8.52
C2A HEC D . 48.23 23.66 7.99
C3A HEC D . 48.59 23.27 6.63
C4A HEC D . 50.09 23.37 6.56
CMA HEC D . 47.64 22.83 5.57
CAA HEC D . 46.83 23.82 8.58
CBA HEC D . 46.23 22.84 9.57
CGA HEC D . 44.95 23.44 10.16
O1A HEC D . 44.65 23.20 11.35
O2A HEC D . 44.19 24.15 9.45
NB HEC D . 53.14 23.79 6.14
C1B HEC D . 52.32 23.38 5.19
C2B HEC D . 52.98 23.30 3.90
C3B HEC D . 54.35 23.61 4.28
C4B HEC D . 54.33 23.97 5.64
CMB HEC D . 52.36 22.84 2.63
CAB HEC D . 55.55 23.80 3.43
CBB HEC D . 55.22 24.95 2.56
NC HEC D . 54.71 24.46 8.58
C1C HEC D . 55.74 24.54 7.74
C2C HEC D . 57.08 24.71 8.35
C3C HEC D . 56.80 24.79 9.79
C4C HEC D . 55.34 24.58 9.78
CMC HEC D . 58.34 24.82 7.59
CAC HEC D . 57.81 24.89 10.92
CBC HEC D . 57.56 25.47 12.30
ND HEC D . 52.24 24.44 9.97
C1D HEC D . 53.12 24.58 10.97
C2D HEC D . 52.54 24.83 12.30
C3D HEC D . 51.13 24.81 12.01
C4D HEC D . 51.05 24.54 10.55
CMD HEC D . 53.26 25.00 13.61
CAD HEC D . 50.09 24.92 13.06
CBD HEC D . 49.50 26.26 13.46
CGD HEC D . 48.69 25.82 14.67
O1D HEC D . 47.74 26.48 15.12
O2D HEC D . 49.04 24.74 15.23
FE HEC E . 47.64 18.57 2.79
CHA HEC E . 45.77 18.70 5.75
CHB HEC E . 50.41 19.59 4.49
CHC HEC E . 49.66 18.07 0.00
CHD HEC E . 44.84 18.07 1.06
NA HEC E . 47.95 19.03 4.71
C1A HEC E . 47.16 19.09 5.76
C2A HEC E . 47.79 19.48 6.96
C3A HEC E . 49.15 19.74 6.62
C4A HEC E . 49.15 19.43 5.22
CMA HEC E . 50.25 20.21 7.52
CAA HEC E . 47.18 19.57 8.29
CBA HEC E . 47.47 18.25 8.94
CGA HEC E . 47.30 18.46 10.41
O1A HEC E . 46.27 18.02 10.96
O2A HEC E . 48.19 19.06 11.03
NB HEC E . 49.67 18.78 2.34
C1B HEC E . 50.65 19.19 3.15
C2B HEC E . 52.02 19.29 2.59
C3B HEC E . 51.82 18.83 1.26
C4B HEC E . 50.34 18.56 1.19
CMB HEC E . 53.27 19.73 3.28
CAB HEC E . 52.86 18.74 0.20
CBB HEC E . 53.97 17.73 0.47
NC HEC E . 47.31 18.15 0.82
C1C HEC E . 48.21 17.93 -0.13
C2C HEC E . 47.64 17.66 -1.41
C3C HEC E . 46.19 17.61 -1.12
C4C HEC E . 46.10 17.97 0.28
CMC HEC E . 48.40 17.41 -2.62
CAC HEC E . 45.10 17.43 -2.10
CBC HEC E . 45.09 16.20 -2.95
ND HEC E . 45.65 18.41 3.36
C1D HEC E . 44.66 18.22 2.50
C2D HEC E . 43.34 18.12 3.09
C3D HEC E . 43.57 18.30 4.49
C4D HEC E . 45.04 18.43 4.54
CMD HEC E . 42.06 17.92 2.34
CAD HEC E . 42.54 18.22 5.55
CBD HEC E . 42.86 16.99 6.44
CGD HEC E . 42.83 15.56 5.86
O1D HEC E . 43.59 14.67 6.39
O2D HEC E . 42.07 15.22 4.91
FE HEC F . 44.31 10.80 -6.45
CHA HEC F . 45.21 7.58 -6.97
CHB HEC F . 41.77 9.83 -4.35
CHC HEC F . 43.69 14.12 -5.76
CHD HEC F . 46.04 11.71 -9.33
NA HEC F . 43.57 9.02 -5.74
C1A HEC F . 44.06 7.82 -6.05
C2A HEC F . 43.33 6.72 -5.44
C3A HEC F . 42.27 7.36 -4.70
C4A HEC F . 42.54 8.78 -4.96
CMA HEC F . 41.23 6.68 -3.87
CAA HEC F . 43.55 5.28 -5.64
CBA HEC F . 44.13 4.62 -4.45
CGA HEC F . 44.35 3.20 -4.91
O1A HEC F . 43.43 2.51 -5.45
O2A HEC F . 45.48 2.79 -4.72
NB HEC F . 42.96 11.81 -5.27
C1B HEC F . 42.03 11.26 -4.49
C2B HEC F . 41.25 12.22 -3.70
C3B HEC F . 41.86 13.49 -4.14
C4B HEC F . 42.91 13.12 -5.07
CMB HEC F . 40.17 11.89 -2.73
CAB HEC F . 41.50 14.83 -3.65
CBB HEC F . 41.98 14.98 -2.22
NC HEC F . 44.82 12.61 -7.35
C1C HEC F . 44.47 13.86 -6.98
C2C HEC F . 44.86 14.93 -7.90
C3C HEC F . 45.58 14.20 -8.97
C4C HEC F . 45.44 12.80 -8.56
CMC HEC F . 44.61 16.40 -7.72
CAC HEC F . 46.10 14.78 -10.30
CBC HEC F . 47.03 14.00 -11.18
ND HEC F . 45.50 9.82 -7.88
C1D HEC F . 46.11 10.31 -8.96
C2D HEC F . 46.86 9.33 -9.79
C3D HEC F . 46.62 8.08 -9.11
C4D HEC F . 45.79 8.50 -7.94
CMD HEC F . 47.65 9.52 -11.07
CAD HEC F . 47.16 6.76 -9.62
CBD HEC F . 46.52 6.49 -11.01
CGD HEC F . 44.98 6.51 -10.93
O1D HEC F . 44.29 7.22 -11.69
O2D HEC F . 44.46 5.81 -10.06
FE HEC G . 21.35 11.78 9.42
CHA HEC G . 19.85 10.38 6.72
CHB HEC G . 19.19 14.34 9.28
CHC HEC G . 22.47 12.86 12.44
CHD HEC G . 23.91 9.55 9.29
NA HEC G . 19.80 12.30 8.15
C1A HEC G . 19.32 11.63 7.16
C2A HEC G . 18.19 12.30 6.52
C3A HEC G . 17.94 13.47 7.30
C4A HEC G . 19.06 13.42 8.18
CMA HEC G . 16.90 14.52 7.05
CAA HEC G . 17.49 11.78 5.37
CBA HEC G . 16.28 10.98 5.67
CGA HEC G . 15.18 11.63 6.54
O1A HEC G . 14.33 12.44 6.17
O2A HEC G . 15.11 11.12 7.67
NB HEC G . 20.94 13.34 10.66
C1B HEC G . 20.02 14.27 10.44
C2B HEC G . 19.88 15.23 11.59
C3B HEC G . 20.81 14.72 12.51
C4B HEC G . 21.43 13.60 11.83
CMB HEC G . 19.04 16.43 11.77
CAB HEC G . 21.09 15.33 13.90
CBB HEC G . 19.82 15.25 14.78
NC HEC G . 22.96 11.33 10.67
C1C HEC G . 23.30 11.81 11.89
C2C HEC G . 24.55 11.28 12.53
C3C HEC G . 24.90 10.26 11.55
C4C HEC G . 23.88 10.36 10.50
CMC HEC G . 25.29 11.57 13.79
CAC HEC G . 26.16 9.42 11.50
CBC HEC G . 26.54 8.50 12.64
ND HEC G . 21.80 10.23 8.20
C1D HEC G . 22.85 9.41 8.29
C2D HEC G . 22.81 8.35 7.24
C3D HEC G . 21.62 8.56 6.51
C4D HEC G . 21.04 9.77 7.22
CMD HEC G . 23.76 7.22 6.88
CAD HEC G . 21.00 7.80 5.35
CBD HEC G . 20.14 6.60 5.81
CGD HEC G . 18.86 6.97 6.57
O1D HEC G . 18.38 8.12 6.51
O2D HEC G . 18.35 6.07 7.24
FE HEC H . 36.09 6.75 -3.75
CHA HEC H . 37.15 3.85 -5.20
CHB HEC H . 38.08 8.53 -5.88
CHC HEC H . 34.53 9.60 -2.80
CHD HEC H . 34.87 5.02 -1.12
NA HEC H . 37.46 6.32 -5.25
C1A HEC H . 37.78 5.08 -5.74
C2A HEC H . 38.81 5.09 -6.80
C3A HEC H . 39.06 6.54 -6.97
C4A HEC H . 38.19 7.11 -5.96
CMA HEC H . 40.04 7.25 -7.90
CAA HEC H . 39.53 4.02 -7.59
CBA HEC H . 38.84 3.73 -8.87
CGA HEC H . 37.59 2.94 -8.60
O1A HEC H . 37.73 1.84 -7.99
O2A HEC H . 36.50 3.47 -8.96
NB HEC H . 36.26 8.74 -4.27
C1B HEC H . 37.08 9.26 -5.13
C2B HEC H . 36.90 10.70 -5.36
C3B HEC H . 35.82 11.05 -4.43
C4B HEC H . 35.50 9.75 -3.83
CMB HEC H . 37.72 11.53 -6.27
CAB HEC H . 35.16 12.40 -4.24
CBB HEC H . 34.34 12.64 -5.53
NC HEC H . 34.87 7.20 -2.20
C1C HEC H . 34.38 8.42 -1.91
C2C HEC H . 33.70 8.50 -0.61
C3C HEC H . 33.80 7.13 -0.13
C4C HEC H . 34.59 6.45 -1.14
CMC HEC H . 33.02 9.65 0.03
CAC HEC H . 33.35 6.70 1.26
CBC HEC H . 33.00 5.26 1.36
ND HEC H . 35.97 4.76 -3.24
C1D HEC H . 35.39 4.23 -2.19
C2D HEC H . 35.46 2.77 -2.14
C3D HEC H . 36.13 2.46 -3.39
C4D HEC H . 36.40 3.75 -3.96
CMD HEC H . 34.89 1.85 -1.11
CAD HEC H . 36.49 1.12 -3.94
CBD HEC H . 37.88 0.85 -3.54
CGD HEC H . 38.10 -0.67 -3.73
O1D HEC H . 37.36 -1.39 -4.43
O2D HEC H . 39.01 -1.20 -3.09
FE HEC I . 25.24 6.61 2.43
CHA HEC I . 22.28 7.60 1.32
CHB HEC I . 24.98 3.62 0.99
CHC HEC I . 28.62 6.20 2.72
CHD HEC I . 25.39 9.19 4.63
NA HEC I . 23.83 5.74 1.30
C1A HEC I . 22.72 6.27 0.88
C2A HEC I . 21.89 5.43 0.04
C3A HEC I . 22.70 4.22 -0.08
C4A HEC I . 23.83 4.51 0.78
CMA HEC I . 22.39 2.98 -0.82
CAA HEC I . 20.65 5.58 -0.69
CBA HEC I . 21.09 6.09 -2.11
CGA HEC I . 19.92 6.69 -2.89
O1A HEC I . 20.21 7.32 -3.97
O2A HEC I . 18.70 6.43 -2.55
NB HEC I . 26.57 5.09 1.97
C1B HEC I . 26.30 3.99 1.40
C2B HEC I . 27.51 3.13 1.16
C3B HEC I . 28.57 3.89 1.71
C4B HEC I . 27.89 5.15 2.14
CMB HEC I . 27.66 1.70 0.68
CAB HEC I . 30.02 3.52 1.74
CBB HEC I . 30.67 3.46 0.36
NC HEC I . 26.77 7.53 3.48
C1C HEC I . 28.11 7.30 3.48
C2C HEC I . 29.00 8.13 4.33
C3C HEC I . 28.01 9.05 4.87
C4C HEC I . 26.71 8.58 4.37
CMC HEC I . 30.48 8.05 4.51
CAC HEC I . 28.25 10.12 5.95
CBC HEC I . 29.40 11.10 5.95
ND HEC I . 23.96 8.17 2.94
C1D HEC I . 24.15 9.07 3.85
C2D HEC I . 23.11 10.06 3.95
C3D HEC I . 22.15 9.63 2.96
C4D HEC I . 22.80 8.44 2.38
CMD HEC I . 23.05 11.22 4.92
CAD HEC I . 20.87 10.31 2.66
CBD HEC I . 21.30 11.59 1.91
CGD HEC I . 20.02 12.35 1.53
O1D HEC I . 18.96 11.78 1.65
O2D HEC I . 20.06 13.55 1.10
FE HEC J . 23.00 -2.57 1.44
CHA HEC J . 19.72 -1.75 1.12
CHB HEC J . 23.71 0.33 2.78
CHC HEC J . 25.92 -3.72 2.43
CHD HEC J . 22.56 -5.08 -0.75
NA HEC J . 21.90 -0.99 1.92
C1A HEC J . 20.65 -0.76 1.58
C2A HEC J . 20.23 0.59 2.00
C3A HEC J . 21.41 1.25 2.44
C4A HEC J . 22.38 0.16 2.31
CMA HEC J . 21.52 2.71 2.92
CAA HEC J . 18.92 1.20 1.76
CBA HEC J . 19.14 1.94 0.40
CGA HEC J . 18.95 1.09 -0.87
CGA HEC J . 17.90 2.00 -0.51
O1A HEC J . 20.09 0.73 -1.34
O1A HEC J . 17.58 1.13 -1.37
O2A HEC J . 17.86 0.76 -1.40
O2A HEC J . 17.15 3.04 -0.32
NB HEC J . 24.58 -1.84 2.49
C1B HEC J . 24.78 -0.65 3.02
C2B HEC J . 25.98 -0.44 3.84
C3B HEC J . 26.59 -1.73 3.71
C4B HEC J . 25.65 -2.47 2.92
CMB HEC J . 26.45 0.73 4.56
CAB HEC J . 27.83 -2.24 4.37
CBB HEC J . 27.63 -2.09 5.91
NC HEC J . 24.13 -4.15 0.83
C1C HEC J . 25.26 -4.45 1.35
C2C HEC J . 25.91 -5.59 0.71
C3C HEC J . 24.92 -5.98 -0.31
C4C HEC J . 23.81 -5.04 -0.08
CMC HEC J . 27.28 -6.11 1.07
CAC HEC J . 25.05 -7.10 -1.30
CBC HEC J . 25.43 -8.42 -0.71
ND HEC J . 21.40 -3.29 0.38
C1D HEC J . 21.31 -4.36 -0.44
C2D HEC J . 19.98 -4.69 -0.99
C3D HEC J . 19.09 -3.68 -0.36
C4D HEC J . 20.10 -2.97 0.45
CMD HEC J . 19.53 -5.78 -1.89
CAD HEC J . 17.62 -3.51 -0.47
CBD HEC J . 17.00 -2.30 -1.13
CGD HEC J . 17.58 -2.34 -2.55
O1D HEC J . 17.98 -1.32 -3.03
O2D HEC J . 17.61 -3.45 -3.16
FE HEC K . 25.00 -12.83 -2.73
CHA HEC K . 24.69 -15.22 -0.31
CHB HEC K . 21.68 -12.88 -3.38
CHC HEC K . 25.31 -9.76 -4.09
CHD HEC K . 28.24 -13.48 -3.14
NA HEC K . 23.40 -13.86 -1.97
C1A HEC K . 23.44 -14.77 -0.99
C2A HEC K . 22.16 -15.30 -0.67
C3A HEC K . 21.25 -14.64 -1.56
C4A HEC K . 22.13 -13.76 -2.33
CMA HEC K . 19.78 -14.83 -1.65
CAA HEC K . 21.80 -16.21 0.43
CBA HEC K . 21.82 -15.10 1.48
CGA HEC K . 21.74 -15.41 2.96
O1A HEC K . 22.31 -16.43 3.41
O2A HEC K . 21.13 -14.54 3.66
NB HEC K . 23.66 -11.53 -3.57
C1B HEC K . 22.40 -11.74 -3.82
C2B HEC K . 21.73 -10.61 -4.50
C3B HEC K . 22.81 -9.71 -4.71
C4B HEC K . 23.93 -10.33 -4.07
CMB HEC K . 20.34 -10.53 -4.89
CAB HEC K . 22.65 -8.32 -5.27
CBB HEC K . 21.82 -7.53 -4.25
NC HEC K . 26.56 -11.78 -3.52
C1C HEC K . 26.55 -10.51 -3.99
C2C HEC K . 27.86 -10.01 -4.48
C3C HEC K . 28.71 -11.20 -4.18
C4C HEC K . 27.82 -12.17 -3.62
CMC HEC K . 28.20 -8.73 -5.12
CAC HEC K . 30.18 -11.41 -4.54
CBC HEC K . 31.13 -10.22 -4.41
ND HEC K . 26.29 -14.16 -1.86
C1D HEC K . 27.55 -14.28 -2.17
C2D HEC K . 28.28 -15.34 -1.42
C3D HEC K . 27.22 -15.86 -0.52
C4D HEC K . 26.04 -15.05 -0.90
CMD HEC K . 29.70 -15.73 -1.51
CAD HEC K . 27.32 -16.97 0.50
CBD HEC K . 26.71 -18.28 -0.02
CGD HEC K . 27.82 -19.19 -0.54
O1D HEC K . 27.57 -20.39 -0.90
O2D HEC K . 28.97 -18.71 -0.60
CA CA L . 20.30 6.32 18.41
P PO4 M . 19.09 10.44 11.39
O1 PO4 M . 18.29 11.79 11.50
O2 PO4 M . 18.13 9.26 11.15
O3 PO4 M . 20.16 10.55 10.30
O4 PO4 M . 19.78 10.31 12.67
FE HEC N . -1.51 -58.05 -6.89
CHA HEC N . -1.48 -56.16 -4.00
CHB HEC N . -0.09 -55.37 -8.60
CHC HEC N . -0.87 -60.09 -9.59
CHD HEC N . -3.53 -60.36 -5.44
NA HEC N . -0.92 -56.09 -6.40
C1A HEC N . -0.97 -55.53 -5.20
C2A HEC N . -0.49 -54.14 -5.16
C3A HEC N . -0.05 -53.87 -6.52
C4A HEC N . -0.37 -55.17 -7.19
CMA HEC N . 0.56 -52.61 -7.09
CAA HEC N . -0.39 -53.34 -3.91
CBA HEC N . -1.30 -52.16 -3.70
CGA HEC N . -0.39 -51.47 -2.71
O1A HEC N . -0.56 -51.65 -1.49
O2A HEC N . 0.61 -50.91 -3.20
NB HEC N . -0.66 -57.80 -8.75
C1B HEC N . -0.13 -56.65 -9.31
C2B HEC N . 0.41 -56.80 -10.68
C3B HEC N . 0.18 -58.21 -10.96
C4B HEC N . -0.46 -58.71 -9.74
CMB HEC N . 1.05 -55.72 -11.51
CAB HEC N . 0.58 -58.98 -12.22
CBB HEC N . 2.07 -59.07 -12.40
NC HEC N . -2.09 -59.95 -7.40
C1C HEC N . -1.73 -60.59 -8.52
C2C HEC N . -2.33 -61.91 -8.71
C3C HEC N . -3.11 -62.02 -7.46
C4C HEC N . -2.94 -60.73 -6.75
CMC HEC N . -2.09 -62.78 -9.91
CAC HEC N . -4.06 -63.12 -7.20
CBC HEC N . -4.84 -63.29 -5.90
ND HEC N . -2.34 -58.23 -5.03
C1D HEC N . -3.16 -59.22 -4.60
C2D HEC N . -3.59 -59.05 -3.18
C3D HEC N . -2.96 -57.80 -2.80
C4D HEC N . -2.23 -57.40 -3.99
CMD HEC N . -4.43 -59.88 -2.27
CAD HEC N . -3.00 -57.12 -1.45
CBD HEC N . -4.06 -56.07 -1.15
CGD HEC N . -3.65 -55.51 0.22
O1D HEC N . -2.85 -56.18 0.94
O2D HEC N . -4.10 -54.39 0.61
FE HEC O . -0.57 -49.79 -12.07
CHA HEC O . -1.73 -48.80 -8.90
CHB HEC O . -1.81 -52.80 -11.52
CHC HEC O . 0.36 -50.70 -15.32
CHD HEC O . 0.87 -46.78 -12.48
NA HEC O . -1.59 -50.55 -10.49
C1A HEC O . -1.96 -50.18 -9.29
C2A HEC O . -2.71 -51.14 -8.46
C3A HEC O . -2.73 -52.33 -9.21
C4A HEC O . -2.00 -51.88 -10.43
CMA HEC O . -3.36 -53.62 -8.77
CAA HEC O . -3.28 -51.00 -7.10
CBA HEC O . -4.80 -51.10 -7.21
CGA HEC O . -5.35 -51.26 -5.83
O1A HEC O . -5.12 -50.27 -5.14
O2A HEC O . -5.94 -52.33 -5.38
NB HEC O . -0.72 -51.45 -13.24
C1B HEC O . -1.26 -52.62 -12.83
C2B HEC O . -1.25 -53.72 -13.80
C3B HEC O . -0.58 -53.08 -14.92
C4B HEC O . -0.29 -51.69 -14.46
CMB HEC O . -1.76 -55.12 -13.69
CAB HEC O . -0.34 -53.68 -16.24
CBB HEC O . -1.64 -54.23 -16.81
NC HEC O . 0.42 -48.90 -13.66
C1C HEC O . 0.70 -49.37 -14.88
C2C HEC O . 1.44 -48.44 -15.72
C3C HEC O . 1.55 -47.28 -14.87
C4C HEC O . 0.94 -47.69 -13.63
CMC HEC O . 1.97 -48.57 -17.10
CAC HEC O . 2.27 -46.01 -15.17
CBC HEC O . 2.09 -45.39 -16.54
ND HEC O . -0.42 -48.12 -10.92
C1D HEC O . 0.19 -47.02 -11.23
C2D HEC O . 0.12 -46.01 -10.17
C3D HEC O . -0.68 -46.61 -9.14
C4D HEC O . -0.95 -47.91 -9.71
CMD HEC O . 0.71 -44.67 -10.17
CAD HEC O . -1.08 -46.14 -7.78
CBD HEC O . -2.59 -45.85 -7.46
CGD HEC O . -3.44 -44.99 -8.40
O1D HEC O . -4.68 -45.20 -8.44
O2D HEC O . -2.85 -44.08 -9.09
FE HEC P . 0.28 -40.95 -20.84
CHA HEC P . -2.20 -40.05 -23.01
CHB HEC P . -1.44 -39.23 -18.26
CHC HEC P . 2.49 -41.98 -18.45
CHD HEC P . 1.93 -42.63 -23.25
NA HEC P . -1.47 -39.83 -20.67
C1A HEC P . -2.34 -39.56 -21.63
C2A HEC P . -3.50 -38.75 -21.22
C3A HEC P . -3.24 -38.47 -19.84
C4A HEC P . -1.99 -39.20 -19.60
CMA HEC P . -4.11 -37.67 -18.89
CAA HEC P . -4.59 -38.18 -22.03
CBA HEC P . -5.89 -38.93 -22.13
CGA HEC P . -6.63 -38.49 -23.40
O1A HEC P . -6.21 -37.58 -24.13
O2A HEC P . -7.66 -39.12 -23.70
NB HEC P . 0.49 -40.65 -18.77
C1B HEC P . -0.27 -39.98 -17.88
C2B HEC P . 0.12 -39.99 -16.46
C3B HEC P . 1.28 -40.86 -16.58
C4B HEC P . 1.44 -41.15 -17.98
CMB HEC P . -0.54 -39.34 -15.29
CAB HEC P . 2.16 -41.30 -15.48
CBB HEC P . 1.40 -42.28 -14.58
NC HEC P . 1.91 -42.16 -20.83
C1C HEC P . 2.71 -42.39 -19.81
C2C HEC P . 3.88 -43.18 -20.07
C3C HEC P . 3.66 -43.39 -21.50
C4C HEC P . 2.49 -42.65 -21.90
CMC HEC P . 4.93 -43.65 -19.06
CAC HEC P . 4.63 -43.96 -22.44
CBC HEC P . 5.06 -45.36 -22.21
ND HEC P . -0.09 -41.33 -22.84
C1D HEC P . 0.65 -42.06 -23.67
C2D HEC P . 0.13 -42.11 -25.06
C3D HEC P . -1.11 -41.32 -24.96
C4D HEC P . -1.13 -40.89 -23.56
CMD HEC P . 0.70 -42.80 -26.25
CAD HEC P . -2.09 -41.04 -26.04
CBD HEC P . -1.44 -39.97 -26.85
CGD HEC P . -1.38 -38.77 -25.96
O1D HEC P . -0.24 -38.37 -25.61
O2D HEC P . -2.49 -38.28 -25.65
FE HEC Q . -2.73 -25.90 2.46
CHA HEC Q . -1.55 -23.36 0.54
CHB HEC Q . -0.29 -25.29 4.69
CHC HEC Q . -4.16 -28.10 4.48
CHD HEC Q . -4.98 -26.74 -0.05
NA HEC Q . -1.16 -24.59 2.60
C1A HEC Q . -0.78 -23.61 1.76
C2A HEC Q . 0.37 -22.82 2.14
C3A HEC Q . 0.73 -23.39 3.42
C4A HEC Q . -0.19 -24.50 3.50
CMA HEC Q . 1.84 -22.96 4.28
CAA HEC Q . 1.03 -21.71 1.40
CBA HEC Q . 0.27 -20.45 1.66
CGA HEC Q . 0.28 -20.14 3.14
O1A HEC Q . 1.24 -19.69 3.66
O2A HEC Q . -0.83 -20.24 3.68
NB HEC Q . -2.28 -26.62 4.30
C1B HEC Q . -1.29 -26.21 5.04
C2B HEC Q . -1.32 -26.79 6.42
C3B HEC Q . -2.50 -27.62 6.30
C4B HEC Q . -3.01 -27.45 4.96
CMB HEC Q . -0.39 -26.61 7.57
CAB HEC Q . -3.11 -28.44 7.37
CBB HEC Q . -3.51 -27.62 8.56
NC HEC Q . -4.28 -27.23 2.23
C1C HEC Q . -4.80 -28.06 3.17
C2C HEC Q . -5.90 -28.99 2.80
C3C HEC Q . -6.11 -28.52 1.45
C4C HEC Q . -5.09 -27.49 1.20
CMC HEC Q . -6.59 -30.08 3.50
CAC HEC Q . -6.99 -29.14 0.45
CBC HEC Q . -8.44 -29.32 0.70
ND HEC Q . -3.21 -25.17 0.59
C1D HEC Q . -4.16 -25.60 -0.26
C2D HEC Q . -4.26 -24.79 -1.48
C3D HEC Q . -3.26 -23.82 -1.30
C4D HEC Q . -2.68 -24.09 0.01
CMD HEC Q . -5.19 -25.05 -2.61
CAD HEC Q . -2.94 -22.68 -2.23
CBD HEC Q . -4.01 -21.62 -1.95
CGD HEC Q . -3.78 -20.71 -0.73
O1D HEC Q . -2.63 -20.69 -0.11
O2D HEC Q . -4.80 -19.96 -0.42
FE HEC R . -2.30 -32.92 -16.88
CHA HEC R . -4.02 -32.14 -19.65
CHB HEC R . -0.12 -34.91 -18.64
CHC HEC R . -0.49 -33.20 -14.07
CHD HEC R . -4.98 -31.58 -15.02
NA HEC R . -2.10 -33.44 -18.83
C1A HEC R . -2.90 -33.09 -19.83
C2A HEC R . -2.57 -33.74 -21.11
C3A HEC R . -1.43 -34.59 -20.80
C4A HEC R . -1.24 -34.35 -19.36
CMA HEC R . -0.65 -35.49 -21.74
CAA HEC R . -3.27 -33.61 -22.46
CBA HEC R . -2.75 -32.56 -23.41
CGA HEC R . -2.77 -31.24 -22.69
O1A HEC R . -3.87 -30.69 -22.50
O2A HEC R . -1.70 -30.75 -22.31
NB HEC R . -0.56 -33.94 -16.43
C1B HEC R . 0.25 -34.61 -17.26
C2B HEC R . 1.48 -35.11 -16.61
C3B HEC R . 1.31 -34.56 -15.27
C4B HEC R . 0.05 -33.86 -15.28
CMB HEC R . 2.61 -35.91 -17.17
CAB HEC R . 2.25 -34.62 -14.11
CBB HEC R . 3.50 -33.83 -14.25
NC HEC R . -2.66 -32.48 -14.89
C1C HEC R . -1.83 -32.68 -13.86
C2C HEC R . -2.39 -32.40 -12.53
C3C HEC R . -3.70 -31.89 -12.90
C4C HEC R . -3.80 -32.07 -14.32
CMC HEC R . -1.86 -32.48 -11.12
CAC HEC R . -4.83 -31.54 -11.97
CBC HEC R . -4.68 -30.46 -10.96
ND HEC R . -4.15 -31.96 -17.27
C1D HEC R . -5.09 -31.47 -16.46
C2D HEC R . -6.28 -30.84 -17.09
C3D HEC R . -5.94 -31.00 -18.49
C4D HEC R . -4.63 -31.69 -18.43
CMD HEC R . -7.48 -30.19 -16.46
CAD HEC R . -6.75 -30.59 -19.68
CBD HEC R . -7.52 -31.76 -20.22
CGD HEC R . -8.41 -31.20 -21.32
O1D HEC R . -7.92 -30.40 -22.18
O2D HEC R . -9.59 -31.58 -21.30
FE HEC S . -3.35 -25.10 -7.06
CHA HEC S . -1.20 -22.70 -5.99
CHB HEC S . -4.50 -23.18 -9.48
CHC HEC S . -5.01 -27.78 -8.36
CHD HEC S . -2.56 -26.97 -4.28
NA HEC S . -2.90 -23.22 -7.68
C1A HEC S . -2.03 -22.43 -7.15
C2A HEC S . -1.88 -21.18 -7.88
C3A HEC S . -2.90 -21.26 -8.89
C4A HEC S . -3.46 -22.58 -8.68
CMA HEC S . -3.14 -20.21 -9.94
CAA HEC S . -0.95 -20.13 -7.65
CBA HEC S . 0.36 -20.41 -8.51
CGA HEC S . 1.40 -19.33 -8.39
O1A HEC S . 2.46 -19.34 -9.10
O2A HEC S . 1.27 -18.37 -7.57
NB HEC S . -4.59 -25.47 -8.62
C1B HEC S . -4.96 -24.56 -9.52
C2B HEC S . -5.82 -24.98 -10.56
C3B HEC S . -6.03 -26.36 -10.24
C4B HEC S . -5.23 -26.55 -9.04
CMB HEC S . -6.47 -24.15 -11.57
CAB HEC S . -6.84 -27.23 -11.11
CBB HEC S . -6.62 -26.94 -12.56
NC HEC S . -3.76 -27.03 -6.46
C1C HEC S . -4.39 -27.96 -7.14
C2C HEC S . -4.48 -29.31 -6.51
C3C HEC S . -3.78 -29.03 -5.28
C4C HEC S . -3.34 -27.63 -5.33
CMC HEC S . -5.24 -30.42 -7.12
CAC HEC S . -3.58 -29.99 -4.16
CBC HEC S . -2.86 -31.19 -4.71
ND HEC S . -2.11 -24.84 -5.38
C1D HEC S . -1.89 -25.67 -4.37
C2D HEC S . -0.97 -25.26 -3.34
C3D HEC S . -0.50 -24.00 -3.85
C4D HEC S . -1.32 -23.81 -5.08
CMD HEC S . -0.66 -25.96 -2.06
CAD HEC S . 0.42 -23.13 -3.19
CBD HEC S . 1.82 -23.63 -3.48
CGD HEC S . 2.83 -22.86 -2.68
O1D HEC S . 2.59 -21.70 -2.25
O2D HEC S . 3.87 -23.45 -2.41
FE HEC T . -8.99 -18.51 -10.87
CHA HEC T . -7.16 -16.24 -9.26
CHB HEC T . -7.90 -20.94 -8.80
CHC HEC T . -11.28 -20.53 -12.24
CHD HEC T . -9.40 -16.39 -13.47
NA HEC T . -7.69 -18.56 -9.29
C1A HEC T . -6.95 -17.60 -8.81
C2A HEC T . -6.03 -17.92 -7.74
C3A HEC T . -6.23 -19.34 -7.60
C4A HEC T . -7.26 -19.62 -8.57
CMA HEC T . -5.53 -20.27 -6.63
CAA HEC T . -5.09 -17.01 -7.08
CBA HEC T . -3.71 -17.14 -7.74
CGA HEC T . -3.50 -16.21 -8.89
O1A HEC T . -3.52 -16.74 -10.04
O2A HEC T . -3.27 -14.99 -8.64
NB HEC T . -9.55 -20.41 -10.58
C1B HEC T . -9.06 -21.24 -9.66
C2B HEC T . -9.82 -22.53 -9.62
C3B HEC T . -10.79 -22.33 -10.69
C4B HEC T . -10.56 -20.98 -11.11
CMB HEC T . -9.58 -23.69 -8.79
CAB HEC T . -11.90 -23.18 -11.08
CBB HEC T . -12.84 -23.36 -9.87
NC HEC T . -10.13 -18.51 -12.60
C1C HEC T . -10.98 -19.37 -13.04
C2C HEC T . -11.59 -19.15 -14.35
C3C HEC T . -10.99 -17.92 -14.68
C4C HEC T . -10.16 -17.59 -13.58
CMC HEC T . -12.52 -19.98 -15.14
CAC HEC T . -11.16 -17.21 -15.99
CBC HEC T . -12.57 -16.99 -16.37
ND HEC T . -8.44 -16.61 -11.23
C1D HEC T . -8.69 -15.87 -12.32
C2D HEC T . -8.20 -14.48 -12.22
C3D HEC T . -7.51 -14.44 -10.93
C4D HEC T . -7.77 -15.82 -10.46
CMD HEC T . -8.44 -13.48 -13.34
CAD HEC T . -6.83 -13.32 -10.14
CBD HEC T . -5.39 -13.25 -9.83
CGD HEC T . -4.68 -13.29 -11.18
O1D HEC T . -3.58 -13.94 -11.27
O2D HEC T . -5.29 -12.63 -12.09
FE HEC U . -14.52 -14.24 -19.81
CHA HEC U . -17.73 -13.50 -18.80
CHB HEC U . -13.38 -11.34 -18.64
CHC HEC U . -11.40 -15.70 -19.52
CHD HEC U . -15.60 -16.48 -22.02
NA HEC U . -15.41 -12.63 -18.92
C1A HEC U . -16.67 -12.57 -18.47
C2A HEC U . -16.95 -11.34 -17.78
C3A HEC U . -15.69 -10.69 -17.75
C4A HEC U . -14.78 -11.58 -18.50
CMA HEC U . -15.36 -9.36 -17.12
CAA HEC U . -18.16 -10.89 -17.10
CBA HEC U . -17.88 -11.63 -15.76
CGA HEC U . -19.06 -11.71 -14.82
O1A HEC U . -20.17 -11.20 -15.20
O2A HEC U . -18.85 -12.22 -13.65
NB HEC U . -12.67 -13.62 -19.14
C1B HEC U . -12.35 -12.37 -18.77
C2B HEC U . -10.94 -12.11 -18.40
C3B HEC U . -10.38 -13.43 -18.61
C4B HEC U . -11.49 -14.29 -19.07
CMB HEC U . -10.33 -10.84 -17.91
CAB HEC U . -8.97 -13.81 -18.32
CBB HEC U . -8.65 -13.74 -16.81
NC HEC U . -13.64 -15.85 -20.63
C1C HEC U . -12.39 -16.34 -20.37
C2C HEC U . -12.10 -17.53 -21.18
C3C HEC U . -13.35 -17.72 -21.88
C4C HEC U . -14.20 -16.60 -21.54
CMC HEC U . -10.83 -18.27 -21.15
CAC HEC U . -13.72 -18.70 -22.97
CBC HEC U . -12.94 -19.97 -22.87
ND HEC U . -16.39 -14.94 -20.34
C1D HEC U . -16.66 -15.83 -21.31
C2D HEC U . -18.06 -16.16 -21.48
C3D HEC U . -18.70 -15.23 -20.51
C4D HEC U . -17.59 -14.53 -19.89
CMD HEC U . -18.80 -17.05 -22.41
CAD HEC U . -20.16 -15.10 -20.27
CBD HEC U . -20.62 -13.69 -20.66
CGD HEC U . -20.18 -13.30 -22.05
O1D HEC U . -19.19 -12.53 -22.19
O2D HEC U . -20.79 -13.80 -23.00
CA CA V . -11.91 -24.40 7.36
P PO4 W . -4.30 -23.72 4.26
O1 PO4 W . -5.48 -24.64 4.37
O2 PO4 W . -3.44 -24.29 3.21
O3 PO4 W . -4.85 -22.26 3.87
O4 PO4 W . -3.63 -23.74 5.61
FE HEC X . -38.12 30.92 -31.66
CHA HEC X . -38.57 29.46 -28.47
CHB HEC X . -35.56 28.79 -32.30
CHC HEC X . -38.30 32.00 -34.98
CHD HEC X . -40.14 33.48 -30.74
NA HEC X . -37.25 29.38 -30.57
C1A HEC X . -37.50 28.95 -29.33
C2A HEC X . -36.68 27.82 -28.82
C3A HEC X . -35.80 27.63 -29.97
C4A HEC X . -36.19 28.66 -30.97
CMA HEC X . -34.66 26.70 -30.14
CAA HEC X . -36.74 26.98 -27.53
CBA HEC X . -36.10 27.36 -26.20
CGA HEC X . -36.50 26.32 -25.14
O1A HEC X . -37.05 26.72 -24.10
O2A HEC X . -36.26 25.08 -25.32
NB HEC X . -37.10 30.50 -33.35
C1B HEC X . -36.06 29.64 -33.41
C2B HEC X . -35.53 29.49 -34.76
C3B HEC X . -36.36 30.43 -35.53
C4B HEC X . -37.29 31.01 -34.57
CMB HEC X . -34.39 28.61 -35.15
CAB HEC X . -36.28 30.80 -36.98
CBB HEC X . -36.62 29.60 -37.86
NC HEC X . -39.06 32.46 -32.70
C1C HEC X . -39.08 32.76 -34.00
C2C HEC X . -39.83 33.99 -34.36
C3C HEC X . -40.36 34.37 -33.06
C4C HEC X . -39.82 33.40 -32.13
CMC HEC X . -40.05 34.67 -35.68
CAC HEC X . -41.17 35.60 -32.78
CBC HEC X . -42.36 35.79 -33.65
ND HEC X . -39.14 31.35 -29.96
C1D HEC X . -39.89 32.46 -29.74
C2D HEC X . -40.55 32.59 -28.44
C3D HEC X . -40.06 31.38 -27.77
C4D HEC X . -39.26 30.71 -28.80
CMD HEC X . -41.41 33.75 -28.00
CAD HEC X . -40.25 30.77 -26.42
CBD HEC X . -41.14 31.48 -25.43
CGD HEC X . -42.49 30.76 -25.36
O1D HEC X . -43.04 30.73 -24.23
O2D HEC X . -43.01 30.22 -26.39
FE HEC Y . -29.72 27.66 -31.09
CHA HEC Y . -30.56 27.38 -27.68
CHB HEC Y . -32.24 30.02 -31.42
CHC HEC Y . -28.68 28.23 -34.33
CHD HEC Y . -27.58 25.03 -30.83
NA HEC Y . -31.09 28.48 -29.79
C1A HEC Y . -31.34 28.31 -28.47
C2A HEC Y . -32.41 29.16 -27.86
C3A HEC Y . -32.89 29.91 -28.99
C4A HEC Y . -32.04 29.44 -30.10
CMA HEC Y . -33.99 30.90 -28.95
CAA HEC Y . -32.97 29.28 -26.47
CBA HEC Y . -32.49 30.49 -25.62
CGA HEC Y . -33.32 30.84 -24.40
O1A HEC Y . -33.24 30.20 -23.32
O2A HEC Y . -34.11 31.85 -24.38
NB HEC Y . -30.35 28.91 -32.62
C1B HEC Y . -31.37 29.77 -32.58
C2B HEC Y . -31.54 30.51 -33.85
C3B HEC Y . -30.49 29.97 -34.69
C4B HEC Y . -29.82 28.97 -33.83
CMB HEC Y . -32.59 31.53 -34.19
CAB HEC Y . -30.16 30.28 -36.12
CBB HEC Y . -29.66 31.69 -36.43
NC HEC Y . -28.39 26.84 -32.38
C1C HEC Y . -28.04 27.15 -33.60
C2C HEC Y . -27.01 26.34 -34.25
C3C HEC Y . -26.69 25.41 -33.17
C4C HEC Y . -27.61 25.77 -32.10
CMC HEC Y . -26.44 26.46 -35.61
CAC HEC Y . -25.75 24.23 -33.21
CBC HEC Y . -24.33 24.50 -33.62
ND HEC Y . -29.19 26.40 -29.56
C1D HEC Y . -28.30 25.41 -29.63
C2D HEC Y . -28.10 24.72 -28.37
C3D HEC Y . -28.98 25.41 -27.46
C4D HEC Y . -29.60 26.45 -28.29
CMD HEC Y . -27.20 23.54 -28.15
CAD HEC Y . -29.28 25.27 -26.00
CBD HEC Y . -28.62 26.45 -25.24
CGD HEC Y . -27.12 26.69 -25.52
O1D HEC Y . -26.70 27.88 -25.69
O2D HEC Y . -26.35 25.70 -25.53
FE HEC Z . -17.75 24.57 -34.47
CHA HEC Z . -15.08 26.61 -34.56
CHB HEC Z . -17.51 24.47 -30.93
CHC HEC Z . -20.63 22.76 -34.25
CHD HEC Z . -17.70 24.21 -37.93
NA HEC Z . -16.53 25.37 -33.00
C1A HEC Z . -15.50 26.18 -33.22
C2A HEC Z . -14.72 26.57 -32.03
C3A HEC Z . -15.43 25.93 -30.95
C4A HEC Z . -16.52 25.22 -31.67
CMA HEC Z . -15.16 25.99 -29.49
CAA HEC Z . -13.52 27.43 -31.97
CBA HEC Z . -13.81 28.86 -32.25
CGA HEC Z . -12.49 29.56 -32.16
O1A HEC Z . -11.60 29.29 -33.02
O2A HEC Z . -12.32 30.36 -31.19
NB HEC Z . -18.85 23.73 -32.87
C1B HEC Z . -18.67 23.83 -31.54
C2B HEC Z . -19.71 23.19 -30.68
C3B HEC Z . -20.63 22.71 -31.70
C4B HEC Z . -20.02 23.11 -32.98
CMB HEC Z . -19.82 23.08 -29.19
CAB HEC Z . -21.89 21.98 -31.41
CBB HEC Z . -22.97 22.73 -30.65
NC HEC Z . -18.97 23.67 -35.85
C1C HEC Z . -20.09 22.96 -35.59
C2C HEC Z . -20.77 22.38 -36.72
C3C HEC Z . -19.88 22.81 -37.82
C4C HEC Z . -18.81 23.58 -37.19
CMC HEC Z . -22.00 21.53 -36.72
CAC HEC Z . -19.96 22.44 -39.27
CBC HEC Z . -21.24 22.71 -39.95
ND HEC Z . -16.61 25.33 -36.03
C1D HEC Z . -16.69 25.08 -37.34
C2D HEC Z . -15.68 25.83 -38.17
C3D HEC Z . -14.88 26.54 -37.14
C4D HEC Z . -15.56 26.14 -35.87
CMD HEC Z . -15.52 25.81 -39.67
CAD HEC Z . -13.71 27.46 -37.29
CBD HEC Z . -12.49 26.68 -37.72
CGD HEC Z . -12.18 25.64 -36.66
O1D HEC Z . -12.41 24.46 -36.94
O2D HEC Z . -11.74 26.03 -35.55
FE HEC AA . -19.98 14.34 -8.57
CHA HEC AA . -17.14 12.59 -9.46
CHB HEC AA . -21.57 11.49 -7.85
CHC HEC AA . -22.76 16.11 -7.34
CHD HEC AA . -18.58 17.22 -9.70
NA HEC AA . -19.46 12.36 -8.71
C1A HEC AA . -18.29 11.82 -9.04
C2A HEC AA . -18.34 10.36 -9.04
C3A HEC AA . -19.65 10.02 -8.52
C4A HEC AA . -20.23 11.34 -8.37
CMA HEC AA . -20.24 8.65 -8.22
CAA HEC AA . -17.26 9.39 -9.40
CBA HEC AA . -16.31 9.36 -8.23
CGA HEC AA . -17.01 8.77 -7.03
O1A HEC AA . -17.31 7.62 -7.05
O2A HEC AA . -17.26 9.53 -6.06
NB HEC AA . -21.80 13.90 -7.79
C1B HEC AA . -22.28 12.65 -7.54
C2B HEC AA . -23.57 12.54 -6.81
C3B HEC AA . -23.89 13.98 -6.67
C4B HEC AA . -22.76 14.67 -7.28
CMB HEC AA . -24.38 11.37 -6.44
CAB HEC AA . -25.07 14.63 -6.01
CBB HEC AA . -25.09 14.34 -4.49
NC HEC AA . -20.58 16.32 -8.55
C1C HEC AA . -21.72 16.86 -8.01
C2C HEC AA . -21.87 18.29 -8.22
C3C HEC AA . -20.63 18.59 -8.91
C4C HEC AA . -19.88 17.32 -9.04
CMC HEC AA . -22.97 19.22 -7.88
CAC HEC AA . -20.19 19.91 -9.51
CBC HEC AA . -19.87 21.04 -8.56
ND HEC AA . -18.16 14.80 -9.46
C1D HEC AA . -17.68 16.05 -9.77
C2D HEC AA . -16.30 16.08 -10.27
C3D HEC AA . -15.89 14.68 -10.22
C4D HEC AA . -17.08 14.01 -9.65
CMD HEC AA . -15.44 17.18 -10.74
CAD HEC AA . -14.53 14.13 -10.53
CBD HEC AA . -13.63 14.46 -9.34
CGD HEC AA . -13.72 13.55 -8.09
O1D HEC AA . -14.50 12.53 -8.12
O2D HEC AA . -12.89 13.89 -7.10
FE HEC BA . -13.57 21.92 -26.46
CHA HEC BA . -10.79 23.53 -27.43
CHB HEC BA . -14.59 21.48 -29.70
CHC HEC BA . -15.96 19.76 -25.38
CHD HEC BA . -13.06 22.94 -23.26
NA HEC BA . -12.82 22.42 -28.28
C1A HEC BA . -11.69 23.11 -28.51
C2A HEC BA . -11.48 23.42 -29.97
C3A HEC BA . -12.65 22.81 -30.63
C4A HEC BA . -13.38 22.26 -29.49
CMA HEC BA . -12.95 22.78 -32.13
CAA HEC BA . -10.33 24.19 -30.58
CBA HEC BA . -9.47 23.33 -31.42
CGA HEC BA . -8.75 22.37 -30.48
O1A HEC BA . -7.89 22.85 -29.78
O2A HEC BA . -9.11 21.20 -30.47
NB HEC BA . -15.02 20.77 -27.38
C1B HEC BA . -15.28 20.66 -28.69
C2B HEC BA . -16.36 19.72 -29.06
C3B HEC BA . -16.73 19.21 -27.73
C4B HEC BA . -15.88 19.95 -26.82
CMB HEC BA . -16.91 19.40 -30.42
CAB HEC BA . -17.73 18.15 -27.42
CBB HEC BA . -17.28 16.75 -27.67
NC HEC BA . -14.39 21.45 -24.65
C1C HEC BA . -15.33 20.56 -24.37
C2C HEC BA . -15.78 20.58 -22.99
C3C HEC BA . -14.91 21.53 -22.41
C4C HEC BA . -14.16 22.04 -23.51
CMC HEC BA . -16.81 19.76 -22.31
CAC HEC BA . -14.94 22.03 -20.99
CBC HEC BA . -14.91 21.09 -19.87
ND HEC BA . -12.11 23.01 -25.45
C1D HEC BA . -12.00 23.30 -24.16
C2D HEC BA . -10.83 24.10 -23.78
C3D HEC BA . -10.15 24.23 -25.06
C4D HEC BA . -11.04 23.53 -25.97
CMD HEC BA . -10.41 24.60 -22.44
CAD HEC BA . -8.90 24.91 -25.43
CBD HEC BA . -9.24 26.36 -25.76
CGD HEC BA . -7.99 27.20 -25.96
O1D HEC BA . -6.89 26.65 -26.26
O2D HEC BA . -8.10 28.45 -25.77
FE HEC CA . -13.48 16.66 -15.20
CHA HEC CA . -12.81 13.34 -14.50
CHB HEC CA . -10.11 17.19 -15.44
CHC HEC CA . -14.11 19.48 -16.76
CHD HEC CA . -16.68 16.33 -14.16
NA HEC CA . -11.80 15.48 -15.01
C1A HEC CA . -11.69 14.18 -14.80
C2A HEC CA . -10.36 13.65 -14.72
C3A HEC CA . -9.53 14.79 -15.02
C4A HEC CA . -10.54 15.88 -15.11
CMA HEC CA . -8.04 14.96 -15.11
CAA HEC CA . -9.86 12.27 -14.59
CBA HEC CA . -9.53 11.81 -16.08
CGA HEC CA . -9.59 10.26 -16.19
O1A HEC CA . -9.61 9.51 -17.29
O2A HEC CA . -9.56 9.58 -15.12
NB HEC CA . -12.24 18.13 -16.01
C1B HEC CA . -10.96 18.24 -16.01
C2B HEC CA . -10.38 19.47 -16.62
C3B HEC CA . -11.57 20.17 -17.02
C4B HEC CA . -12.68 19.25 -16.59
CMB HEC CA . -8.95 19.80 -16.73
CAB HEC CA . -11.51 21.51 -17.75
CBB HEC CA . -10.87 21.25 -19.09
NC HEC CA . -15.16 17.72 -15.46
C1C HEC CA . -15.26 18.86 -16.17
C2C HEC CA . -16.57 19.49 -16.16
C3C HEC CA . -17.32 18.56 -15.37
C4C HEC CA . -16.36 17.49 -14.96
CMC HEC CA . -16.95 20.80 -16.82
CAC HEC CA . -18.79 18.68 -15.03
CBC HEC CA . -19.71 18.66 -16.20
ND HEC CA . -14.58 15.13 -14.44
C1D HEC CA . -15.82 15.16 -14.01
C2D HEC CA . -16.37 13.88 -13.52
C3D HEC CA . -15.20 13.00 -13.63
C4D HEC CA . -14.16 13.85 -14.20
CMD HEC CA . -17.72 13.62 -12.96
CAD HEC CA . -15.14 11.57 -13.25
CBD HEC CA . -16.01 10.79 -14.23
CGD HEC CA . -16.21 9.36 -13.71
O1D HEC CA . -15.57 9.02 -12.69
O2D HEC CA . -17.06 8.68 -14.27
FE HEC DA . -4.63 18.98 -12.39
CHA HEC DA . -4.31 16.06 -10.92
CHB HEC DA . -8.00 18.80 -12.55
CHC HEC DA . -4.86 22.26 -13.20
CHD HEC DA . -1.38 18.96 -13.28
NA HEC DA . -6.03 17.67 -11.83
C1A HEC DA . -5.70 16.47 -11.33
C2A HEC DA . -6.88 15.67 -11.17
C3A HEC DA . -8.03 16.43 -11.61
C4A HEC DA . -7.34 17.65 -12.05
CMA HEC DA . -9.47 15.98 -11.69
CAA HEC DA . -6.91 14.30 -10.66
CBA HEC DA . -6.90 13.30 -11.81
CGA HEC DA . -5.60 13.16 -12.56
O1A HEC DA . -5.48 13.93 -13.57
O2A HEC DA . -4.71 12.33 -12.20
NB HEC DA . -6.16 20.31 -12.73
C1B HEC DA . -7.45 20.08 -12.73
C2B HEC DA . -8.33 21.28 -12.96
C3B HEC DA . -7.31 22.27 -13.17
C4B HEC DA . -6.07 21.59 -12.93
CMB HEC DA . -9.79 21.39 -12.94
CAB HEC DA . -7.56 23.74 -13.37
CBB HEC DA . -8.18 24.29 -12.07
NC HEC DA . -3.32 20.38 -13.15
C1C HEC DA . -3.56 21.65 -13.45
C2C HEC DA . -2.43 22.36 -14.11
C3C HEC DA . -1.39 21.35 -14.14
C4C HEC DA . -2.08 20.21 -13.53
CMC HEC DA . -2.41 23.76 -14.64
CAC HEC DA . 0.00 21.41 -14.79
CBC HEC DA . 0.83 22.45 -14.21
ND HEC DA . -3.06 17.72 -12.08
C1D HEC DA . -1.80 17.85 -12.47
C2D HEC DA . -0.87 16.78 -11.96
C3D HEC DA . -1.77 15.94 -11.22
C4D HEC DA . -3.06 16.63 -11.38
CMD HEC DA . 0.62 16.61 -12.15
CAD HEC DA . -1.48 14.66 -10.45
CBD HEC DA . -2.23 13.52 -10.93
CGD HEC DA . -1.61 13.20 -12.28
O1D HEC DA . -2.25 12.59 -13.06
O2D HEC DA . -0.50 13.40 -12.62
FE HEC EA . 5.49 23.61 -14.54
CHA HEC EA . 6.29 25.71 -11.88
CHB HEC EA . 6.66 20.92 -12.91
CHC HEC EA . 3.33 21.75 -16.44
CHD HEC EA . 5.47 26.13 -16.68
NA HEC EA . 6.41 23.37 -12.70
C1A HEC EA . 6.58 24.28 -11.71
C2A HEC EA . 7.18 23.72 -10.51
C3A HEC EA . 7.29 22.30 -10.84
C4A HEC EA . 6.81 22.19 -12.21
CMA HEC EA . 7.81 21.20 -9.96
CAA HEC EA . 7.40 24.43 -9.22
CBA HEC EA . 5.94 24.25 -8.70
CGA HEC EA . 5.48 25.01 -7.44
O1A HEC EA . 6.22 25.97 -7.00
O2A HEC EA . 4.38 24.69 -6.90
NB HEC EA . 5.02 21.66 -14.65
C1B HEC EA . 5.63 20.70 -13.96
C2B HEC EA . 5.10 19.41 -14.30
C3B HEC EA . 4.13 19.67 -15.30
C4B HEC EA . 4.14 21.10 -15.45
CMB HEC EA . 5.51 18.10 -13.74
CAB HEC EA . 3.23 18.69 -15.94
CBB HEC EA . 2.12 18.45 -14.92
NC HEC EA . 4.50 23.88 -16.32
C1C HEC EA . 3.67 23.06 -16.97
C2C HEC EA . 3.16 23.56 -18.28
C3C HEC EA . 3.82 24.88 -18.28
C4C HEC EA . 4.63 24.97 -17.07
CMC HEC EA . 2.22 22.94 -19.24
CAC HEC EA . 3.82 25.90 -19.41
CBC HEC EA . 2.58 25.88 -20.27
ND HEC EA . 5.84 25.62 -14.31
C1D HEC EA . 5.83 26.52 -15.31
C2D HEC EA . 6.08 27.91 -14.90
C3D HEC EA . 6.33 27.77 -13.47
C4D HEC EA . 6.11 26.32 -13.22
CMD HEC EA . 6.17 29.14 -15.72
CAD HEC EA . 6.63 28.84 -12.47
CBD HEC EA . 8.12 29.00 -12.20
CGD HEC EA . 8.70 29.76 -13.36
O1D HEC EA . 9.41 29.10 -14.14
O2D HEC EA . 8.44 30.99 -13.48
CA CA FA . -19.61 20.20 -0.08
P PO4 GA . -19.11 14.21 -5.45
O1 PO4 GA . -19.98 13.01 -5.29
O2 PO4 GA . -19.23 14.78 -6.88
O3 PO4 GA . -19.62 15.24 -4.41
O4 PO4 GA . -17.65 13.83 -5.07
#